data_2B7V
#
_entry.id   2B7V
#
_entity_poly.entity_id   1
_entity_poly.type   'polypeptide(L)'
_entity_poly.pdbx_seq_one_letter_code
;PSGKNPVMILNELRPGLKYDFLSESGESHAKSFVMSVVVDGQFFEGSGRNKKLAKARAAQSALATVFNLHL
;
_entity_poly.pdbx_strand_id   A
#
# COMPACT_ATOMS: atom_id res chain seq x y z
N PRO A 1 9.61 2.26 -7.14
CA PRO A 1 10.42 1.89 -5.95
C PRO A 1 11.93 1.91 -6.25
N SER A 2 12.76 2.00 -5.20
CA SER A 2 14.23 1.87 -5.24
C SER A 2 14.79 1.48 -3.86
N GLY A 3 15.98 0.87 -3.84
CA GLY A 3 16.69 0.44 -2.61
C GLY A 3 16.13 -0.85 -1.97
N LYS A 4 14.80 -0.93 -1.83
CA LYS A 4 14.03 -2.08 -1.30
C LYS A 4 12.73 -2.28 -2.08
N ASN A 5 12.04 -3.39 -1.83
CA ASN A 5 10.60 -3.53 -2.11
C ASN A 5 9.82 -2.39 -1.41
N PRO A 6 8.80 -1.77 -2.05
CA PRO A 6 8.12 -0.60 -1.51
C PRO A 6 7.37 -0.82 -0.20
N VAL A 7 6.87 -2.05 0.03
CA VAL A 7 6.24 -2.40 1.31
C VAL A 7 7.20 -2.11 2.43
N MET A 8 8.42 -2.62 2.32
CA MET A 8 9.50 -2.45 3.29
C MET A 8 9.83 -0.98 3.61
N ILE A 9 9.92 -0.10 2.62
CA ILE A 9 10.04 1.36 2.82
C ILE A 9 8.88 1.93 3.62
N LEU A 10 7.65 1.75 3.15
CA LEU A 10 6.45 2.24 3.85
C LEU A 10 6.37 1.72 5.29
N ASN A 11 6.76 0.46 5.46
CA ASN A 11 7.01 -0.19 6.74
C ASN A 11 8.03 0.58 7.60
N GLU A 12 9.27 0.76 7.13
CA GLU A 12 10.31 1.50 7.86
C GLU A 12 9.89 2.93 8.23
N LEU A 13 9.50 3.73 7.24
CA LEU A 13 8.93 5.08 7.34
C LEU A 13 7.66 5.25 8.20
N ARG A 14 6.79 4.23 8.34
CA ARG A 14 5.42 4.26 8.92
C ARG A 14 4.95 5.57 9.62
N PRO A 15 4.60 6.65 8.89
CA PRO A 15 4.47 7.98 9.49
C PRO A 15 3.46 8.11 10.65
N GLY A 16 2.36 7.36 10.56
CA GLY A 16 1.35 7.22 11.61
C GLY A 16 0.19 6.32 11.17
N LEU A 17 0.46 5.35 10.28
CA LEU A 17 -0.55 4.67 9.48
C LEU A 17 -1.05 3.34 10.05
N LYS A 18 -2.18 2.89 9.52
CA LYS A 18 -2.80 1.58 9.79
C LYS A 18 -3.27 0.89 8.52
N TYR A 19 -3.07 -0.43 8.49
CA TYR A 19 -3.40 -1.29 7.36
C TYR A 19 -4.67 -2.11 7.61
N ASP A 20 -5.52 -2.15 6.60
CA ASP A 20 -6.63 -3.09 6.47
C ASP A 20 -6.27 -4.17 5.42
N PHE A 21 -6.55 -5.43 5.76
CA PHE A 21 -6.40 -6.55 4.83
C PHE A 21 -7.80 -6.97 4.34
N LEU A 22 -7.96 -6.89 3.02
CA LEU A 22 -9.16 -7.14 2.23
C LEU A 22 -8.79 -8.21 1.20
N SER A 23 -9.61 -9.21 0.98
CA SER A 23 -9.60 -9.91 -0.31
C SER A 23 -10.47 -9.16 -1.31
N GLU A 24 -10.26 -9.41 -2.61
CA GLU A 24 -11.22 -9.17 -3.71
C GLU A 24 -11.00 -7.88 -4.50
N SER A 25 -10.04 -7.95 -5.43
CA SER A 25 -10.06 -7.19 -6.68
C SER A 25 -10.03 -8.12 -7.93
N GLY A 26 -10.10 -9.45 -7.71
CA GLY A 26 -10.09 -10.50 -8.74
C GLY A 26 -8.93 -10.40 -9.76
N GLU A 27 -9.03 -11.00 -10.93
CA GLU A 27 -10.03 -11.98 -11.39
C GLU A 27 -10.08 -13.26 -10.54
N SER A 28 -11.16 -14.04 -10.66
CA SER A 28 -11.44 -15.25 -9.86
C SER A 28 -10.54 -16.47 -10.17
N HIS A 29 -9.37 -16.28 -10.79
CA HIS A 29 -8.58 -17.34 -11.44
C HIS A 29 -7.10 -17.36 -11.03
N ALA A 30 -6.47 -16.19 -10.86
CA ALA A 30 -5.13 -16.04 -10.27
C ALA A 30 -5.07 -14.95 -9.17
N LYS A 31 -6.17 -14.19 -8.97
CA LYS A 31 -6.63 -13.55 -7.72
C LYS A 31 -5.99 -12.19 -7.44
N SER A 32 -6.74 -11.31 -6.77
CA SER A 32 -6.18 -10.14 -6.08
C SER A 32 -6.67 -10.02 -4.64
N PHE A 33 -5.68 -9.75 -3.81
CA PHE A 33 -5.72 -9.45 -2.40
C PHE A 33 -5.50 -7.95 -2.33
N VAL A 34 -6.30 -7.30 -1.51
CA VAL A 34 -6.43 -5.85 -1.47
C VAL A 34 -5.94 -5.32 -0.13
N MET A 35 -5.08 -4.32 -0.18
CA MET A 35 -4.55 -3.64 1.00
C MET A 35 -5.00 -2.20 1.03
N SER A 36 -5.65 -1.80 2.13
CA SER A 36 -6.03 -0.42 2.41
C SER A 36 -5.11 0.17 3.48
N VAL A 37 -4.66 1.40 3.28
CA VAL A 37 -4.00 2.19 4.32
C VAL A 37 -4.70 3.51 4.60
N VAL A 38 -4.85 3.83 5.89
CA VAL A 38 -5.14 5.20 6.33
C VAL A 38 -3.84 5.78 6.91
N VAL A 39 -3.44 6.97 6.46
CA VAL A 39 -2.21 7.67 6.89
C VAL A 39 -2.51 9.10 7.36
N ASP A 40 -2.10 10.16 6.65
CA ASP A 40 -2.12 11.57 7.13
C ASP A 40 -3.50 12.26 7.01
N GLY A 41 -4.56 11.56 7.41
CA GLY A 41 -5.96 11.92 7.12
C GLY A 41 -6.38 11.50 5.71
N GLN A 42 -5.57 10.64 5.08
CA GLN A 42 -5.65 10.21 3.68
C GLN A 42 -5.86 8.69 3.61
N PHE A 43 -6.50 8.22 2.53
CA PHE A 43 -6.88 6.81 2.36
C PHE A 43 -6.51 6.29 0.97
N PHE A 44 -5.92 5.09 0.92
CA PHE A 44 -5.50 4.40 -0.30
C PHE A 44 -5.90 2.92 -0.28
N GLU A 45 -6.06 2.32 -1.47
CA GLU A 45 -6.35 0.90 -1.71
C GLU A 45 -5.43 0.39 -2.83
N GLY A 46 -4.83 -0.79 -2.63
CA GLY A 46 -3.87 -1.40 -3.54
C GLY A 46 -4.15 -2.87 -3.77
N SER A 47 -4.36 -3.27 -5.02
CA SER A 47 -4.79 -4.62 -5.42
C SER A 47 -3.63 -5.41 -6.02
N GLY A 48 -3.23 -6.48 -5.33
CA GLY A 48 -2.08 -7.31 -5.69
C GLY A 48 -2.30 -8.83 -5.60
N ARG A 49 -1.68 -9.62 -6.49
CA ARG A 49 -1.66 -11.10 -6.44
C ARG A 49 -1.35 -11.72 -5.06
N ASN A 50 -0.65 -11.01 -4.15
CA ASN A 50 -0.67 -11.21 -2.70
C ASN A 50 -0.22 -9.92 -1.98
N LYS A 51 -0.19 -9.85 -0.65
CA LYS A 51 0.26 -8.70 0.19
C LYS A 51 1.63 -8.13 -0.20
N LYS A 52 2.60 -8.95 -0.62
CA LYS A 52 3.89 -8.48 -1.21
C LYS A 52 3.76 -7.55 -2.44
N LEU A 53 2.55 -7.47 -3.01
CA LEU A 53 2.20 -6.67 -4.16
C LEU A 53 1.00 -5.74 -3.85
N ALA A 54 -0.04 -6.23 -3.15
CA ALA A 54 -1.16 -5.42 -2.65
C ALA A 54 -0.68 -4.25 -1.79
N LYS A 55 0.11 -4.58 -0.75
CA LYS A 55 0.87 -3.59 0.04
C LYS A 55 1.77 -2.75 -0.85
N ALA A 56 2.49 -3.29 -1.84
CA ALA A 56 3.35 -2.53 -2.74
C ALA A 56 2.62 -1.38 -3.45
N ARG A 57 1.48 -1.69 -4.08
CA ARG A 57 0.49 -0.79 -4.71
C ARG A 57 -0.04 0.27 -3.73
N ALA A 58 -0.59 -0.16 -2.60
CA ALA A 58 -1.05 0.70 -1.50
C ALA A 58 0.05 1.65 -0.99
N ALA A 59 1.21 1.08 -0.63
CA ALA A 59 2.44 1.77 -0.31
C ALA A 59 2.82 2.79 -1.38
N GLN A 60 2.96 2.40 -2.64
CA GLN A 60 3.34 3.25 -3.76
C GLN A 60 2.44 4.49 -3.90
N SER A 61 1.11 4.29 -3.84
CA SER A 61 0.11 5.36 -3.78
C SER A 61 0.34 6.34 -2.61
N ALA A 62 0.36 5.78 -1.39
CA ALA A 62 0.61 6.52 -0.16
C ALA A 62 1.93 7.30 -0.21
N LEU A 63 3.06 6.60 -0.43
CA LEU A 63 4.42 7.11 -0.65
C LEU A 63 4.39 8.34 -1.55
N ALA A 64 3.88 8.23 -2.77
CA ALA A 64 3.80 9.37 -3.69
C ALA A 64 3.07 10.56 -3.04
N THR A 65 1.83 10.36 -2.57
CA THR A 65 1.09 11.42 -1.86
C THR A 65 1.85 12.00 -0.64
N VAL A 66 2.00 11.24 0.44
CA VAL A 66 2.61 11.71 1.70
C VAL A 66 4.01 12.29 1.51
N PHE A 67 4.88 11.70 0.70
CA PHE A 67 6.16 12.31 0.33
C PHE A 67 6.02 13.67 -0.38
N ASN A 68 5.06 13.86 -1.31
CA ASN A 68 4.64 15.21 -1.73
C ASN A 68 4.19 16.14 -0.59
N LEU A 69 3.54 15.62 0.46
CA LEU A 69 3.26 16.36 1.71
C LEU A 69 4.52 16.59 2.57
N HIS A 70 5.59 15.83 2.29
CA HIS A 70 6.86 15.79 3.02
C HIS A 70 6.71 15.20 4.43
N LEU A 71 5.88 14.14 4.53
CA LEU A 71 5.36 13.55 5.77
C LEU A 71 5.63 12.03 5.82
N PRO A 1 21.64 -2.34 -2.05
CA PRO A 1 20.46 -2.06 -1.20
C PRO A 1 19.84 -3.34 -0.62
N SER A 2 19.10 -3.22 0.49
CA SER A 2 18.59 -4.29 1.38
C SER A 2 17.50 -5.22 0.79
N GLY A 3 17.48 -5.45 -0.53
CA GLY A 3 16.34 -6.05 -1.25
C GLY A 3 15.08 -5.16 -1.23
N LYS A 4 15.29 -3.86 -0.96
CA LYS A 4 14.27 -2.85 -0.65
C LYS A 4 13.23 -2.68 -1.76
N ASN A 5 11.96 -2.66 -1.37
CA ASN A 5 10.77 -2.52 -2.22
C ASN A 5 9.83 -1.46 -1.61
N PRO A 6 8.70 -1.08 -2.24
CA PRO A 6 7.88 0.02 -1.72
C PRO A 6 7.25 -0.28 -0.36
N VAL A 7 6.80 -1.52 -0.13
CA VAL A 7 6.31 -1.95 1.19
C VAL A 7 7.39 -1.70 2.22
N MET A 8 8.61 -2.13 1.94
CA MET A 8 9.75 -1.97 2.82
C MET A 8 10.04 -0.52 3.23
N ILE A 9 10.05 0.45 2.30
CA ILE A 9 10.11 1.89 2.62
C ILE A 9 8.97 2.30 3.56
N LEU A 10 7.73 2.04 3.16
CA LEU A 10 6.53 2.37 3.93
C LEU A 10 6.56 1.78 5.34
N ASN A 11 6.98 0.53 5.41
CA ASN A 11 7.26 -0.24 6.63
C ASN A 11 8.29 0.44 7.53
N GLU A 12 9.47 0.70 6.98
CA GLU A 12 10.59 1.39 7.61
C GLU A 12 10.20 2.78 8.14
N LEU A 13 9.64 3.65 7.29
CA LEU A 13 9.07 4.94 7.67
C LEU A 13 7.96 4.89 8.73
N ARG A 14 7.08 3.87 8.70
CA ARG A 14 5.81 3.74 9.47
C ARG A 14 5.19 5.08 9.93
N PRO A 15 4.72 5.96 9.01
CA PRO A 15 4.25 7.31 9.31
C PRO A 15 2.84 7.34 9.97
N GLY A 16 2.69 6.65 11.10
CA GLY A 16 1.50 6.66 11.95
C GLY A 16 0.22 6.12 11.30
N LEU A 17 0.33 5.26 10.28
CA LEU A 17 -0.79 4.79 9.47
C LEU A 17 -1.42 3.50 10.01
N LYS A 18 -2.54 3.10 9.41
CA LYS A 18 -3.16 1.79 9.63
C LYS A 18 -3.54 1.12 8.32
N TYR A 19 -3.21 -0.17 8.23
CA TYR A 19 -3.53 -1.06 7.13
C TYR A 19 -4.68 -1.98 7.52
N ASP A 20 -5.61 -2.12 6.60
CA ASP A 20 -6.81 -2.94 6.68
C ASP A 20 -6.85 -3.93 5.49
N PHE A 21 -7.18 -5.19 5.77
CA PHE A 21 -7.03 -6.31 4.83
C PHE A 21 -8.38 -6.73 4.23
N LEU A 22 -8.37 -6.84 2.91
CA LEU A 22 -9.46 -7.06 1.98
C LEU A 22 -9.03 -8.12 0.96
N SER A 23 -10.02 -8.77 0.35
CA SER A 23 -9.85 -9.72 -0.75
C SER A 23 -10.72 -9.34 -1.95
N GLU A 24 -10.16 -9.50 -3.16
CA GLU A 24 -10.82 -9.51 -4.46
C GLU A 24 -11.04 -8.12 -5.11
N SER A 25 -9.97 -7.57 -5.68
CA SER A 25 -10.03 -6.41 -6.59
C SER A 25 -10.80 -6.60 -7.93
N GLY A 26 -10.94 -7.75 -8.59
CA GLY A 26 -10.35 -9.08 -8.37
C GLY A 26 -9.04 -9.36 -9.13
N GLU A 27 -8.50 -8.37 -9.85
CA GLU A 27 -7.31 -8.54 -10.73
C GLU A 27 -7.47 -9.79 -11.61
N SER A 28 -8.63 -9.84 -12.27
CA SER A 28 -9.39 -11.01 -12.73
C SER A 28 -8.73 -11.93 -13.76
N HIS A 29 -7.44 -11.76 -14.04
CA HIS A 29 -6.59 -12.82 -14.60
C HIS A 29 -6.55 -14.05 -13.67
N ALA A 30 -6.65 -13.86 -12.34
CA ALA A 30 -6.99 -14.94 -11.40
C ALA A 30 -7.53 -14.43 -10.06
N LYS A 31 -6.74 -13.63 -9.33
CA LYS A 31 -6.99 -13.29 -7.92
C LYS A 31 -6.14 -12.10 -7.45
N SER A 32 -6.72 -11.29 -6.57
CA SER A 32 -6.11 -10.16 -5.89
C SER A 32 -6.47 -10.17 -4.41
N PHE A 33 -5.48 -9.88 -3.58
CA PHE A 33 -5.66 -9.57 -2.17
C PHE A 33 -5.46 -8.06 -2.11
N VAL A 34 -6.34 -7.41 -1.37
CA VAL A 34 -6.46 -5.95 -1.39
C VAL A 34 -6.07 -5.40 -0.02
N MET A 35 -5.19 -4.41 -0.04
CA MET A 35 -4.75 -3.72 1.17
C MET A 35 -5.15 -2.26 1.11
N SER A 36 -5.96 -1.86 2.07
CA SER A 36 -6.45 -0.49 2.25
C SER A 36 -5.71 0.18 3.40
N VAL A 37 -5.34 1.44 3.23
CA VAL A 37 -4.58 2.21 4.24
C VAL A 37 -5.18 3.59 4.46
N VAL A 38 -5.28 3.97 5.74
CA VAL A 38 -5.44 5.38 6.12
C VAL A 38 -4.10 5.88 6.67
N VAL A 39 -3.62 6.99 6.10
CA VAL A 39 -2.36 7.67 6.46
C VAL A 39 -2.57 9.18 6.38
N ASP A 40 -1.98 9.96 7.30
CA ASP A 40 -2.17 11.42 7.46
C ASP A 40 -3.66 11.83 7.68
N GLY A 41 -4.42 11.91 6.59
CA GLY A 41 -5.85 12.16 6.49
C GLY A 41 -6.39 11.70 5.12
N GLN A 42 -5.68 10.75 4.51
CA GLN A 42 -5.82 10.26 3.14
C GLN A 42 -6.04 8.74 3.16
N PHE A 43 -6.65 8.22 2.11
CA PHE A 43 -7.04 6.81 2.00
C PHE A 43 -6.64 6.22 0.64
N PHE A 44 -6.10 5.00 0.64
CA PHE A 44 -5.67 4.28 -0.56
C PHE A 44 -6.13 2.82 -0.53
N GLU A 45 -6.17 2.22 -1.72
CA GLU A 45 -6.43 0.79 -1.96
C GLU A 45 -5.36 0.26 -2.91
N GLY A 46 -4.75 -0.85 -2.53
CA GLY A 46 -3.70 -1.52 -3.29
C GLY A 46 -4.06 -2.97 -3.52
N SER A 47 -4.21 -3.35 -4.79
CA SER A 47 -4.68 -4.67 -5.22
C SER A 47 -3.49 -5.49 -5.72
N GLY A 48 -3.18 -6.58 -5.05
CA GLY A 48 -2.07 -7.44 -5.43
C GLY A 48 -2.31 -8.93 -5.25
N ARG A 49 -1.91 -9.72 -6.25
CA ARG A 49 -1.86 -11.20 -6.21
C ARG A 49 -1.35 -11.84 -4.90
N ASN A 50 -0.57 -11.12 -4.08
CA ASN A 50 -0.56 -11.25 -2.60
C ASN A 50 -0.10 -9.93 -1.93
N LYS A 51 0.02 -9.85 -0.59
CA LYS A 51 0.49 -8.68 0.20
C LYS A 51 1.80 -8.06 -0.29
N LYS A 52 2.76 -8.87 -0.76
CA LYS A 52 4.00 -8.40 -1.43
C LYS A 52 3.78 -7.49 -2.66
N LEU A 53 2.54 -7.45 -3.17
CA LEU A 53 2.09 -6.66 -4.29
C LEU A 53 0.94 -5.72 -3.85
N ALA A 54 -0.05 -6.20 -3.09
CA ALA A 54 -1.15 -5.42 -2.54
C ALA A 54 -0.66 -4.23 -1.70
N LYS A 55 0.15 -4.54 -0.67
CA LYS A 55 0.92 -3.54 0.07
C LYS A 55 1.78 -2.71 -0.86
N ALA A 56 2.49 -3.27 -1.84
CA ALA A 56 3.33 -2.48 -2.76
C ALA A 56 2.53 -1.38 -3.48
N ARG A 57 1.41 -1.74 -4.08
CA ARG A 57 0.43 -0.86 -4.75
C ARG A 57 -0.04 0.26 -3.82
N ALA A 58 -0.63 -0.12 -2.68
CA ALA A 58 -1.05 0.81 -1.62
C ALA A 58 0.08 1.71 -1.12
N ALA A 59 1.20 1.10 -0.70
CA ALA A 59 2.44 1.73 -0.28
C ALA A 59 2.95 2.74 -1.31
N GLN A 60 3.18 2.39 -2.58
CA GLN A 60 3.61 3.33 -3.61
C GLN A 60 2.65 4.52 -3.73
N SER A 61 1.34 4.26 -3.78
CA SER A 61 0.30 5.31 -3.82
C SER A 61 0.43 6.28 -2.64
N ALA A 62 0.46 5.73 -1.42
CA ALA A 62 0.70 6.44 -0.17
C ALA A 62 2.03 7.21 -0.22
N LEU A 63 3.18 6.54 -0.44
CA LEU A 63 4.54 7.07 -0.55
C LEU A 63 4.56 8.32 -1.41
N ALA A 64 4.21 8.19 -2.69
CA ALA A 64 4.19 9.31 -3.63
C ALA A 64 3.33 10.46 -3.10
N THR A 65 2.09 10.16 -2.67
CA THR A 65 1.21 11.16 -2.05
C THR A 65 1.84 11.86 -0.85
N VAL A 66 1.99 11.16 0.28
CA VAL A 66 2.53 11.70 1.53
C VAL A 66 3.89 12.35 1.40
N PHE A 67 4.84 11.74 0.69
CA PHE A 67 6.11 12.39 0.35
C PHE A 67 5.95 13.73 -0.39
N ASN A 68 5.12 13.82 -1.44
CA ASN A 68 4.73 15.10 -2.06
C ASN A 68 4.09 16.11 -1.07
N LEU A 69 3.30 15.62 -0.12
CA LEU A 69 2.75 16.41 0.99
C LEU A 69 3.86 16.93 1.92
N HIS A 70 4.87 16.07 2.14
CA HIS A 70 6.14 16.23 2.88
C HIS A 70 6.06 15.62 4.30
N LEU A 71 5.46 14.43 4.39
CA LEU A 71 5.41 13.54 5.57
C LEU A 71 6.12 12.21 5.27
N PRO A 1 14.84 4.12 2.90
CA PRO A 1 16.10 4.46 3.59
C PRO A 1 17.05 3.25 3.77
N SER A 2 16.73 2.29 4.66
CA SER A 2 17.54 1.09 4.89
C SER A 2 17.33 -0.04 3.86
N GLY A 3 16.34 0.08 2.97
CA GLY A 3 16.07 -0.86 1.87
C GLY A 3 15.38 -0.25 0.66
N LYS A 4 14.99 -1.10 -0.31
CA LYS A 4 14.64 -0.72 -1.69
C LYS A 4 13.45 -1.50 -2.30
N ASN A 5 12.52 -1.95 -1.45
CA ASN A 5 11.22 -2.54 -1.80
C ASN A 5 10.10 -1.64 -1.26
N PRO A 6 8.98 -1.42 -1.98
CA PRO A 6 8.04 -0.38 -1.59
C PRO A 6 7.27 -0.70 -0.30
N VAL A 7 6.85 -1.96 -0.10
CA VAL A 7 6.26 -2.40 1.17
C VAL A 7 7.24 -2.06 2.31
N MET A 8 8.48 -2.51 2.14
CA MET A 8 9.57 -2.32 3.08
C MET A 8 9.89 -0.87 3.47
N ILE A 9 10.10 0.03 2.52
CA ILE A 9 10.25 1.47 2.82
C ILE A 9 9.03 2.05 3.54
N LEU A 10 7.80 1.81 3.06
CA LEU A 10 6.60 2.24 3.78
C LEU A 10 6.52 1.72 5.22
N ASN A 11 6.89 0.46 5.41
CA ASN A 11 7.08 -0.20 6.70
C ASN A 11 8.07 0.57 7.60
N GLU A 12 9.30 0.81 7.14
CA GLU A 12 10.29 1.62 7.86
C GLU A 12 9.84 3.06 8.20
N LEU A 13 9.52 3.85 7.18
CA LEU A 13 8.99 5.22 7.29
C LEU A 13 7.72 5.39 8.14
N ARG A 14 6.83 4.39 8.14
CA ARG A 14 5.48 4.32 8.79
C ARG A 14 4.85 5.63 9.29
N PRO A 15 4.45 6.59 8.42
CA PRO A 15 3.91 7.93 8.76
C PRO A 15 2.60 8.02 9.60
N GLY A 16 2.42 7.20 10.64
CA GLY A 16 1.25 7.21 11.53
C GLY A 16 0.05 6.42 10.99
N LEU A 17 0.30 5.34 10.25
CA LEU A 17 -0.69 4.64 9.44
C LEU A 17 -1.21 3.32 10.03
N LYS A 18 -2.30 2.83 9.42
CA LYS A 18 -2.94 1.53 9.69
C LYS A 18 -3.30 0.82 8.40
N TYR A 19 -3.08 -0.50 8.39
CA TYR A 19 -3.36 -1.38 7.26
C TYR A 19 -4.62 -2.22 7.51
N ASP A 20 -5.45 -2.28 6.48
CA ASP A 20 -6.71 -3.02 6.40
C ASP A 20 -6.61 -4.07 5.28
N PHE A 21 -7.07 -5.30 5.55
CA PHE A 21 -6.96 -6.45 4.65
C PHE A 21 -8.31 -6.83 4.04
N LEU A 22 -8.32 -6.86 2.71
CA LEU A 22 -9.43 -7.04 1.80
C LEU A 22 -8.96 -8.11 0.78
N SER A 23 -9.89 -8.64 -0.01
CA SER A 23 -9.53 -9.30 -1.28
C SER A 23 -10.52 -9.02 -2.40
N GLU A 24 -10.09 -9.42 -3.59
CA GLU A 24 -10.87 -10.02 -4.69
C GLU A 24 -10.78 -9.24 -6.02
N SER A 25 -9.91 -8.24 -6.04
CA SER A 25 -9.50 -7.35 -7.14
C SER A 25 -8.80 -8.06 -8.34
N GLY A 26 -9.19 -9.29 -8.66
CA GLY A 26 -8.53 -10.19 -9.62
C GLY A 26 -9.47 -10.71 -10.72
N GLU A 27 -8.89 -11.35 -11.73
CA GLU A 27 -9.60 -11.89 -12.90
C GLU A 27 -10.50 -13.11 -12.56
N SER A 28 -11.34 -13.53 -13.51
CA SER A 28 -12.00 -14.85 -13.55
C SER A 28 -11.01 -16.02 -13.85
N HIS A 29 -9.82 -15.96 -13.25
CA HIS A 29 -8.66 -16.84 -13.51
C HIS A 29 -7.72 -16.96 -12.29
N ALA A 30 -7.47 -15.87 -11.56
CA ALA A 30 -6.54 -15.84 -10.41
C ALA A 30 -6.87 -14.72 -9.40
N LYS A 31 -6.47 -14.94 -8.14
CA LYS A 31 -6.71 -14.03 -7.00
C LYS A 31 -6.02 -12.67 -7.12
N SER A 32 -6.58 -11.72 -6.38
CA SER A 32 -5.87 -10.54 -5.86
C SER A 32 -6.25 -10.34 -4.40
N PHE A 33 -5.28 -10.05 -3.55
CA PHE A 33 -5.52 -9.63 -2.18
C PHE A 33 -5.42 -8.10 -2.23
N VAL A 34 -6.36 -7.42 -1.56
CA VAL A 34 -6.31 -5.96 -1.46
C VAL A 34 -5.93 -5.49 -0.07
N MET A 35 -5.04 -4.52 -0.06
CA MET A 35 -4.47 -3.94 1.17
C MET A 35 -4.68 -2.45 1.14
N SER A 36 -5.46 -1.94 2.08
CA SER A 36 -5.89 -0.56 2.11
C SER A 36 -5.30 0.14 3.34
N VAL A 37 -4.77 1.36 3.18
CA VAL A 37 -4.07 2.11 4.24
C VAL A 37 -4.73 3.44 4.53
N VAL A 38 -4.87 3.76 5.82
CA VAL A 38 -5.20 5.11 6.28
C VAL A 38 -3.92 5.71 6.85
N VAL A 39 -3.54 6.88 6.35
CA VAL A 39 -2.32 7.65 6.70
C VAL A 39 -2.64 9.14 6.62
N ASP A 40 -2.03 9.98 7.49
CA ASP A 40 -2.16 11.46 7.52
C ASP A 40 -3.58 12.04 7.79
N GLY A 41 -4.64 11.29 7.49
CA GLY A 41 -6.04 11.74 7.43
C GLY A 41 -6.76 11.31 6.13
N GLN A 42 -6.10 10.52 5.27
CA GLN A 42 -6.53 10.11 3.94
C GLN A 42 -6.29 8.61 3.69
N PHE A 43 -6.91 8.06 2.64
CA PHE A 43 -7.09 6.62 2.45
C PHE A 43 -6.76 6.17 1.01
N PHE A 44 -6.06 5.04 0.91
CA PHE A 44 -5.57 4.43 -0.35
C PHE A 44 -5.83 2.92 -0.36
N GLU A 45 -6.02 2.33 -1.54
CA GLU A 45 -6.41 0.91 -1.72
C GLU A 45 -5.51 0.24 -2.77
N GLY A 46 -4.66 -0.68 -2.31
CA GLY A 46 -3.61 -1.35 -3.09
C GLY A 46 -3.99 -2.78 -3.43
N SER A 47 -4.29 -3.08 -4.70
CA SER A 47 -4.83 -4.39 -5.12
C SER A 47 -3.80 -5.22 -5.90
N GLY A 48 -3.25 -6.24 -5.24
CA GLY A 48 -2.15 -7.07 -5.73
C GLY A 48 -2.29 -8.57 -5.42
N ARG A 49 -2.00 -9.48 -6.37
CA ARG A 49 -1.94 -10.96 -6.22
C ARG A 49 -1.93 -11.51 -4.78
N ASN A 50 -0.92 -11.11 -3.98
CA ASN A 50 -0.82 -11.34 -2.53
C ASN A 50 -0.31 -10.04 -1.83
N LYS A 51 -0.20 -10.00 -0.49
CA LYS A 51 0.25 -8.80 0.28
C LYS A 51 1.51 -8.14 -0.30
N LYS A 52 2.54 -8.90 -0.64
CA LYS A 52 3.79 -8.43 -1.29
C LYS A 52 3.59 -7.55 -2.53
N LEU A 53 2.43 -7.65 -3.20
CA LEU A 53 2.04 -6.83 -4.34
C LEU A 53 0.92 -5.84 -3.96
N ALA A 54 -0.05 -6.27 -3.15
CA ALA A 54 -1.12 -5.42 -2.60
C ALA A 54 -0.56 -4.21 -1.82
N LYS A 55 0.27 -4.47 -0.81
CA LYS A 55 1.13 -3.49 -0.14
C LYS A 55 2.04 -2.74 -1.11
N ALA A 56 2.59 -3.33 -2.17
CA ALA A 56 3.42 -2.57 -3.12
C ALA A 56 2.66 -1.36 -3.67
N ARG A 57 1.48 -1.60 -4.24
CA ARG A 57 0.47 -0.62 -4.65
C ARG A 57 0.02 0.33 -3.52
N ALA A 58 -0.41 -0.22 -2.37
CA ALA A 58 -0.83 0.56 -1.19
C ALA A 58 0.27 1.53 -0.72
N ALA A 59 1.46 0.97 -0.43
CA ALA A 59 2.69 1.71 -0.24
C ALA A 59 2.94 2.76 -1.32
N GLN A 60 3.04 2.40 -2.60
CA GLN A 60 3.32 3.30 -3.71
C GLN A 60 2.40 4.53 -3.74
N SER A 61 1.09 4.30 -3.60
CA SER A 61 0.06 5.35 -3.45
C SER A 61 0.35 6.31 -2.29
N ALA A 62 0.44 5.74 -1.08
CA ALA A 62 0.77 6.46 0.15
C ALA A 62 2.10 7.22 0.02
N LEU A 63 3.21 6.55 -0.30
CA LEU A 63 4.55 7.08 -0.56
C LEU A 63 4.49 8.34 -1.41
N ALA A 64 4.02 8.23 -2.66
CA ALA A 64 3.95 9.38 -3.56
C ALA A 64 3.17 10.54 -2.93
N THR A 65 1.97 10.26 -2.40
CA THR A 65 1.16 11.24 -1.67
C THR A 65 1.87 11.88 -0.47
N VAL A 66 2.07 11.15 0.63
CA VAL A 66 2.67 11.64 1.87
C VAL A 66 4.05 12.27 1.69
N PHE A 67 4.93 11.69 0.88
CA PHE A 67 6.20 12.33 0.49
C PHE A 67 6.00 13.70 -0.19
N ASN A 68 5.07 13.81 -1.16
CA ASN A 68 4.65 15.10 -1.70
C ASN A 68 4.14 16.10 -0.63
N LEU A 69 3.48 15.63 0.44
CA LEU A 69 3.20 16.46 1.63
C LEU A 69 4.52 16.90 2.31
N HIS A 70 5.34 15.94 2.74
CA HIS A 70 6.75 16.11 3.12
C HIS A 70 7.52 14.78 3.32
N LEU A 71 6.88 13.80 3.98
CA LEU A 71 7.44 12.49 4.40
C LEU A 71 6.33 11.55 4.92
N PRO A 1 18.19 -4.24 -5.05
CA PRO A 1 19.61 -3.99 -5.36
C PRO A 1 19.85 -2.58 -5.93
N SER A 2 20.82 -1.84 -5.37
CA SER A 2 20.94 -0.36 -5.50
C SER A 2 19.62 0.39 -5.18
N GLY A 3 18.81 -0.21 -4.30
CA GLY A 3 17.41 0.11 -4.00
C GLY A 3 16.72 -1.07 -3.29
N LYS A 4 15.50 -0.85 -2.79
CA LYS A 4 14.77 -1.80 -1.93
C LYS A 4 13.23 -1.74 -2.10
N ASN A 5 12.56 -2.77 -1.59
CA ASN A 5 11.13 -3.04 -1.75
C ASN A 5 10.21 -1.89 -1.24
N PRO A 6 9.08 -1.58 -1.91
CA PRO A 6 8.20 -0.47 -1.52
C PRO A 6 7.41 -0.70 -0.23
N VAL A 7 6.94 -1.92 0.00
CA VAL A 7 6.30 -2.28 1.28
C VAL A 7 7.25 -1.95 2.42
N MET A 8 8.47 -2.44 2.29
CA MET A 8 9.57 -2.27 3.22
C MET A 8 9.94 -0.82 3.58
N ILE A 9 10.14 0.09 2.61
CA ILE A 9 10.23 1.54 2.92
C ILE A 9 9.00 2.13 3.62
N LEU A 10 7.79 1.88 3.12
CA LEU A 10 6.56 2.34 3.79
C LEU A 10 6.44 1.87 5.25
N ASN A 11 6.83 0.63 5.48
CA ASN A 11 7.07 0.02 6.79
C ASN A 11 8.08 0.83 7.64
N GLU A 12 9.31 1.04 7.15
CA GLU A 12 10.36 1.79 7.87
C GLU A 12 9.95 3.22 8.28
N LEU A 13 9.51 4.03 7.31
CA LEU A 13 8.93 5.36 7.52
C LEU A 13 7.71 5.40 8.46
N ARG A 14 6.81 4.40 8.31
CA ARG A 14 5.48 4.27 8.95
C ARG A 14 4.79 5.59 9.35
N PRO A 15 4.40 6.48 8.39
CA PRO A 15 3.72 7.77 8.66
C PRO A 15 2.36 7.70 9.41
N GLY A 16 2.39 7.46 10.73
CA GLY A 16 1.22 7.50 11.63
C GLY A 16 0.10 6.52 11.29
N LEU A 17 0.45 5.33 10.80
CA LEU A 17 -0.44 4.53 9.94
C LEU A 17 -1.00 3.21 10.53
N LYS A 18 -2.12 2.75 9.97
CA LYS A 18 -2.74 1.42 10.14
C LYS A 18 -3.23 0.78 8.84
N TYR A 19 -3.06 -0.54 8.70
CA TYR A 19 -3.42 -1.29 7.49
C TYR A 19 -4.70 -2.11 7.71
N ASP A 20 -5.59 -2.07 6.73
CA ASP A 20 -6.80 -2.88 6.59
C ASP A 20 -6.61 -3.93 5.49
N PHE A 21 -7.01 -5.17 5.77
CA PHE A 21 -6.90 -6.29 4.85
C PHE A 21 -8.27 -6.63 4.23
N LEU A 22 -8.21 -6.71 2.90
CA LEU A 22 -9.28 -6.78 1.93
C LEU A 22 -8.87 -7.90 0.93
N SER A 23 -9.84 -8.63 0.42
CA SER A 23 -9.59 -9.83 -0.39
C SER A 23 -10.66 -9.90 -1.47
N GLU A 24 -10.56 -9.04 -2.49
CA GLU A 24 -11.76 -8.60 -3.23
C GLU A 24 -11.72 -7.86 -4.59
N SER A 25 -10.59 -7.36 -5.08
CA SER A 25 -10.50 -6.63 -6.38
C SER A 25 -10.50 -7.57 -7.60
N GLY A 26 -11.32 -8.63 -7.56
CA GLY A 26 -11.21 -9.81 -8.42
C GLY A 26 -12.41 -10.77 -8.31
N GLU A 27 -12.12 -12.06 -8.46
CA GLU A 27 -13.01 -13.22 -8.30
C GLU A 27 -14.14 -13.38 -9.34
N SER A 28 -14.61 -12.28 -9.93
CA SER A 28 -15.33 -12.25 -11.21
C SER A 28 -14.40 -12.48 -12.44
N HIS A 29 -13.10 -12.69 -12.21
CA HIS A 29 -12.09 -12.94 -13.24
C HIS A 29 -10.94 -13.84 -12.73
N ALA A 30 -10.23 -13.41 -11.69
CA ALA A 30 -9.16 -14.14 -10.99
C ALA A 30 -8.98 -13.56 -9.57
N LYS A 31 -8.37 -14.31 -8.62
CA LYS A 31 -8.22 -13.87 -7.23
C LYS A 31 -7.38 -12.58 -7.10
N SER A 32 -7.85 -11.63 -6.31
CA SER A 32 -7.13 -10.40 -5.95
C SER A 32 -7.18 -10.13 -4.46
N PHE A 33 -6.03 -9.81 -3.88
CA PHE A 33 -5.91 -9.42 -2.48
C PHE A 33 -5.69 -7.92 -2.46
N VAL A 34 -6.41 -7.28 -1.58
CA VAL A 34 -6.41 -5.84 -1.47
C VAL A 34 -5.89 -5.42 -0.09
N MET A 35 -5.01 -4.45 -0.07
CA MET A 35 -4.55 -3.82 1.18
C MET A 35 -4.93 -2.36 1.08
N SER A 36 -5.69 -1.82 2.05
CA SER A 36 -5.90 -0.38 2.13
C SER A 36 -5.39 0.18 3.45
N VAL A 37 -4.67 1.29 3.40
CA VAL A 37 -3.92 1.82 4.54
C VAL A 37 -4.39 3.24 4.86
N VAL A 38 -4.59 3.53 6.14
CA VAL A 38 -4.84 4.91 6.62
C VAL A 38 -3.48 5.43 7.05
N VAL A 39 -2.99 6.44 6.34
CA VAL A 39 -1.62 6.97 6.38
C VAL A 39 -1.68 8.49 6.34
N ASP A 40 -0.88 9.19 7.16
CA ASP A 40 -0.92 10.64 7.42
C ASP A 40 -2.28 11.14 7.98
N GLY A 41 -3.33 11.07 7.17
CA GLY A 41 -4.75 11.27 7.50
C GLY A 41 -5.70 10.88 6.35
N GLN A 42 -5.20 10.07 5.41
CA GLN A 42 -5.79 9.73 4.10
C GLN A 42 -5.69 8.21 3.83
N PHE A 43 -6.44 7.68 2.85
CA PHE A 43 -6.72 6.24 2.72
C PHE A 43 -6.37 5.69 1.32
N PHE A 44 -5.59 4.60 1.26
CA PHE A 44 -4.89 4.14 0.05
C PHE A 44 -5.02 2.62 -0.19
N GLU A 45 -5.89 2.26 -1.13
CA GLU A 45 -6.11 0.90 -1.64
C GLU A 45 -5.01 0.51 -2.63
N GLY A 46 -4.52 -0.71 -2.46
CA GLY A 46 -3.55 -1.35 -3.32
C GLY A 46 -3.99 -2.79 -3.62
N SER A 47 -4.12 -3.16 -4.89
CA SER A 47 -4.66 -4.45 -5.32
C SER A 47 -3.59 -5.30 -6.01
N GLY A 48 -3.23 -6.39 -5.35
CA GLY A 48 -2.15 -7.29 -5.73
C GLY A 48 -2.47 -8.78 -5.66
N ARG A 49 -1.82 -9.58 -6.52
CA ARG A 49 -1.92 -11.05 -6.54
C ARG A 49 -1.60 -11.75 -5.19
N ASN A 50 -0.85 -11.10 -4.30
CA ASN A 50 -0.90 -11.27 -2.83
C ASN A 50 -0.34 -10.02 -2.11
N LYS A 51 -0.20 -10.02 -0.78
CA LYS A 51 0.30 -8.87 0.05
C LYS A 51 1.53 -8.19 -0.52
N LYS A 52 2.59 -8.93 -0.88
CA LYS A 52 3.84 -8.40 -1.48
C LYS A 52 3.66 -7.53 -2.73
N LEU A 53 2.48 -7.54 -3.35
CA LEU A 53 2.06 -6.68 -4.44
C LEU A 53 0.89 -5.75 -4.01
N ALA A 54 -0.09 -6.24 -3.25
CA ALA A 54 -1.18 -5.46 -2.68
C ALA A 54 -0.67 -4.27 -1.83
N LYS A 55 0.16 -4.54 -0.82
CA LYS A 55 1.03 -3.55 -0.17
C LYS A 55 1.94 -2.80 -1.12
N ALA A 56 2.58 -3.38 -2.14
CA ALA A 56 3.46 -2.61 -3.03
C ALA A 56 2.73 -1.42 -3.65
N ARG A 57 1.55 -1.69 -4.23
CA ARG A 57 0.52 -0.75 -4.69
C ARG A 57 0.04 0.22 -3.59
N ALA A 58 -0.48 -0.29 -2.47
CA ALA A 58 -0.95 0.51 -1.34
C ALA A 58 0.13 1.47 -0.82
N ALA A 59 1.28 0.90 -0.44
CA ALA A 59 2.53 1.63 -0.21
C ALA A 59 2.88 2.66 -1.28
N GLN A 60 3.03 2.28 -2.55
CA GLN A 60 3.42 3.19 -3.64
C GLN A 60 2.47 4.38 -3.77
N SER A 61 1.15 4.15 -3.71
CA SER A 61 0.13 5.20 -3.64
C SER A 61 0.35 6.15 -2.46
N ALA A 62 0.41 5.60 -1.25
CA ALA A 62 0.66 6.33 -0.01
C ALA A 62 1.96 7.15 -0.08
N LEU A 63 3.11 6.50 -0.29
CA LEU A 63 4.45 7.10 -0.42
C LEU A 63 4.46 8.27 -1.39
N ALA A 64 4.03 8.06 -2.65
CA ALA A 64 3.98 9.13 -3.64
C ALA A 64 3.14 10.32 -3.15
N THR A 65 1.93 10.06 -2.62
CA THR A 65 1.08 11.07 -1.99
C THR A 65 1.76 11.81 -0.84
N VAL A 66 2.05 11.15 0.29
CA VAL A 66 2.67 11.78 1.45
C VAL A 66 3.99 12.51 1.16
N PHE A 67 4.92 11.89 0.43
CA PHE A 67 6.15 12.54 -0.03
C PHE A 67 5.92 13.82 -0.86
N ASN A 68 5.03 13.80 -1.87
CA ASN A 68 4.60 15.01 -2.59
C ASN A 68 4.03 16.09 -1.66
N LEU A 69 3.29 15.69 -0.62
CA LEU A 69 2.89 16.55 0.51
C LEU A 69 4.14 17.16 1.18
N HIS A 70 5.06 16.35 1.71
CA HIS A 70 6.47 16.69 1.99
C HIS A 70 7.33 15.49 2.46
N LEU A 71 8.66 15.71 2.52
CA LEU A 71 9.67 14.87 3.15
C LEU A 71 10.63 15.71 4.04
N PRO A 1 17.04 2.56 4.32
CA PRO A 1 17.01 4.00 3.98
C PRO A 1 16.55 4.21 2.53
N SER A 2 15.23 4.10 2.33
CA SER A 2 14.60 3.37 1.22
C SER A 2 15.06 1.89 1.12
N GLY A 3 14.50 1.12 0.20
CA GLY A 3 14.77 -0.32 0.07
C GLY A 3 14.27 -0.94 -1.24
N LYS A 4 14.53 -2.23 -1.41
CA LYS A 4 14.41 -2.98 -2.68
C LYS A 4 12.96 -3.18 -3.19
N ASN A 5 11.94 -2.84 -2.39
CA ASN A 5 10.52 -2.79 -2.78
C ASN A 5 9.78 -1.68 -1.99
N PRO A 6 8.64 -1.15 -2.49
CA PRO A 6 7.94 -0.04 -1.84
C PRO A 6 7.36 -0.35 -0.47
N VAL A 7 6.92 -1.60 -0.24
CA VAL A 7 6.43 -2.02 1.08
C VAL A 7 7.48 -1.73 2.13
N MET A 8 8.71 -2.17 1.87
CA MET A 8 9.85 -2.03 2.76
C MET A 8 10.14 -0.58 3.18
N ILE A 9 10.12 0.38 2.26
CA ILE A 9 10.14 1.82 2.53
C ILE A 9 9.00 2.26 3.45
N LEU A 10 7.76 2.03 3.04
CA LEU A 10 6.55 2.40 3.82
C LEU A 10 6.57 1.80 5.23
N ASN A 11 7.04 0.56 5.32
CA ASN A 11 7.38 -0.18 6.54
C ASN A 11 8.40 0.58 7.41
N GLU A 12 9.55 0.88 6.83
CA GLU A 12 10.64 1.61 7.45
C GLU A 12 10.19 2.97 8.00
N LEU A 13 9.63 3.84 7.14
CA LEU A 13 9.03 5.12 7.49
C LEU A 13 7.90 5.09 8.53
N ARG A 14 7.06 4.03 8.52
CA ARG A 14 5.72 3.94 9.14
C ARG A 14 5.29 5.08 10.10
N PRO A 15 4.63 6.16 9.61
CA PRO A 15 3.99 7.16 10.48
C PRO A 15 2.80 6.55 11.26
N GLY A 16 1.95 7.40 11.86
CA GLY A 16 0.72 7.00 12.57
C GLY A 16 -0.38 6.46 11.64
N LEU A 17 -0.16 5.31 10.99
CA LEU A 17 -1.04 4.68 10.00
C LEU A 17 -1.68 3.37 10.49
N LYS A 18 -2.69 2.88 9.77
CA LYS A 18 -3.27 1.53 9.89
C LYS A 18 -3.50 0.87 8.55
N TYR A 19 -3.20 -0.43 8.44
CA TYR A 19 -3.53 -1.23 7.25
C TYR A 19 -4.73 -2.13 7.56
N ASP A 20 -5.64 -2.15 6.60
CA ASP A 20 -6.88 -2.92 6.58
C ASP A 20 -6.79 -3.96 5.46
N PHE A 21 -7.20 -5.20 5.75
CA PHE A 21 -7.11 -6.33 4.82
C PHE A 21 -8.49 -6.71 4.26
N LEU A 22 -8.58 -6.61 2.94
CA LEU A 22 -9.71 -6.83 2.07
C LEU A 22 -9.28 -7.89 1.03
N SER A 23 -10.21 -8.68 0.53
CA SER A 23 -9.96 -9.64 -0.54
C SER A 23 -10.89 -9.42 -1.74
N GLU A 24 -10.31 -9.44 -2.95
CA GLU A 24 -10.97 -9.62 -4.25
C GLU A 24 -11.25 -8.32 -5.03
N SER A 25 -10.19 -7.59 -5.33
CA SER A 25 -10.08 -6.95 -6.66
C SER A 25 -10.01 -8.07 -7.72
N GLY A 26 -11.02 -8.19 -8.58
CA GLY A 26 -11.26 -9.39 -9.40
C GLY A 26 -11.87 -9.10 -10.79
N GLU A 27 -12.26 -10.10 -11.58
CA GLU A 27 -12.23 -11.55 -11.33
C GLU A 27 -10.83 -12.17 -11.60
N SER A 28 -10.72 -13.43 -12.08
CA SER A 28 -9.48 -14.20 -12.21
C SER A 28 -8.33 -13.56 -13.02
N HIS A 29 -8.59 -12.52 -13.82
CA HIS A 29 -7.53 -11.71 -14.45
C HIS A 29 -6.75 -10.86 -13.44
N ALA A 30 -7.41 -10.33 -12.40
CA ALA A 30 -6.79 -9.56 -11.32
C ALA A 30 -6.52 -10.44 -10.07
N LYS A 31 -7.49 -11.29 -9.68
CA LYS A 31 -7.50 -12.21 -8.52
C LYS A 31 -6.65 -11.76 -7.32
N SER A 32 -6.93 -10.55 -6.89
CA SER A 32 -6.07 -9.69 -6.08
C SER A 32 -6.62 -9.47 -4.68
N PHE A 33 -5.71 -9.54 -3.72
CA PHE A 33 -5.93 -9.33 -2.31
C PHE A 33 -5.58 -7.86 -2.11
N VAL A 34 -6.44 -7.20 -1.35
CA VAL A 34 -6.57 -5.75 -1.39
C VAL A 34 -6.17 -5.21 -0.03
N MET A 35 -5.07 -4.48 -0.02
CA MET A 35 -4.55 -3.85 1.18
C MET A 35 -4.89 -2.37 1.10
N SER A 36 -5.68 -1.90 2.05
CA SER A 36 -6.16 -0.52 2.08
C SER A 36 -5.77 0.14 3.38
N VAL A 37 -5.27 1.37 3.33
CA VAL A 37 -4.45 1.97 4.38
C VAL A 37 -4.93 3.38 4.67
N VAL A 38 -5.03 3.73 5.95
CA VAL A 38 -5.31 5.10 6.39
C VAL A 38 -3.98 5.62 6.91
N VAL A 39 -3.45 6.62 6.17
CA VAL A 39 -2.06 7.11 6.21
C VAL A 39 -2.10 8.64 6.15
N ASP A 40 -1.30 9.32 6.98
CA ASP A 40 -1.29 10.79 7.20
C ASP A 40 -2.62 11.36 7.75
N GLY A 41 -3.67 11.28 6.93
CA GLY A 41 -5.06 11.64 7.20
C GLY A 41 -5.99 11.29 6.02
N GLN A 42 -5.55 10.37 5.16
CA GLN A 42 -6.11 10.05 3.84
C GLN A 42 -6.20 8.53 3.67
N PHE A 43 -6.93 8.04 2.68
CA PHE A 43 -7.17 6.61 2.44
C PHE A 43 -6.68 6.17 1.05
N PHE A 44 -6.07 4.99 1.01
CA PHE A 44 -5.40 4.41 -0.16
C PHE A 44 -5.79 2.92 -0.29
N GLU A 45 -5.87 2.39 -1.52
CA GLU A 45 -6.21 0.98 -1.79
C GLU A 45 -5.24 0.39 -2.81
N GLY A 46 -4.70 -0.80 -2.51
CA GLY A 46 -3.67 -1.47 -3.27
C GLY A 46 -4.05 -2.91 -3.58
N SER A 47 -4.27 -3.22 -4.86
CA SER A 47 -4.79 -4.52 -5.30
C SER A 47 -3.69 -5.37 -5.93
N GLY A 48 -3.24 -6.37 -5.16
CA GLY A 48 -2.14 -7.27 -5.53
C GLY A 48 -2.39 -8.74 -5.25
N ARG A 49 -1.99 -9.62 -6.18
CA ARG A 49 -2.09 -11.09 -6.07
C ARG A 49 -1.84 -11.66 -4.65
N ASN A 50 -0.81 -11.19 -3.92
CA ASN A 50 -0.73 -11.27 -2.45
C ASN A 50 -0.14 -9.96 -1.85
N LYS A 51 0.00 -9.85 -0.51
CA LYS A 51 0.57 -8.69 0.23
C LYS A 51 1.90 -8.14 -0.30
N LYS A 52 2.80 -8.97 -0.84
CA LYS A 52 4.04 -8.53 -1.53
C LYS A 52 3.82 -7.60 -2.73
N LEU A 53 2.58 -7.53 -3.22
CA LEU A 53 2.12 -6.72 -4.35
C LEU A 53 0.96 -5.80 -3.93
N ALA A 54 0.01 -6.29 -3.14
CA ALA A 54 -1.08 -5.50 -2.54
C ALA A 54 -0.56 -4.32 -1.71
N LYS A 55 0.28 -4.62 -0.70
CA LYS A 55 1.04 -3.60 0.05
C LYS A 55 1.87 -2.77 -0.92
N ALA A 56 2.61 -3.34 -1.87
CA ALA A 56 3.42 -2.57 -2.82
C ALA A 56 2.61 -1.52 -3.58
N ARG A 57 1.45 -1.87 -4.13
CA ARG A 57 0.50 -0.90 -4.70
C ARG A 57 0.08 0.19 -3.72
N ALA A 58 -0.47 -0.20 -2.57
CA ALA A 58 -0.90 0.74 -1.53
C ALA A 58 0.22 1.68 -1.08
N ALA A 59 1.35 1.08 -0.68
CA ALA A 59 2.62 1.70 -0.34
C ALA A 59 3.09 2.68 -1.41
N GLN A 60 3.30 2.26 -2.67
CA GLN A 60 3.76 3.13 -3.75
C GLN A 60 2.84 4.35 -3.93
N SER A 61 1.53 4.12 -4.01
CA SER A 61 0.51 5.18 -4.08
C SER A 61 0.61 6.19 -2.93
N ALA A 62 0.57 5.67 -1.70
CA ALA A 62 0.75 6.44 -0.47
C ALA A 62 2.08 7.22 -0.47
N LEU A 63 3.22 6.55 -0.67
CA LEU A 63 4.58 7.11 -0.80
C LEU A 63 4.56 8.34 -1.71
N ALA A 64 4.11 8.19 -2.96
CA ALA A 64 4.01 9.29 -3.90
C ALA A 64 3.19 10.47 -3.33
N THR A 65 1.97 10.22 -2.87
CA THR A 65 1.12 11.24 -2.20
C THR A 65 1.81 11.89 -1.00
N VAL A 66 2.02 11.16 0.10
CA VAL A 66 2.59 11.70 1.34
C VAL A 66 3.95 12.38 1.15
N PHE A 67 4.90 11.79 0.41
CA PHE A 67 6.15 12.44 0.05
C PHE A 67 5.99 13.75 -0.73
N ASN A 68 5.14 13.83 -1.77
CA ASN A 68 4.77 15.10 -2.43
C ASN A 68 4.20 16.15 -1.45
N LEU A 69 3.41 15.71 -0.46
CA LEU A 69 2.96 16.53 0.68
C LEU A 69 4.16 16.99 1.55
N HIS A 70 5.11 16.08 1.79
CA HIS A 70 6.42 16.19 2.47
C HIS A 70 6.39 15.60 3.90
N LEU A 71 5.70 14.46 4.09
CA LEU A 71 5.64 13.67 5.34
C LEU A 71 5.90 12.16 5.12
N PRO A 1 17.23 -1.30 5.72
CA PRO A 1 16.32 -2.37 6.17
C PRO A 1 15.21 -2.62 5.14
N SER A 2 14.40 -1.58 4.88
CA SER A 2 13.94 -1.27 3.52
C SER A 2 15.12 -1.00 2.57
N GLY A 3 14.91 -1.08 1.26
CA GLY A 3 15.93 -0.76 0.24
C GLY A 3 15.55 -0.99 -1.23
N LYS A 4 14.70 -1.99 -1.50
CA LYS A 4 14.25 -2.37 -2.88
C LYS A 4 12.84 -3.00 -2.90
N ASN A 5 12.03 -2.66 -1.90
CA ASN A 5 10.85 -3.39 -1.45
C ASN A 5 9.81 -2.40 -0.88
N PRO A 6 8.85 -1.90 -1.69
CA PRO A 6 8.13 -0.67 -1.39
C PRO A 6 7.27 -0.70 -0.13
N VAL A 7 6.66 -1.87 0.16
CA VAL A 7 5.98 -2.16 1.42
C VAL A 7 6.86 -1.73 2.58
N MET A 8 8.05 -2.31 2.62
CA MET A 8 9.07 -2.09 3.61
C MET A 8 9.49 -0.62 3.77
N ILE A 9 9.68 0.12 2.68
CA ILE A 9 9.96 1.58 2.72
C ILE A 9 8.84 2.32 3.48
N LEU A 10 7.62 2.20 2.99
CA LEU A 10 6.39 2.76 3.59
C LEU A 10 6.30 2.39 5.07
N ASN A 11 6.49 1.11 5.33
CA ASN A 11 6.50 0.52 6.67
C ASN A 11 7.52 1.15 7.62
N GLU A 12 8.78 1.14 7.21
CA GLU A 12 9.92 1.76 7.87
C GLU A 12 9.73 3.26 8.14
N LEU A 13 9.26 3.99 7.12
CA LEU A 13 8.80 5.38 7.20
C LEU A 13 7.70 5.60 8.26
N ARG A 14 6.78 4.62 8.41
CA ARG A 14 5.61 4.61 9.33
C ARG A 14 4.95 5.98 9.54
N PRO A 15 4.33 6.58 8.49
CA PRO A 15 3.55 7.82 8.57
C PRO A 15 2.23 7.66 9.36
N GLY A 16 2.32 7.28 10.65
CA GLY A 16 1.20 7.08 11.58
C GLY A 16 0.19 6.00 11.16
N LEU A 17 0.62 5.00 10.37
CA LEU A 17 -0.27 4.18 9.57
C LEU A 17 -1.03 3.07 10.31
N LYS A 18 -2.09 2.60 9.66
CA LYS A 18 -2.82 1.36 9.91
C LYS A 18 -3.12 0.62 8.62
N TYR A 19 -2.92 -0.70 8.63
CA TYR A 19 -3.19 -1.58 7.50
C TYR A 19 -4.47 -2.38 7.68
N ASP A 20 -5.25 -2.43 6.61
CA ASP A 20 -6.56 -3.07 6.48
C ASP A 20 -6.51 -4.13 5.36
N PHE A 21 -7.08 -5.31 5.63
CA PHE A 21 -7.12 -6.41 4.65
C PHE A 21 -8.51 -6.53 4.05
N LEU A 22 -8.52 -6.45 2.73
CA LEU A 22 -9.61 -6.55 1.80
C LEU A 22 -9.19 -7.71 0.86
N SER A 23 -10.11 -8.34 0.15
CA SER A 23 -9.71 -9.24 -0.94
C SER A 23 -10.72 -9.31 -2.06
N GLU A 24 -10.29 -8.84 -3.23
CA GLU A 24 -11.13 -8.50 -4.37
C GLU A 24 -10.35 -8.39 -5.71
N SER A 25 -9.03 -8.61 -5.71
CA SER A 25 -8.12 -8.33 -6.82
C SER A 25 -8.05 -9.46 -7.87
N GLY A 26 -8.98 -10.42 -7.79
CA GLY A 26 -8.97 -11.68 -8.56
C GLY A 26 -9.81 -12.74 -7.87
N GLU A 27 -10.88 -13.20 -8.53
CA GLU A 27 -11.89 -14.11 -7.97
C GLU A 27 -11.88 -15.51 -8.61
N SER A 28 -11.05 -15.72 -9.63
CA SER A 28 -10.93 -16.93 -10.47
C SER A 28 -10.22 -18.10 -9.75
N HIS A 29 -10.63 -18.42 -8.52
CA HIS A 29 -10.05 -19.37 -7.55
C HIS A 29 -8.64 -19.04 -7.04
N ALA A 30 -7.80 -18.40 -7.86
CA ALA A 30 -6.56 -17.72 -7.48
C ALA A 30 -6.85 -16.43 -6.69
N LYS A 31 -7.54 -16.56 -5.55
CA LYS A 31 -8.08 -15.47 -4.72
C LYS A 31 -7.00 -14.46 -4.31
N SER A 32 -7.31 -13.18 -4.47
CA SER A 32 -6.33 -12.08 -4.57
C SER A 32 -6.69 -10.86 -3.73
N PHE A 33 -5.68 -10.33 -3.06
CA PHE A 33 -5.83 -9.60 -1.82
C PHE A 33 -5.66 -8.12 -2.08
N VAL A 34 -6.54 -7.31 -1.51
CA VAL A 34 -6.34 -5.86 -1.45
C VAL A 34 -5.93 -5.40 -0.06
N MET A 35 -4.93 -4.55 -0.01
CA MET A 35 -4.38 -4.01 1.21
C MET A 35 -4.59 -2.52 1.17
N SER A 36 -5.19 -1.99 2.22
CA SER A 36 -5.56 -0.58 2.29
C SER A 36 -4.91 0.05 3.52
N VAL A 37 -4.34 1.24 3.35
CA VAL A 37 -3.65 1.97 4.42
C VAL A 37 -4.30 3.31 4.68
N VAL A 38 -4.48 3.62 5.96
CA VAL A 38 -4.73 5.01 6.39
C VAL A 38 -3.39 5.49 6.94
N VAL A 39 -2.90 6.60 6.40
CA VAL A 39 -1.58 7.20 6.66
C VAL A 39 -1.76 8.71 6.77
N ASP A 40 -0.93 9.42 7.53
CA ASP A 40 -1.04 10.87 7.81
C ASP A 40 -2.42 11.30 8.37
N GLY A 41 -3.43 11.43 7.50
CA GLY A 41 -4.86 11.56 7.79
C GLY A 41 -5.74 11.19 6.58
N GLN A 42 -5.19 10.42 5.64
CA GLN A 42 -5.77 10.06 4.33
C GLN A 42 -5.60 8.56 4.01
N PHE A 43 -6.24 8.08 2.94
CA PHE A 43 -6.50 6.66 2.70
C PHE A 43 -6.19 6.24 1.26
N PHE A 44 -5.52 5.08 1.12
CA PHE A 44 -5.12 4.46 -0.16
C PHE A 44 -5.43 2.96 -0.16
N GLU A 45 -5.73 2.39 -1.33
CA GLU A 45 -6.13 0.99 -1.51
C GLU A 45 -5.33 0.36 -2.65
N GLY A 46 -4.67 -0.77 -2.36
CA GLY A 46 -3.68 -1.44 -3.21
C GLY A 46 -4.10 -2.87 -3.54
N SER A 47 -4.41 -3.16 -4.80
CA SER A 47 -5.03 -4.45 -5.20
C SER A 47 -3.99 -5.35 -5.88
N GLY A 48 -3.67 -6.47 -5.22
CA GLY A 48 -2.52 -7.33 -5.50
C GLY A 48 -2.77 -8.84 -5.50
N ARG A 49 -2.22 -9.56 -6.48
CA ARG A 49 -2.18 -11.04 -6.50
C ARG A 49 -1.53 -11.72 -5.26
N ASN A 50 -0.82 -10.94 -4.42
CA ASN A 50 -0.30 -11.29 -3.08
C ASN A 50 -0.16 -10.00 -2.24
N LYS A 51 0.01 -10.07 -0.90
CA LYS A 51 0.40 -8.90 -0.07
C LYS A 51 1.63 -8.15 -0.60
N LYS A 52 2.69 -8.83 -1.05
CA LYS A 52 3.87 -8.17 -1.67
C LYS A 52 3.59 -7.42 -2.98
N LEU A 53 2.37 -7.53 -3.49
CA LEU A 53 1.84 -6.75 -4.61
C LEU A 53 0.84 -5.71 -4.06
N ALA A 54 -0.13 -6.14 -3.26
CA ALA A 54 -1.18 -5.32 -2.64
C ALA A 54 -0.63 -4.16 -1.81
N LYS A 55 0.18 -4.45 -0.78
CA LYS A 55 1.05 -3.47 -0.11
C LYS A 55 1.99 -2.76 -1.06
N ALA A 56 2.59 -3.36 -2.09
CA ALA A 56 3.44 -2.61 -3.02
C ALA A 56 2.69 -1.41 -3.64
N ARG A 57 1.50 -1.66 -4.18
CA ARG A 57 0.46 -0.73 -4.68
C ARG A 57 0.01 0.28 -3.62
N ALA A 58 -0.48 -0.19 -2.48
CA ALA A 58 -0.89 0.63 -1.34
C ALA A 58 0.25 1.54 -0.86
N ALA A 59 1.39 0.93 -0.52
CA ALA A 59 2.65 1.63 -0.29
C ALA A 59 3.03 2.64 -1.36
N GLN A 60 3.12 2.28 -2.63
CA GLN A 60 3.49 3.18 -3.73
C GLN A 60 2.58 4.42 -3.81
N SER A 61 1.26 4.23 -3.74
CA SER A 61 0.26 5.30 -3.64
C SER A 61 0.53 6.24 -2.45
N ALA A 62 0.59 5.66 -1.25
CA ALA A 62 0.91 6.36 -0.01
C ALA A 62 2.25 7.11 -0.09
N LEU A 63 3.34 6.42 -0.44
CA LEU A 63 4.71 6.93 -0.59
C LEU A 63 4.70 8.20 -1.42
N ALA A 64 4.24 8.09 -2.69
CA ALA A 64 4.19 9.23 -3.61
C ALA A 64 3.40 10.40 -3.00
N THR A 65 2.20 10.12 -2.46
CA THR A 65 1.41 11.12 -1.73
C THR A 65 2.16 11.78 -0.57
N VAL A 66 2.46 11.06 0.52
CA VAL A 66 3.12 11.62 1.71
C VAL A 66 4.46 12.29 1.38
N PHE A 67 5.28 11.72 0.50
CA PHE A 67 6.49 12.37 -0.03
C PHE A 67 6.22 13.73 -0.70
N ASN A 68 5.18 13.86 -1.55
CA ASN A 68 4.64 15.16 -1.99
C ASN A 68 4.20 16.11 -0.85
N LEU A 69 3.63 15.58 0.25
CA LEU A 69 3.38 16.38 1.48
C LEU A 69 4.68 16.79 2.19
N HIS A 70 5.75 16.03 1.95
CA HIS A 70 7.09 16.11 2.54
C HIS A 70 7.13 15.49 3.95
N LEU A 71 6.52 14.31 4.09
CA LEU A 71 6.40 13.49 5.31
C LEU A 71 6.80 12.02 5.06
N PRO A 1 19.44 3.87 -2.39
CA PRO A 1 18.13 3.20 -2.26
C PRO A 1 17.51 3.36 -0.85
N SER A 2 16.18 3.24 -0.75
CA SER A 2 15.40 3.48 0.49
C SER A 2 14.71 2.23 1.07
N GLY A 3 14.77 1.11 0.35
CA GLY A 3 14.27 -0.20 0.79
C GLY A 3 14.47 -1.30 -0.26
N LYS A 4 14.26 -2.57 0.12
CA LYS A 4 14.36 -3.75 -0.78
C LYS A 4 13.19 -3.84 -1.77
N ASN A 5 12.05 -3.23 -1.42
CA ASN A 5 10.78 -3.15 -2.15
C ASN A 5 9.94 -1.98 -1.54
N PRO A 6 8.86 -1.49 -2.18
CA PRO A 6 8.10 -0.34 -1.66
C PRO A 6 7.41 -0.59 -0.32
N VAL A 7 6.98 -1.85 -0.05
CA VAL A 7 6.42 -2.22 1.26
C VAL A 7 7.43 -1.88 2.34
N MET A 8 8.67 -2.31 2.16
CA MET A 8 9.76 -2.09 3.10
C MET A 8 9.97 -0.61 3.44
N ILE A 9 9.97 0.28 2.45
CA ILE A 9 10.00 1.74 2.63
C ILE A 9 8.86 2.20 3.53
N LEU A 10 7.62 2.01 3.06
CA LEU A 10 6.40 2.44 3.76
C LEU A 10 6.32 1.91 5.19
N ASN A 11 6.68 0.65 5.32
CA ASN A 11 6.80 -0.09 6.57
C ASN A 11 7.73 0.63 7.56
N GLU A 12 9.01 0.74 7.18
CA GLU A 12 10.02 1.47 7.93
C GLU A 12 9.70 2.95 8.23
N LEU A 13 9.27 3.73 7.23
CA LEU A 13 8.78 5.10 7.43
C LEU A 13 7.60 5.23 8.42
N ARG A 14 6.70 4.23 8.47
CA ARG A 14 5.51 4.14 9.35
C ARG A 14 4.82 5.49 9.67
N PRO A 15 4.34 6.26 8.65
CA PRO A 15 3.70 7.57 8.82
C PRO A 15 2.32 7.52 9.53
N GLY A 16 2.32 7.23 10.83
CA GLY A 16 1.14 7.25 11.72
C GLY A 16 0.04 6.27 11.35
N LEU A 17 0.39 5.13 10.74
CA LEU A 17 -0.52 4.34 9.92
C LEU A 17 -1.19 3.12 10.57
N LYS A 18 -2.25 2.65 9.90
CA LYS A 18 -2.85 1.30 10.04
C LYS A 18 -3.17 0.68 8.69
N TYR A 19 -2.97 -0.64 8.59
CA TYR A 19 -3.27 -1.42 7.40
C TYR A 19 -4.54 -2.26 7.62
N ASP A 20 -5.39 -2.23 6.59
CA ASP A 20 -6.64 -2.97 6.43
C ASP A 20 -6.46 -4.09 5.39
N PHE A 21 -6.96 -5.29 5.69
CA PHE A 21 -6.97 -6.42 4.75
C PHE A 21 -8.38 -6.64 4.19
N LEU A 22 -8.40 -6.69 2.87
CA LEU A 22 -9.54 -6.71 1.96
C LEU A 22 -9.24 -7.81 0.91
N SER A 23 -10.22 -8.63 0.59
CA SER A 23 -10.04 -9.88 -0.14
C SER A 23 -9.70 -9.80 -1.64
N GLU A 24 -10.05 -8.81 -2.47
CA GLU A 24 -11.36 -8.14 -2.60
C GLU A 24 -11.63 -7.77 -4.08
N SER A 25 -10.56 -7.41 -4.79
CA SER A 25 -10.55 -6.85 -6.15
C SER A 25 -10.80 -7.95 -7.21
N GLY A 26 -12.07 -8.34 -7.35
CA GLY A 26 -12.58 -9.15 -8.46
C GLY A 26 -14.09 -9.44 -8.35
N GLU A 27 -14.59 -10.10 -7.29
CA GLU A 27 -13.84 -10.82 -6.25
C GLU A 27 -12.95 -11.92 -6.85
N SER A 28 -13.54 -12.76 -7.71
CA SER A 28 -12.89 -13.80 -8.51
C SER A 28 -12.45 -13.31 -9.91
N HIS A 29 -13.24 -12.43 -10.54
CA HIS A 29 -13.08 -11.97 -11.93
C HIS A 29 -11.69 -11.38 -12.26
N ALA A 30 -11.02 -10.80 -11.26
CA ALA A 30 -9.66 -10.25 -11.34
C ALA A 30 -8.80 -10.67 -10.13
N LYS A 31 -9.13 -11.79 -9.46
CA LYS A 31 -8.67 -12.27 -8.13
C LYS A 31 -7.38 -11.63 -7.60
N SER A 32 -7.57 -10.53 -6.87
CA SER A 32 -6.54 -9.68 -6.29
C SER A 32 -6.88 -9.39 -4.84
N PHE A 33 -5.88 -9.48 -3.96
CA PHE A 33 -6.00 -9.27 -2.52
C PHE A 33 -5.59 -7.84 -2.29
N VAL A 34 -6.38 -7.20 -1.46
CA VAL A 34 -6.43 -5.77 -1.37
C VAL A 34 -5.93 -5.34 0.00
N MET A 35 -4.95 -4.46 -0.03
CA MET A 35 -4.40 -3.81 1.16
C MET A 35 -4.75 -2.34 1.09
N SER A 36 -5.44 -1.85 2.11
CA SER A 36 -5.86 -0.46 2.18
C SER A 36 -5.30 0.17 3.45
N VAL A 37 -4.76 1.39 3.36
CA VAL A 37 -3.97 2.02 4.43
C VAL A 37 -4.48 3.40 4.75
N VAL A 38 -4.58 3.69 6.04
CA VAL A 38 -4.76 5.06 6.53
C VAL A 38 -3.41 5.49 7.09
N VAL A 39 -2.87 6.60 6.56
CA VAL A 39 -1.54 7.15 6.88
C VAL A 39 -1.64 8.67 6.89
N ASP A 40 -0.80 9.36 7.69
CA ASP A 40 -0.78 10.83 7.87
C ASP A 40 -2.12 11.43 8.37
N GLY A 41 -3.14 11.44 7.51
CA GLY A 41 -4.56 11.71 7.78
C GLY A 41 -5.48 11.33 6.61
N GLN A 42 -5.00 10.48 5.69
CA GLN A 42 -5.58 10.15 4.39
C GLN A 42 -5.54 8.63 4.11
N PHE A 43 -6.23 8.17 3.05
CA PHE A 43 -6.53 6.76 2.81
C PHE A 43 -6.28 6.32 1.36
N PHE A 44 -5.71 5.13 1.19
CA PHE A 44 -5.37 4.50 -0.10
C PHE A 44 -5.77 3.03 -0.16
N GLU A 45 -5.92 2.48 -1.37
CA GLU A 45 -6.21 1.07 -1.68
C GLU A 45 -5.19 0.55 -2.71
N GLY A 46 -4.68 -0.65 -2.48
CA GLY A 46 -3.69 -1.33 -3.32
C GLY A 46 -4.08 -2.78 -3.59
N SER A 47 -4.22 -3.17 -4.85
CA SER A 47 -4.83 -4.45 -5.23
C SER A 47 -3.83 -5.34 -5.98
N GLY A 48 -3.32 -6.34 -5.28
CA GLY A 48 -2.20 -7.20 -5.68
C GLY A 48 -2.42 -8.69 -5.42
N ARG A 49 -1.90 -9.58 -6.27
CA ARG A 49 -2.05 -11.06 -6.13
C ARG A 49 -1.83 -11.63 -4.71
N ASN A 50 -0.93 -11.04 -3.91
CA ASN A 50 -0.85 -11.20 -2.45
C ASN A 50 -0.16 -9.95 -1.82
N LYS A 51 0.01 -9.89 -0.50
CA LYS A 51 0.63 -8.77 0.28
C LYS A 51 1.91 -8.18 -0.32
N LYS A 52 2.83 -9.00 -0.83
CA LYS A 52 4.06 -8.54 -1.53
C LYS A 52 3.83 -7.60 -2.73
N LEU A 53 2.59 -7.55 -3.24
CA LEU A 53 2.13 -6.74 -4.36
C LEU A 53 0.96 -5.81 -3.95
N ALA A 54 0.00 -6.31 -3.17
CA ALA A 54 -1.09 -5.52 -2.57
C ALA A 54 -0.55 -4.34 -1.73
N LYS A 55 0.28 -4.65 -0.72
CA LYS A 55 1.02 -3.67 0.06
C LYS A 55 1.87 -2.80 -0.85
N ALA A 56 2.59 -3.34 -1.84
CA ALA A 56 3.41 -2.58 -2.78
C ALA A 56 2.62 -1.47 -3.51
N ARG A 57 1.49 -1.78 -4.14
CA ARG A 57 0.52 -0.82 -4.72
C ARG A 57 0.03 0.22 -3.71
N ALA A 58 -0.49 -0.23 -2.56
CA ALA A 58 -0.96 0.65 -1.48
C ALA A 58 0.13 1.62 -1.00
N ALA A 59 1.31 1.07 -0.70
CA ALA A 59 2.54 1.75 -0.38
C ALA A 59 2.95 2.75 -1.47
N GLN A 60 2.97 2.34 -2.73
CA GLN A 60 3.29 3.19 -3.89
C GLN A 60 2.41 4.45 -3.93
N SER A 61 1.08 4.27 -3.84
CA SER A 61 0.11 5.37 -3.69
C SER A 61 0.42 6.27 -2.48
N ALA A 62 0.55 5.68 -1.29
CA ALA A 62 0.90 6.38 -0.05
C ALA A 62 2.20 7.19 -0.16
N LEU A 63 3.32 6.54 -0.52
CA LEU A 63 4.66 7.11 -0.74
C LEU A 63 4.58 8.33 -1.65
N ALA A 64 4.08 8.16 -2.88
CA ALA A 64 3.95 9.25 -3.83
C ALA A 64 3.17 10.42 -3.23
N THR A 65 2.01 10.15 -2.64
CA THR A 65 1.17 11.12 -1.93
C THR A 65 1.90 11.85 -0.80
N VAL A 66 2.20 11.19 0.33
CA VAL A 66 2.83 11.85 1.49
C VAL A 66 4.15 12.56 1.16
N PHE A 67 5.05 11.92 0.41
CA PHE A 67 6.28 12.55 -0.05
C PHE A 67 6.07 13.80 -0.93
N ASN A 68 5.15 13.79 -1.91
CA ASN A 68 4.72 14.99 -2.64
C ASN A 68 4.18 16.11 -1.71
N LEU A 69 3.44 15.75 -0.67
CA LEU A 69 3.05 16.61 0.45
C LEU A 69 4.27 17.10 1.26
N HIS A 70 5.35 16.32 1.30
CA HIS A 70 6.58 16.48 2.09
C HIS A 70 6.41 16.13 3.57
N LEU A 71 5.79 14.97 3.82
CA LEU A 71 5.65 14.28 5.12
C LEU A 71 6.40 12.92 5.08
N PRO A 1 7.42 -1.26 -6.97
CA PRO A 1 7.51 -2.20 -8.11
C PRO A 1 6.70 -3.48 -7.88
N SER A 2 6.86 -4.49 -8.74
CA SER A 2 6.18 -5.81 -8.69
C SER A 2 6.65 -6.74 -7.56
N GLY A 3 6.90 -6.20 -6.36
CA GLY A 3 7.47 -6.93 -5.22
C GLY A 3 7.56 -6.08 -3.95
N LYS A 4 8.13 -6.66 -2.88
CA LYS A 4 8.12 -6.12 -1.50
C LYS A 4 8.91 -4.81 -1.29
N ASN A 5 9.70 -4.34 -2.27
CA ASN A 5 10.54 -3.13 -2.19
C ASN A 5 9.83 -1.88 -1.59
N PRO A 6 8.70 -1.39 -2.15
CA PRO A 6 7.96 -0.28 -1.54
C PRO A 6 7.28 -0.64 -0.22
N VAL A 7 6.85 -1.90 -0.03
CA VAL A 7 6.31 -2.33 1.28
C VAL A 7 7.35 -2.04 2.36
N MET A 8 8.58 -2.47 2.12
CA MET A 8 9.70 -2.34 3.04
C MET A 8 9.97 -0.89 3.51
N ILE A 9 10.14 0.06 2.58
CA ILE A 9 10.23 1.48 2.93
C ILE A 9 9.01 2.02 3.68
N LEU A 10 7.78 1.78 3.18
CA LEU A 10 6.55 2.21 3.87
C LEU A 10 6.43 1.68 5.31
N ASN A 11 6.73 0.41 5.46
CA ASN A 11 6.82 -0.33 6.70
C ASN A 11 7.79 0.32 7.69
N GLU A 12 9.04 0.51 7.25
CA GLU A 12 10.07 1.24 7.96
C GLU A 12 9.67 2.69 8.34
N LEU A 13 9.44 3.56 7.35
CA LEU A 13 9.02 4.95 7.53
C LEU A 13 7.75 5.15 8.37
N ARG A 14 6.87 4.13 8.45
CA ARG A 14 5.65 4.05 9.28
C ARG A 14 4.89 5.39 9.44
N PRO A 15 4.56 6.11 8.34
CA PRO A 15 4.30 7.56 8.34
C PRO A 15 2.91 8.00 8.88
N GLY A 16 2.49 7.48 10.04
CA GLY A 16 1.22 7.82 10.70
C GLY A 16 0.03 6.99 10.20
N LEU A 17 0.28 5.74 9.80
CA LEU A 17 -0.68 4.84 9.16
C LEU A 17 -1.35 3.83 10.12
N LYS A 18 -2.42 3.21 9.64
CA LYS A 18 -2.80 1.82 9.93
C LYS A 18 -3.23 1.05 8.68
N TYR A 19 -3.02 -0.27 8.69
CA TYR A 19 -3.37 -1.19 7.61
C TYR A 19 -4.61 -2.02 7.94
N ASP A 20 -5.52 -2.14 6.97
CA ASP A 20 -6.62 -3.11 6.95
C ASP A 20 -6.57 -3.95 5.66
N PHE A 21 -6.77 -5.26 5.78
CA PHE A 21 -6.66 -6.22 4.68
C PHE A 21 -8.04 -6.66 4.21
N LEU A 22 -8.14 -6.67 2.88
CA LEU A 22 -9.28 -6.71 2.00
C LEU A 22 -8.95 -7.76 0.92
N SER A 23 -9.95 -8.26 0.21
CA SER A 23 -9.74 -8.86 -1.11
C SER A 23 -10.85 -8.51 -2.10
N GLU A 24 -10.50 -8.66 -3.38
CA GLU A 24 -11.37 -8.77 -4.56
C GLU A 24 -11.67 -7.47 -5.33
N SER A 25 -10.81 -6.46 -5.20
CA SER A 25 -10.68 -5.31 -6.12
C SER A 25 -10.13 -5.70 -7.50
N GLY A 26 -10.71 -6.74 -8.11
CA GLY A 26 -10.23 -7.34 -9.36
C GLY A 26 -9.99 -6.30 -10.46
N GLU A 27 -8.92 -6.50 -11.23
CA GLU A 27 -8.46 -5.59 -12.27
C GLU A 27 -8.23 -6.37 -13.57
N SER A 28 -8.22 -5.68 -14.72
CA SER A 28 -8.68 -6.22 -16.02
C SER A 28 -7.99 -7.49 -16.57
N HIS A 29 -6.89 -7.95 -15.97
CA HIS A 29 -6.16 -9.19 -16.33
C HIS A 29 -5.82 -10.09 -15.11
N ALA A 30 -6.19 -9.74 -13.87
CA ALA A 30 -5.73 -10.44 -12.67
C ALA A 30 -6.66 -10.37 -11.43
N LYS A 31 -6.59 -11.42 -10.60
CA LYS A 31 -7.11 -11.51 -9.22
C LYS A 31 -6.52 -10.40 -8.33
N SER A 32 -7.24 -10.00 -7.29
CA SER A 32 -6.83 -8.98 -6.33
C SER A 32 -7.01 -9.47 -4.90
N PHE A 33 -5.91 -9.49 -4.15
CA PHE A 33 -5.93 -9.41 -2.70
C PHE A 33 -5.50 -7.99 -2.39
N VAL A 34 -6.20 -7.35 -1.46
CA VAL A 34 -6.21 -5.90 -1.37
C VAL A 34 -5.71 -5.44 -0.01
N MET A 35 -4.77 -4.50 -0.02
CA MET A 35 -4.31 -3.83 1.19
C MET A 35 -4.80 -2.41 1.18
N SER A 36 -5.53 -2.05 2.22
CA SER A 36 -6.00 -0.71 2.46
C SER A 36 -5.17 -0.05 3.57
N VAL A 37 -4.77 1.20 3.37
CA VAL A 37 -4.12 2.01 4.41
C VAL A 37 -4.84 3.33 4.62
N VAL A 38 -5.04 3.68 5.90
CA VAL A 38 -5.45 5.03 6.33
C VAL A 38 -4.19 5.67 6.90
N VAL A 39 -3.81 6.85 6.39
CA VAL A 39 -2.56 7.54 6.74
C VAL A 39 -2.72 9.05 6.56
N ASP A 40 -2.16 9.87 7.45
CA ASP A 40 -2.24 11.35 7.47
C ASP A 40 -3.65 11.97 7.63
N GLY A 41 -4.70 11.25 7.24
CA GLY A 41 -6.07 11.74 7.02
C GLY A 41 -6.68 11.25 5.69
N GLN A 42 -5.89 10.54 4.88
CA GLN A 42 -6.24 10.00 3.56
C GLN A 42 -6.44 8.48 3.65
N PHE A 43 -6.99 7.88 2.59
CA PHE A 43 -7.21 6.44 2.45
C PHE A 43 -6.78 5.96 1.05
N PHE A 44 -6.14 4.80 0.98
CA PHE A 44 -5.68 4.17 -0.26
C PHE A 44 -6.02 2.68 -0.29
N GLU A 45 -6.21 2.15 -1.49
CA GLU A 45 -6.28 0.72 -1.80
C GLU A 45 -5.11 0.34 -2.71
N GLY A 46 -4.46 -0.76 -2.38
CA GLY A 46 -3.49 -1.44 -3.22
C GLY A 46 -3.96 -2.84 -3.56
N SER A 47 -4.24 -3.09 -4.85
CA SER A 47 -4.82 -4.35 -5.33
C SER A 47 -3.73 -5.18 -6.03
N GLY A 48 -3.35 -6.26 -5.37
CA GLY A 48 -2.17 -7.06 -5.63
C GLY A 48 -2.43 -8.55 -5.61
N ARG A 49 -1.81 -9.31 -6.51
CA ARG A 49 -1.98 -10.77 -6.59
C ARG A 49 -1.61 -11.51 -5.26
N ASN A 50 -0.89 -10.85 -4.34
CA ASN A 50 -0.58 -11.24 -2.95
C ASN A 50 -0.16 -9.97 -2.14
N LYS A 51 -0.16 -9.95 -0.80
CA LYS A 51 0.38 -8.85 0.07
C LYS A 51 1.75 -8.28 -0.36
N LYS A 52 2.69 -9.10 -0.84
CA LYS A 52 3.99 -8.62 -1.39
C LYS A 52 3.86 -7.64 -2.57
N LEU A 53 2.67 -7.55 -3.16
CA LEU A 53 2.28 -6.64 -4.24
C LEU A 53 1.09 -5.75 -3.85
N ALA A 54 0.08 -6.27 -3.14
CA ALA A 54 -1.04 -5.50 -2.59
C ALA A 54 -0.55 -4.35 -1.70
N LYS A 55 0.25 -4.69 -0.68
CA LYS A 55 0.99 -3.70 0.10
C LYS A 55 1.86 -2.81 -0.78
N ALA A 56 2.56 -3.33 -1.79
CA ALA A 56 3.40 -2.56 -2.71
C ALA A 56 2.65 -1.40 -3.40
N ARG A 57 1.51 -1.68 -4.01
CA ARG A 57 0.50 -0.77 -4.55
C ARG A 57 0.01 0.25 -3.52
N ALA A 58 -0.48 -0.23 -2.37
CA ALA A 58 -0.94 0.59 -1.24
C ALA A 58 0.15 1.58 -0.77
N ALA A 59 1.33 1.03 -0.48
CA ALA A 59 2.58 1.73 -0.23
C ALA A 59 2.89 2.75 -1.32
N GLN A 60 2.97 2.37 -2.58
CA GLN A 60 3.27 3.25 -3.71
C GLN A 60 2.36 4.49 -3.75
N SER A 61 1.05 4.26 -3.65
CA SER A 61 0.02 5.30 -3.54
C SER A 61 0.28 6.25 -2.37
N ALA A 62 0.37 5.70 -1.16
CA ALA A 62 0.68 6.42 0.07
C ALA A 62 1.99 7.21 -0.03
N LEU A 63 3.10 6.55 -0.34
CA LEU A 63 4.46 7.08 -0.56
C LEU A 63 4.40 8.33 -1.42
N ALA A 64 3.97 8.20 -2.68
CA ALA A 64 3.88 9.34 -3.60
C ALA A 64 3.08 10.49 -2.98
N THR A 65 1.87 10.18 -2.48
CA THR A 65 1.01 11.15 -1.79
C THR A 65 1.69 11.82 -0.58
N VAL A 66 1.80 11.14 0.58
CA VAL A 66 2.33 11.71 1.83
C VAL A 66 3.74 12.31 1.66
N PHE A 67 4.66 11.63 1.01
CA PHE A 67 5.98 12.19 0.74
C PHE A 67 5.90 13.50 -0.06
N ASN A 68 5.09 13.59 -1.13
CA ASN A 68 4.75 14.91 -1.69
C ASN A 68 4.08 15.93 -0.74
N LEU A 69 3.29 15.48 0.25
CA LEU A 69 2.81 16.38 1.32
C LEU A 69 3.93 17.00 2.16
N HIS A 70 5.03 16.28 2.26
CA HIS A 70 6.26 16.72 2.92
C HIS A 70 7.20 17.55 2.01
N LEU A 71 7.24 17.30 0.69
CA LEU A 71 8.04 18.05 -0.31
C LEU A 71 7.44 18.01 -1.72
N PRO A 1 16.94 2.66 3.88
CA PRO A 1 16.54 2.81 2.46
C PRO A 1 16.70 1.46 1.75
N SER A 2 15.91 0.49 2.20
CA SER A 2 16.49 -0.83 2.55
C SER A 2 16.19 -1.97 1.58
N GLY A 3 15.44 -1.71 0.51
CA GLY A 3 15.22 -2.64 -0.60
C GLY A 3 14.35 -2.07 -1.71
N LYS A 4 14.39 -2.69 -2.89
CA LYS A 4 13.71 -2.25 -4.13
C LYS A 4 12.18 -2.32 -4.13
N ASN A 5 11.53 -2.56 -3.00
CA ASN A 5 10.10 -2.92 -2.89
C ASN A 5 9.38 -1.95 -1.95
N PRO A 6 8.30 -1.28 -2.40
CA PRO A 6 7.69 -0.16 -1.67
C PRO A 6 7.08 -0.51 -0.31
N VAL A 7 6.64 -1.77 -0.11
CA VAL A 7 6.15 -2.22 1.21
C VAL A 7 7.21 -1.93 2.26
N MET A 8 8.42 -2.41 1.99
CA MET A 8 9.61 -2.28 2.81
C MET A 8 9.98 -0.83 3.15
N ILE A 9 9.88 0.10 2.19
CA ILE A 9 10.03 1.55 2.38
C ILE A 9 8.96 2.13 3.32
N LEU A 10 7.68 1.98 2.98
CA LEU A 10 6.56 2.44 3.80
C LEU A 10 6.60 1.87 5.23
N ASN A 11 7.06 0.63 5.33
CA ASN A 11 7.54 -0.01 6.55
C ASN A 11 8.66 0.78 7.25
N GLU A 12 9.79 1.03 6.59
CA GLU A 12 10.90 1.78 7.19
C GLU A 12 10.48 3.17 7.72
N LEU A 13 9.78 3.96 6.91
CA LEU A 13 9.14 5.22 7.29
C LEU A 13 8.13 5.12 8.46
N ARG A 14 7.29 4.08 8.49
CA ARG A 14 6.17 3.79 9.43
C ARG A 14 5.78 4.96 10.37
N PRO A 15 4.99 5.94 9.88
CA PRO A 15 4.25 6.86 10.74
C PRO A 15 3.11 6.11 11.47
N GLY A 16 2.24 6.83 12.18
CA GLY A 16 1.06 6.29 12.89
C GLY A 16 -0.09 5.84 11.98
N LEU A 17 0.21 5.20 10.83
CA LEU A 17 -0.74 4.70 9.85
C LEU A 17 -1.40 3.37 10.27
N LYS A 18 -2.51 3.02 9.62
CA LYS A 18 -3.20 1.72 9.79
C LYS A 18 -3.65 1.05 8.49
N TYR A 19 -3.42 -0.25 8.40
CA TYR A 19 -3.70 -1.08 7.22
C TYR A 19 -4.95 -1.94 7.44
N ASP A 20 -5.78 -1.96 6.42
CA ASP A 20 -7.04 -2.69 6.26
C ASP A 20 -6.89 -3.81 5.21
N PHE A 21 -7.41 -4.99 5.51
CA PHE A 21 -7.34 -6.17 4.64
C PHE A 21 -8.68 -6.40 3.95
N LEU A 22 -8.60 -6.52 2.62
CA LEU A 22 -9.66 -6.55 1.64
C LEU A 22 -9.31 -7.70 0.67
N SER A 23 -10.30 -8.52 0.31
CA SER A 23 -10.09 -9.85 -0.25
C SER A 23 -9.46 -9.94 -1.63
N GLU A 24 -9.72 -9.11 -2.64
CA GLU A 24 -11.04 -8.61 -3.08
C GLU A 24 -11.07 -8.45 -4.61
N SER A 25 -10.04 -7.80 -5.18
CA SER A 25 -9.88 -7.39 -6.58
C SER A 25 -9.61 -8.55 -7.56
N GLY A 26 -10.18 -9.72 -7.29
CA GLY A 26 -10.05 -10.92 -8.12
C GLY A 26 -10.83 -12.15 -7.61
N GLU A 27 -11.76 -11.96 -6.68
CA GLU A 27 -12.55 -13.06 -6.08
C GLU A 27 -13.43 -13.83 -7.09
N SER A 28 -13.56 -13.32 -8.32
CA SER A 28 -14.13 -13.99 -9.49
C SER A 28 -13.35 -15.24 -9.97
N HIS A 29 -12.08 -15.38 -9.57
CA HIS A 29 -11.05 -16.42 -9.83
C HIS A 29 -9.69 -15.77 -10.15
N ALA A 30 -9.68 -14.59 -10.77
CA ALA A 30 -8.50 -13.81 -11.12
C ALA A 30 -7.79 -13.15 -9.90
N LYS A 31 -7.58 -13.92 -8.83
CA LYS A 31 -7.30 -13.51 -7.44
C LYS A 31 -6.29 -12.36 -7.27
N SER A 32 -6.75 -11.30 -6.62
CA SER A 32 -5.97 -10.18 -6.10
C SER A 32 -6.45 -9.91 -4.69
N PHE A 33 -5.53 -9.70 -3.78
CA PHE A 33 -5.75 -9.37 -2.38
C PHE A 33 -5.47 -7.89 -2.30
N VAL A 34 -6.36 -7.23 -1.61
CA VAL A 34 -6.43 -5.79 -1.57
C VAL A 34 -5.99 -5.38 -0.18
N MET A 35 -4.95 -4.55 -0.13
CA MET A 35 -4.49 -3.93 1.11
C MET A 35 -4.74 -2.45 0.98
N SER A 36 -5.41 -1.87 1.97
CA SER A 36 -5.79 -0.47 1.90
C SER A 36 -5.40 0.25 3.19
N VAL A 37 -4.82 1.44 3.11
CA VAL A 37 -4.16 2.09 4.26
C VAL A 37 -4.70 3.49 4.45
N VAL A 38 -4.99 3.86 5.71
CA VAL A 38 -5.27 5.25 6.08
C VAL A 38 -4.00 5.74 6.79
N VAL A 39 -3.39 6.77 6.19
CA VAL A 39 -1.97 7.09 6.44
C VAL A 39 -1.79 8.48 7.05
N ASP A 40 -2.63 9.44 6.64
CA ASP A 40 -2.55 10.87 7.04
C ASP A 40 -3.88 11.46 7.51
N GLY A 41 -4.99 10.75 7.25
CA GLY A 41 -6.30 11.35 6.97
C GLY A 41 -6.72 11.16 5.50
N GLN A 42 -5.77 10.83 4.62
CA GLN A 42 -6.00 10.29 3.28
C GLN A 42 -5.70 8.78 3.23
N PHE A 43 -6.30 8.13 2.23
CA PHE A 43 -6.51 6.68 2.15
C PHE A 43 -6.14 6.14 0.76
N PHE A 44 -5.52 4.96 0.73
CA PHE A 44 -4.92 4.34 -0.46
C PHE A 44 -5.29 2.87 -0.59
N GLU A 45 -5.81 2.45 -1.74
CA GLU A 45 -6.17 1.05 -2.08
C GLU A 45 -5.05 0.43 -2.93
N GLY A 46 -4.63 -0.80 -2.63
CA GLY A 46 -3.63 -1.53 -3.41
C GLY A 46 -4.01 -2.98 -3.68
N SER A 47 -4.20 -3.32 -4.96
CA SER A 47 -4.68 -4.64 -5.41
C SER A 47 -3.54 -5.48 -6.00
N GLY A 48 -3.09 -6.48 -5.23
CA GLY A 48 -1.93 -7.32 -5.54
C GLY A 48 -2.09 -8.82 -5.30
N ARG A 49 -1.45 -9.66 -6.12
CA ARG A 49 -1.48 -11.14 -6.05
C ARG A 49 -1.26 -11.76 -4.64
N ASN A 50 -0.56 -11.08 -3.74
CA ASN A 50 -0.76 -11.16 -2.28
C ASN A 50 -0.31 -9.84 -1.62
N LYS A 51 -0.29 -9.73 -0.28
CA LYS A 51 0.26 -8.59 0.51
C LYS A 51 1.59 -8.05 -0.02
N LYS A 52 2.49 -8.94 -0.46
CA LYS A 52 3.76 -8.62 -1.15
C LYS A 52 3.66 -7.57 -2.27
N LEU A 53 2.50 -7.51 -2.92
CA LEU A 53 2.18 -6.66 -4.07
C LEU A 53 0.98 -5.75 -3.77
N ALA A 54 -0.02 -6.22 -3.02
CA ALA A 54 -1.14 -5.43 -2.49
C ALA A 54 -0.65 -4.24 -1.66
N LYS A 55 0.15 -4.54 -0.63
CA LYS A 55 0.88 -3.53 0.14
C LYS A 55 1.72 -2.69 -0.80
N ALA A 56 2.47 -3.27 -1.75
CA ALA A 56 3.30 -2.51 -2.67
C ALA A 56 2.53 -1.44 -3.44
N ARG A 57 1.39 -1.80 -4.04
CA ARG A 57 0.46 -0.84 -4.65
C ARG A 57 0.00 0.25 -3.69
N ALA A 58 -0.59 -0.13 -2.56
CA ALA A 58 -1.05 0.82 -1.54
C ALA A 58 0.06 1.76 -1.05
N ALA A 59 1.19 1.17 -0.67
CA ALA A 59 2.45 1.80 -0.28
C ALA A 59 3.00 2.76 -1.34
N GLN A 60 3.18 2.35 -2.59
CA GLN A 60 3.62 3.21 -3.68
C GLN A 60 2.71 4.44 -3.83
N SER A 61 1.39 4.19 -3.92
CA SER A 61 0.36 5.23 -4.00
C SER A 61 0.43 6.23 -2.83
N ALA A 62 0.52 5.70 -1.61
CA ALA A 62 0.79 6.44 -0.38
C ALA A 62 2.09 7.24 -0.50
N LEU A 63 3.26 6.60 -0.61
CA LEU A 63 4.58 7.23 -0.78
C LEU A 63 4.53 8.45 -1.68
N ALA A 64 4.06 8.30 -2.91
CA ALA A 64 3.87 9.42 -3.83
C ALA A 64 2.99 10.54 -3.24
N THR A 65 1.72 10.23 -2.94
CA THR A 65 0.74 11.20 -2.40
C THR A 65 1.22 11.90 -1.12
N VAL A 66 1.60 11.11 -0.12
CA VAL A 66 2.10 11.52 1.20
C VAL A 66 3.30 12.44 1.03
N PHE A 67 4.40 11.96 0.45
CA PHE A 67 5.61 12.77 0.25
C PHE A 67 5.39 14.06 -0.55
N ASN A 68 4.58 14.02 -1.64
CA ASN A 68 4.14 15.22 -2.37
C ASN A 68 3.42 16.23 -1.46
N LEU A 69 2.61 15.75 -0.51
CA LEU A 69 2.10 16.54 0.61
C LEU A 69 3.27 17.08 1.46
N HIS A 70 4.07 16.20 2.07
CA HIS A 70 5.43 16.42 2.60
C HIS A 70 6.04 15.14 3.20
N LEU A 71 7.35 15.20 3.48
CA LEU A 71 8.11 14.28 4.33
C LEU A 71 9.16 15.01 5.20
N PRO A 1 9.12 3.94 -4.68
CA PRO A 1 9.89 4.08 -5.94
C PRO A 1 10.81 2.88 -6.22
N SER A 2 11.55 2.91 -7.34
CA SER A 2 12.42 1.82 -7.84
C SER A 2 13.73 1.61 -7.05
N GLY A 3 13.65 1.48 -5.73
CA GLY A 3 14.77 1.20 -4.83
C GLY A 3 14.33 0.54 -3.51
N LYS A 4 15.27 -0.08 -2.80
CA LYS A 4 15.05 -1.00 -1.66
C LYS A 4 13.87 -1.97 -1.94
N ASN A 5 12.70 -1.74 -1.34
CA ASN A 5 11.41 -2.34 -1.65
C ASN A 5 10.30 -1.38 -1.13
N PRO A 6 9.16 -1.18 -1.83
CA PRO A 6 8.21 -0.14 -1.46
C PRO A 6 7.40 -0.46 -0.19
N VAL A 7 7.00 -1.72 -0.01
CA VAL A 7 6.39 -2.18 1.24
C VAL A 7 7.33 -1.83 2.38
N MET A 8 8.56 -2.29 2.24
CA MET A 8 9.63 -2.17 3.19
C MET A 8 9.98 -0.74 3.63
N ILE A 9 10.18 0.22 2.72
CA ILE A 9 10.24 1.65 3.11
C ILE A 9 8.99 2.15 3.83
N LEU A 10 7.78 1.93 3.29
CA LEU A 10 6.54 2.38 3.96
C LEU A 10 6.37 1.86 5.39
N ASN A 11 6.64 0.56 5.54
CA ASN A 11 6.76 -0.20 6.78
C ASN A 11 7.79 0.40 7.74
N GLU A 12 9.01 0.61 7.28
CA GLU A 12 10.08 1.29 8.01
C GLU A 12 9.68 2.71 8.49
N LEU A 13 9.27 3.59 7.56
CA LEU A 13 8.85 4.97 7.82
C LEU A 13 7.70 5.11 8.85
N ARG A 14 6.65 4.28 8.74
CA ARG A 14 5.36 4.39 9.47
C ARG A 14 4.87 5.84 9.71
N PRO A 15 4.52 6.61 8.65
CA PRO A 15 3.81 7.89 8.77
C PRO A 15 2.39 7.74 9.37
N GLY A 16 2.30 7.58 10.70
CA GLY A 16 1.07 7.59 11.49
C GLY A 16 0.03 6.51 11.14
N LEU A 17 0.46 5.36 10.60
CA LEU A 17 -0.42 4.52 9.78
C LEU A 17 -0.95 3.22 10.40
N LYS A 18 -2.06 2.75 9.82
CA LYS A 18 -2.69 1.43 10.00
C LYS A 18 -3.13 0.77 8.70
N TYR A 19 -2.85 -0.52 8.54
CA TYR A 19 -3.28 -1.32 7.39
C TYR A 19 -4.44 -2.25 7.75
N ASP A 20 -5.43 -2.28 6.86
CA ASP A 20 -6.50 -3.27 6.78
C ASP A 20 -6.22 -4.23 5.61
N PHE A 21 -6.39 -5.53 5.84
CA PHE A 21 -6.34 -6.53 4.77
C PHE A 21 -7.76 -7.01 4.42
N LEU A 22 -8.01 -6.99 3.13
CA LEU A 22 -9.26 -7.21 2.42
C LEU A 22 -8.95 -8.27 1.35
N SER A 23 -9.93 -9.06 0.97
CA SER A 23 -9.98 -9.59 -0.40
C SER A 23 -11.21 -9.04 -1.10
N GLU A 24 -11.05 -8.48 -2.30
CA GLU A 24 -12.19 -7.70 -2.86
C GLU A 24 -12.15 -7.60 -4.39
N SER A 25 -11.09 -6.99 -4.89
CA SER A 25 -10.87 -6.69 -6.30
C SER A 25 -11.13 -7.92 -7.18
N GLY A 26 -11.79 -7.72 -8.32
CA GLY A 26 -12.44 -8.78 -9.10
C GLY A 26 -13.23 -8.25 -10.30
N GLU A 27 -12.77 -7.15 -10.90
CA GLU A 27 -13.53 -6.32 -11.84
C GLU A 27 -12.73 -5.99 -13.12
N SER A 28 -11.72 -5.11 -13.04
CA SER A 28 -10.72 -4.89 -14.10
C SER A 28 -9.80 -6.12 -14.30
N HIS A 29 -9.68 -6.93 -13.25
CA HIS A 29 -8.81 -8.10 -13.09
C HIS A 29 -9.51 -9.09 -12.15
N ALA A 30 -9.64 -10.35 -12.57
CA ALA A 30 -10.67 -11.29 -12.08
C ALA A 30 -10.63 -11.65 -10.58
N LYS A 31 -9.46 -11.60 -9.92
CA LYS A 31 -9.33 -11.64 -8.45
C LYS A 31 -8.03 -11.02 -7.95
N SER A 32 -8.17 -10.07 -7.02
CA SER A 32 -7.12 -9.46 -6.21
C SER A 32 -7.50 -9.32 -4.73
N PHE A 33 -6.47 -9.45 -3.91
CA PHE A 33 -6.58 -9.31 -2.47
C PHE A 33 -6.06 -7.92 -2.19
N VAL A 34 -6.83 -7.19 -1.41
CA VAL A 34 -6.74 -5.76 -1.35
C VAL A 34 -6.14 -5.33 -0.01
N MET A 35 -5.15 -4.46 -0.10
CA MET A 35 -4.61 -3.75 1.06
C MET A 35 -5.13 -2.33 1.04
N SER A 36 -5.77 -1.94 2.15
CA SER A 36 -6.25 -0.58 2.35
C SER A 36 -5.59 -0.01 3.60
N VAL A 37 -5.11 1.22 3.50
CA VAL A 37 -4.25 1.85 4.53
C VAL A 37 -4.70 3.26 4.82
N VAL A 38 -4.76 3.62 6.10
CA VAL A 38 -4.92 5.02 6.51
C VAL A 38 -3.54 5.49 6.98
N VAL A 39 -3.03 6.53 6.33
CA VAL A 39 -1.62 6.94 6.34
C VAL A 39 -1.55 8.47 6.32
N ASP A 40 -0.70 9.07 7.17
CA ASP A 40 -0.64 10.50 7.53
C ASP A 40 -1.97 11.07 8.08
N GLY A 41 -2.98 11.13 7.23
CA GLY A 41 -4.37 11.52 7.49
C GLY A 41 -5.28 11.26 6.28
N GLN A 42 -4.82 10.39 5.35
CA GLN A 42 -5.39 10.11 4.04
C GLN A 42 -5.61 8.59 3.89
N PHE A 43 -6.19 8.14 2.77
CA PHE A 43 -6.54 6.74 2.55
C PHE A 43 -6.05 6.24 1.18
N PHE A 44 -5.44 5.04 1.17
CA PHE A 44 -4.79 4.43 0.02
C PHE A 44 -5.19 2.96 -0.13
N GLU A 45 -5.19 2.46 -1.37
CA GLU A 45 -5.67 1.12 -1.72
C GLU A 45 -4.78 0.48 -2.81
N GLY A 46 -4.44 -0.79 -2.59
CA GLY A 46 -3.59 -1.59 -3.46
C GLY A 46 -4.21 -2.96 -3.72
N SER A 47 -4.47 -3.29 -4.98
CA SER A 47 -5.14 -4.53 -5.39
C SER A 47 -4.13 -5.51 -5.99
N GLY A 48 -3.79 -6.54 -5.20
CA GLY A 48 -2.65 -7.42 -5.47
C GLY A 48 -2.92 -8.89 -5.29
N ARG A 49 -2.46 -9.72 -6.22
CA ARG A 49 -2.46 -11.19 -6.10
C ARG A 49 -1.61 -11.77 -4.95
N ASN A 50 -0.91 -10.94 -4.17
CA ASN A 50 -0.21 -11.26 -2.92
C ASN A 50 0.05 -9.94 -2.14
N LYS A 51 0.26 -9.94 -0.82
CA LYS A 51 0.72 -8.77 -0.02
C LYS A 51 2.02 -8.12 -0.52
N LYS A 52 2.99 -8.85 -1.08
CA LYS A 52 4.17 -8.23 -1.76
C LYS A 52 3.82 -7.41 -3.02
N LEU A 53 2.56 -7.44 -3.44
CA LEU A 53 2.00 -6.68 -4.55
C LEU A 53 0.89 -5.72 -4.05
N ALA A 54 -0.10 -6.18 -3.30
CA ALA A 54 -1.13 -5.35 -2.65
C ALA A 54 -0.54 -4.27 -1.76
N LYS A 55 0.34 -4.63 -0.80
CA LYS A 55 1.15 -3.66 -0.06
C LYS A 55 1.98 -2.77 -0.98
N ALA A 56 2.69 -3.30 -1.97
CA ALA A 56 3.53 -2.51 -2.88
C ALA A 56 2.74 -1.40 -3.58
N ARG A 57 1.58 -1.71 -4.16
CA ARG A 57 0.55 -0.82 -4.72
C ARG A 57 0.06 0.24 -3.74
N ALA A 58 -0.49 -0.18 -2.60
CA ALA A 58 -0.95 0.70 -1.53
C ALA A 58 0.16 1.64 -1.04
N ALA A 59 1.32 1.07 -0.73
CA ALA A 59 2.57 1.76 -0.39
C ALA A 59 3.00 2.76 -1.45
N GLN A 60 3.09 2.37 -2.71
CA GLN A 60 3.43 3.22 -3.87
C GLN A 60 2.54 4.46 -3.94
N SER A 61 1.22 4.24 -3.87
CA SER A 61 0.20 5.30 -3.79
C SER A 61 0.46 6.26 -2.61
N ALA A 62 0.56 5.69 -1.40
CA ALA A 62 0.85 6.41 -0.17
C ALA A 62 2.15 7.22 -0.27
N LEU A 63 3.29 6.58 -0.50
CA LEU A 63 4.63 7.16 -0.71
C LEU A 63 4.59 8.36 -1.63
N ALA A 64 4.13 8.17 -2.88
CA ALA A 64 4.06 9.26 -3.85
C ALA A 64 3.25 10.44 -3.28
N THR A 65 2.03 10.17 -2.82
CA THR A 65 1.16 11.17 -2.17
C THR A 65 1.82 11.88 -0.97
N VAL A 66 1.96 11.18 0.16
CA VAL A 66 2.47 11.73 1.42
C VAL A 66 3.85 12.37 1.30
N PHE A 67 4.84 11.73 0.66
CA PHE A 67 6.12 12.37 0.34
C PHE A 67 6.00 13.65 -0.50
N ASN A 68 5.21 13.66 -1.59
CA ASN A 68 4.93 14.90 -2.35
C ASN A 68 4.33 16.02 -1.47
N LEU A 69 3.47 15.65 -0.51
CA LEU A 69 3.01 16.51 0.58
C LEU A 69 4.21 17.02 1.40
N HIS A 70 4.99 16.13 2.00
CA HIS A 70 6.36 16.35 2.50
C HIS A 70 7.07 15.07 2.99
N LEU A 71 6.35 14.21 3.74
CA LEU A 71 6.85 13.06 4.51
C LEU A 71 5.75 12.00 4.76
N PRO A 1 19.66 4.13 -5.27
CA PRO A 1 18.28 3.82 -4.79
C PRO A 1 17.42 3.12 -5.87
N SER A 2 16.33 2.44 -5.51
CA SER A 2 15.81 2.27 -4.14
C SER A 2 16.72 1.39 -3.25
N GLY A 3 17.11 0.20 -3.75
CA GLY A 3 17.83 -0.82 -2.98
C GLY A 3 16.96 -1.67 -2.04
N LYS A 4 15.65 -1.38 -1.99
CA LYS A 4 14.64 -1.97 -1.08
C LYS A 4 13.25 -1.96 -1.72
N ASN A 5 12.43 -2.98 -1.42
CA ASN A 5 11.07 -3.14 -1.95
C ASN A 5 10.13 -2.04 -1.41
N PRO A 6 9.06 -1.62 -2.11
CA PRO A 6 8.28 -0.45 -1.70
C PRO A 6 7.56 -0.61 -0.37
N VAL A 7 7.05 -1.83 -0.09
CA VAL A 7 6.49 -2.15 1.23
C VAL A 7 7.52 -1.85 2.32
N MET A 8 8.74 -2.33 2.13
CA MET A 8 9.87 -2.13 3.03
C MET A 8 10.17 -0.66 3.35
N ILE A 9 10.17 0.23 2.36
CA ILE A 9 10.21 1.70 2.53
C ILE A 9 9.08 2.19 3.44
N LEU A 10 7.83 1.97 3.02
CA LEU A 10 6.65 2.41 3.79
C LEU A 10 6.64 1.88 5.23
N ASN A 11 7.10 0.65 5.39
CA ASN A 11 7.42 -0.02 6.66
C ASN A 11 8.45 0.76 7.51
N GLU A 12 9.61 1.03 6.93
CA GLU A 12 10.71 1.80 7.50
C GLU A 12 10.28 3.21 7.96
N LEU A 13 9.64 3.95 7.04
CA LEU A 13 9.01 5.27 7.22
C LEU A 13 7.93 5.33 8.33
N ARG A 14 7.09 4.28 8.44
CA ARG A 14 5.84 4.15 9.22
C ARG A 14 5.31 5.41 9.96
N PRO A 15 4.62 6.32 9.26
CA PRO A 15 3.78 7.37 9.86
C PRO A 15 2.75 6.86 10.89
N GLY A 16 1.91 7.77 11.39
CA GLY A 16 0.65 7.42 12.06
C GLY A 16 -0.34 6.76 11.09
N LEU A 17 -0.22 5.45 10.87
CA LEU A 17 -1.02 4.69 9.90
C LEU A 17 -1.65 3.39 10.45
N LYS A 18 -2.68 2.89 9.75
CA LYS A 18 -3.31 1.56 9.90
C LYS A 18 -3.58 0.86 8.58
N TYR A 19 -3.26 -0.43 8.48
CA TYR A 19 -3.56 -1.29 7.33
C TYR A 19 -4.73 -2.23 7.64
N ASP A 20 -5.64 -2.34 6.68
CA ASP A 20 -6.86 -3.14 6.72
C ASP A 20 -6.92 -4.07 5.51
N PHE A 21 -7.30 -5.34 5.73
CA PHE A 21 -7.24 -6.40 4.72
C PHE A 21 -8.64 -6.73 4.18
N LEU A 22 -8.72 -6.78 2.85
CA LEU A 22 -9.88 -6.96 2.01
C LEU A 22 -9.51 -7.99 0.93
N SER A 23 -10.36 -8.95 0.64
CA SER A 23 -10.31 -9.68 -0.62
C SER A 23 -11.05 -8.97 -1.76
N GLU A 24 -10.58 -9.20 -2.98
CA GLU A 24 -11.40 -9.35 -4.20
C GLU A 24 -11.71 -8.06 -4.98
N SER A 25 -10.66 -7.29 -5.32
CA SER A 25 -10.66 -6.38 -6.49
C SER A 25 -10.57 -7.18 -7.82
N GLY A 26 -11.44 -8.19 -7.95
CA GLY A 26 -11.69 -9.06 -9.11
C GLY A 26 -10.56 -9.90 -9.70
N GLU A 27 -10.92 -10.60 -10.78
CA GLU A 27 -10.31 -11.89 -11.20
C GLU A 27 -9.69 -11.86 -12.60
N SER A 28 -10.13 -10.94 -13.46
CA SER A 28 -9.98 -11.00 -14.93
C SER A 28 -8.54 -11.00 -15.48
N HIS A 29 -7.57 -10.64 -14.63
CA HIS A 29 -6.14 -10.91 -14.81
C HIS A 29 -5.42 -10.98 -13.46
N ALA A 30 -5.81 -10.13 -12.50
CA ALA A 30 -5.14 -9.98 -11.22
C ALA A 30 -5.41 -11.14 -10.24
N LYS A 31 -6.69 -11.47 -9.99
CA LYS A 31 -7.18 -12.17 -8.77
C LYS A 31 -6.60 -11.53 -7.50
N SER A 32 -7.29 -10.52 -6.99
CA SER A 32 -6.65 -9.50 -6.13
C SER A 32 -6.97 -9.71 -4.65
N PHE A 33 -5.94 -9.59 -3.83
CA PHE A 33 -6.04 -9.34 -2.40
C PHE A 33 -5.67 -7.88 -2.21
N VAL A 34 -6.47 -7.22 -1.39
CA VAL A 34 -6.63 -5.78 -1.42
C VAL A 34 -6.28 -5.25 -0.05
N MET A 35 -5.22 -4.45 -0.01
CA MET A 35 -4.79 -3.81 1.23
C MET A 35 -5.16 -2.34 1.17
N SER A 36 -6.03 -1.94 2.09
CA SER A 36 -6.48 -0.58 2.24
C SER A 36 -5.79 0.03 3.45
N VAL A 37 -5.29 1.26 3.33
CA VAL A 37 -4.48 1.89 4.38
C VAL A 37 -4.92 3.32 4.61
N VAL A 38 -5.04 3.70 5.88
CA VAL A 38 -5.23 5.09 6.29
C VAL A 38 -3.89 5.55 6.82
N VAL A 39 -3.30 6.54 6.16
CA VAL A 39 -1.88 6.94 6.29
C VAL A 39 -1.81 8.46 6.32
N ASP A 40 -1.22 9.05 7.37
CA ASP A 40 -1.11 10.51 7.64
C ASP A 40 -2.45 11.28 7.87
N GLY A 41 -3.53 10.81 7.27
CA GLY A 41 -4.77 11.58 7.03
C GLY A 41 -5.40 11.30 5.65
N GLN A 42 -4.71 10.54 4.80
CA GLN A 42 -5.12 10.12 3.46
C GLN A 42 -5.56 8.63 3.48
N PHE A 43 -6.20 8.16 2.42
CA PHE A 43 -6.64 6.77 2.27
C PHE A 43 -6.29 6.18 0.90
N PHE A 44 -5.84 4.93 0.88
CA PHE A 44 -5.40 4.20 -0.32
C PHE A 44 -5.96 2.77 -0.36
N GLU A 45 -5.99 2.18 -1.56
CA GLU A 45 -6.31 0.77 -1.83
C GLU A 45 -5.31 0.20 -2.84
N GLY A 46 -4.61 -0.85 -2.41
CA GLY A 46 -3.55 -1.52 -3.16
C GLY A 46 -3.98 -2.93 -3.51
N SER A 47 -4.32 -3.17 -4.77
CA SER A 47 -4.94 -4.42 -5.19
C SER A 47 -3.93 -5.30 -5.94
N GLY A 48 -3.45 -6.32 -5.23
CA GLY A 48 -2.32 -7.16 -5.61
C GLY A 48 -2.55 -8.67 -5.38
N ARG A 49 -2.17 -9.54 -6.33
CA ARG A 49 -2.33 -11.00 -6.21
C ARG A 49 -1.85 -11.63 -4.88
N ASN A 50 -0.88 -11.01 -4.18
CA ASN A 50 -0.46 -11.35 -2.81
C ASN A 50 0.10 -10.09 -2.07
N LYS A 51 0.27 -10.11 -0.73
CA LYS A 51 0.69 -8.94 0.09
C LYS A 51 1.87 -8.16 -0.47
N LYS A 52 2.95 -8.82 -0.90
CA LYS A 52 4.14 -8.20 -1.55
C LYS A 52 3.86 -7.40 -2.84
N LEU A 53 2.62 -7.43 -3.33
CA LEU A 53 2.09 -6.66 -4.45
C LEU A 53 0.92 -5.77 -4.01
N ALA A 54 -0.01 -6.27 -3.18
CA ALA A 54 -1.08 -5.49 -2.55
C ALA A 54 -0.54 -4.29 -1.74
N LYS A 55 0.31 -4.56 -0.73
CA LYS A 55 1.17 -3.54 -0.09
C LYS A 55 2.05 -2.80 -1.07
N ALA A 56 2.66 -3.41 -2.11
CA ALA A 56 3.47 -2.63 -3.06
C ALA A 56 2.68 -1.47 -3.67
N ARG A 57 1.49 -1.74 -4.24
CA ARG A 57 0.49 -0.75 -4.68
C ARG A 57 0.06 0.23 -3.59
N ALA A 58 -0.40 -0.26 -2.45
CA ALA A 58 -0.79 0.58 -1.30
C ALA A 58 0.34 1.51 -0.84
N ALA A 59 1.49 0.94 -0.48
CA ALA A 59 2.76 1.64 -0.26
C ALA A 59 3.11 2.65 -1.37
N GLN A 60 3.10 2.27 -2.64
CA GLN A 60 3.39 3.14 -3.79
C GLN A 60 2.50 4.38 -3.81
N SER A 61 1.18 4.18 -3.70
CA SER A 61 0.17 5.24 -3.60
C SER A 61 0.46 6.20 -2.43
N ALA A 62 0.64 5.62 -1.24
CA ALA A 62 1.00 6.33 -0.02
C ALA A 62 2.29 7.15 -0.19
N LEU A 63 3.42 6.49 -0.49
CA LEU A 63 4.76 7.07 -0.74
C LEU A 63 4.66 8.28 -1.65
N ALA A 64 4.15 8.10 -2.88
CA ALA A 64 4.01 9.20 -3.83
C ALA A 64 3.20 10.36 -3.24
N THR A 65 2.01 10.09 -2.70
CA THR A 65 1.16 11.10 -2.04
C THR A 65 1.88 11.83 -0.90
N VAL A 66 2.17 11.15 0.21
CA VAL A 66 2.79 11.78 1.38
C VAL A 66 4.10 12.50 1.05
N PHE A 67 5.01 11.88 0.32
CA PHE A 67 6.22 12.56 -0.19
C PHE A 67 5.93 13.80 -1.06
N ASN A 68 4.89 13.82 -1.92
CA ASN A 68 4.44 15.02 -2.62
C ASN A 68 4.11 16.16 -1.66
N LEU A 69 3.39 15.81 -0.58
CA LEU A 69 3.06 16.72 0.51
C LEU A 69 4.08 16.76 1.67
N HIS A 70 5.24 16.18 1.40
CA HIS A 70 6.56 16.51 1.94
C HIS A 70 6.79 16.13 3.41
N LEU A 71 6.22 14.99 3.84
CA LEU A 71 6.50 14.30 5.11
C LEU A 71 6.43 12.75 4.99
N PRO A 1 15.43 4.98 3.21
CA PRO A 1 14.78 4.55 1.95
C PRO A 1 15.42 3.28 1.35
N SER A 2 14.73 2.15 1.49
CA SER A 2 15.23 0.78 1.30
C SER A 2 14.55 0.06 0.12
N GLY A 3 14.00 0.84 -0.84
CA GLY A 3 12.96 0.49 -1.81
C GLY A 3 13.20 -0.57 -2.89
N LYS A 4 13.79 -1.72 -2.56
CA LYS A 4 13.76 -2.94 -3.42
C LYS A 4 12.32 -3.44 -3.63
N ASN A 5 11.43 -3.13 -2.68
CA ASN A 5 9.97 -3.20 -2.79
C ASN A 5 9.38 -2.02 -1.97
N PRO A 6 8.36 -1.29 -2.46
CA PRO A 6 7.81 -0.11 -1.77
C PRO A 6 7.22 -0.41 -0.39
N VAL A 7 6.73 -1.63 -0.15
CA VAL A 7 6.22 -2.01 1.18
C VAL A 7 7.27 -1.75 2.24
N MET A 8 8.49 -2.20 1.98
CA MET A 8 9.64 -2.04 2.87
C MET A 8 9.93 -0.58 3.25
N ILE A 9 9.87 0.37 2.29
CA ILE A 9 9.86 1.82 2.57
C ILE A 9 8.74 2.25 3.52
N LEU A 10 7.49 1.98 3.13
CA LEU A 10 6.31 2.34 3.92
C LEU A 10 6.36 1.77 5.34
N ASN A 11 6.89 0.55 5.44
CA ASN A 11 7.36 -0.12 6.65
C ASN A 11 8.40 0.71 7.43
N GLU A 12 9.56 1.00 6.83
CA GLU A 12 10.66 1.74 7.48
C GLU A 12 10.20 3.09 8.04
N LEU A 13 9.57 3.93 7.20
CA LEU A 13 8.91 5.18 7.56
C LEU A 13 7.79 5.08 8.61
N ARG A 14 6.94 4.03 8.55
CA ARG A 14 5.59 3.91 9.16
C ARG A 14 5.07 5.13 9.95
N PRO A 15 4.67 6.24 9.28
CA PRO A 15 4.27 7.50 9.93
C PRO A 15 2.89 7.45 10.62
N GLY A 16 2.74 6.61 11.65
CA GLY A 16 1.54 6.54 12.52
C GLY A 16 0.28 5.99 11.81
N LEU A 17 0.48 5.15 10.79
CA LEU A 17 -0.56 4.66 9.88
C LEU A 17 -1.20 3.33 10.34
N LYS A 18 -2.32 2.95 9.70
CA LYS A 18 -3.03 1.68 9.92
C LYS A 18 -3.46 0.99 8.62
N TYR A 19 -3.26 -0.31 8.54
CA TYR A 19 -3.62 -1.13 7.38
C TYR A 19 -4.89 -1.95 7.65
N ASP A 20 -5.78 -1.95 6.68
CA ASP A 20 -7.05 -2.69 6.65
C ASP A 20 -7.08 -3.59 5.41
N PHE A 21 -7.21 -4.90 5.61
CA PHE A 21 -7.00 -5.93 4.59
C PHE A 21 -8.31 -6.51 4.10
N LEU A 22 -8.42 -6.57 2.76
CA LEU A 22 -9.55 -7.07 2.02
C LEU A 22 -8.99 -8.00 0.94
N SER A 23 -9.86 -8.74 0.29
CA SER A 23 -9.49 -9.69 -0.75
C SER A 23 -10.60 -9.85 -1.78
N GLU A 24 -10.23 -10.44 -2.91
CA GLU A 24 -11.10 -10.77 -4.04
C GLU A 24 -11.46 -9.54 -4.90
N SER A 25 -10.46 -8.67 -5.08
CA SER A 25 -10.36 -7.78 -6.25
C SER A 25 -10.22 -8.56 -7.59
N GLY A 26 -10.12 -9.89 -7.52
CA GLY A 26 -10.09 -10.84 -8.62
C GLY A 26 -10.24 -12.27 -8.11
N GLU A 27 -10.62 -13.19 -8.98
CA GLU A 27 -10.71 -14.63 -8.70
C GLU A 27 -10.21 -15.46 -9.90
N SER A 28 -9.75 -16.67 -9.61
CA SER A 28 -9.51 -17.83 -10.49
C SER A 28 -9.71 -17.57 -12.00
N HIS A 29 -8.74 -17.02 -12.75
CA HIS A 29 -7.30 -16.89 -12.45
C HIS A 29 -6.82 -15.44 -12.22
N ALA A 30 -7.73 -14.46 -12.17
CA ALA A 30 -7.44 -13.07 -11.79
C ALA A 30 -7.21 -12.87 -10.26
N LYS A 31 -7.27 -13.97 -9.47
CA LYS A 31 -7.10 -14.05 -8.01
C LYS A 31 -6.21 -12.97 -7.39
N SER A 32 -6.83 -11.99 -6.74
CA SER A 32 -6.17 -10.78 -6.21
C SER A 32 -6.61 -10.43 -4.79
N PHE A 33 -5.63 -10.10 -3.95
CA PHE A 33 -5.74 -9.72 -2.55
C PHE A 33 -5.55 -8.22 -2.45
N VAL A 34 -6.37 -7.51 -1.68
CA VAL A 34 -6.34 -6.05 -1.67
C VAL A 34 -6.06 -5.43 -0.30
N MET A 35 -5.09 -4.52 -0.25
CA MET A 35 -4.63 -3.88 0.98
C MET A 35 -4.95 -2.41 0.94
N SER A 36 -5.65 -1.97 1.98
CA SER A 36 -6.02 -0.58 2.18
C SER A 36 -5.34 0.01 3.42
N VAL A 37 -4.94 1.27 3.35
CA VAL A 37 -4.18 1.95 4.42
C VAL A 37 -4.74 3.35 4.68
N VAL A 38 -4.90 3.72 5.96
CA VAL A 38 -5.23 5.08 6.39
C VAL A 38 -3.93 5.67 6.94
N VAL A 39 -3.45 6.74 6.29
CA VAL A 39 -2.04 7.16 6.35
C VAL A 39 -1.85 8.66 6.62
N ASP A 40 -2.77 9.49 6.13
CA ASP A 40 -2.52 10.93 5.94
C ASP A 40 -3.72 11.82 6.37
N GLY A 41 -4.67 11.22 7.08
CA GLY A 41 -6.08 11.66 7.12
C GLY A 41 -6.83 11.18 5.86
N GLN A 42 -6.06 10.67 4.89
CA GLN A 42 -6.48 10.06 3.65
C GLN A 42 -6.32 8.54 3.69
N PHE A 43 -6.98 7.89 2.73
CA PHE A 43 -7.12 6.45 2.62
C PHE A 43 -6.75 6.00 1.21
N PHE A 44 -6.03 4.88 1.11
CA PHE A 44 -5.45 4.33 -0.11
C PHE A 44 -5.77 2.84 -0.19
N GLU A 45 -5.85 2.26 -1.39
CA GLU A 45 -6.01 0.82 -1.60
C GLU A 45 -5.16 0.34 -2.79
N GLY A 46 -4.49 -0.79 -2.59
CA GLY A 46 -3.64 -1.47 -3.55
C GLY A 46 -4.06 -2.92 -3.72
N SER A 47 -4.38 -3.34 -4.94
CA SER A 47 -4.81 -4.69 -5.26
C SER A 47 -3.69 -5.47 -5.95
N GLY A 48 -3.28 -6.57 -5.30
CA GLY A 48 -2.10 -7.35 -5.63
C GLY A 48 -2.24 -8.87 -5.50
N ARG A 49 -1.53 -9.65 -6.32
CA ARG A 49 -1.50 -11.12 -6.25
C ARG A 49 -1.25 -11.75 -4.86
N ASN A 50 -0.58 -11.04 -3.95
CA ASN A 50 -0.72 -11.15 -2.48
C ASN A 50 -0.15 -9.88 -1.82
N LYS A 51 -0.10 -9.78 -0.49
CA LYS A 51 0.42 -8.63 0.30
C LYS A 51 1.74 -8.04 -0.18
N LYS A 52 2.72 -8.86 -0.62
CA LYS A 52 3.99 -8.38 -1.24
C LYS A 52 3.82 -7.46 -2.46
N LEU A 53 2.63 -7.44 -3.05
CA LEU A 53 2.22 -6.64 -4.20
C LEU A 53 0.98 -5.75 -3.88
N ALA A 54 0.00 -6.27 -3.15
CA ALA A 54 -1.15 -5.52 -2.63
C ALA A 54 -0.71 -4.32 -1.77
N LYS A 55 0.07 -4.61 -0.71
CA LYS A 55 0.76 -3.59 0.09
C LYS A 55 1.62 -2.73 -0.83
N ALA A 56 2.41 -3.27 -1.77
CA ALA A 56 3.25 -2.50 -2.68
C ALA A 56 2.47 -1.44 -3.47
N ARG A 57 1.33 -1.81 -4.06
CA ARG A 57 0.40 -0.87 -4.68
C ARG A 57 -0.06 0.23 -3.71
N ALA A 58 -0.67 -0.17 -2.60
CA ALA A 58 -1.18 0.74 -1.57
C ALA A 58 -0.09 1.71 -1.06
N ALA A 59 1.03 1.11 -0.65
CA ALA A 59 2.29 1.72 -0.25
C ALA A 59 2.79 2.71 -1.29
N GLN A 60 3.03 2.30 -2.54
CA GLN A 60 3.53 3.18 -3.60
C GLN A 60 2.63 4.40 -3.78
N SER A 61 1.32 4.19 -3.85
CA SER A 61 0.31 5.25 -3.92
C SER A 61 0.44 6.25 -2.77
N ALA A 62 0.39 5.75 -1.53
CA ALA A 62 0.62 6.53 -0.30
C ALA A 62 1.97 7.26 -0.31
N LEU A 63 3.08 6.55 -0.55
CA LEU A 63 4.46 7.05 -0.67
C LEU A 63 4.51 8.26 -1.60
N ALA A 64 4.13 8.08 -2.87
CA ALA A 64 4.13 9.17 -3.85
C ALA A 64 3.32 10.37 -3.34
N THR A 65 2.12 10.12 -2.81
CA THR A 65 1.29 11.15 -2.15
C THR A 65 2.03 11.88 -1.02
N VAL A 66 2.21 11.25 0.15
CA VAL A 66 2.84 11.87 1.33
C VAL A 66 4.23 12.44 1.05
N PHE A 67 5.07 11.76 0.28
CA PHE A 67 6.36 12.30 -0.17
C PHE A 67 6.25 13.59 -0.99
N ASN A 68 5.32 13.70 -1.96
CA ASN A 68 4.93 14.99 -2.54
C ASN A 68 4.46 16.04 -1.50
N LEU A 69 3.78 15.63 -0.42
CA LEU A 69 3.47 16.53 0.72
C LEU A 69 4.72 16.88 1.57
N HIS A 70 5.76 16.05 1.46
CA HIS A 70 7.05 16.11 2.16
C HIS A 70 6.95 15.62 3.61
N LEU A 71 6.24 14.49 3.81
CA LEU A 71 6.01 13.79 5.07
C LEU A 71 6.36 12.28 4.95
N PRO A 1 16.73 4.05 4.41
CA PRO A 1 16.33 3.42 3.14
C PRO A 1 16.74 1.94 3.05
N SER A 2 15.85 1.07 3.51
CA SER A 2 16.03 -0.39 3.63
C SER A 2 16.19 -1.14 2.30
N GLY A 3 15.67 -0.60 1.19
CA GLY A 3 15.81 -1.16 -0.16
C GLY A 3 14.86 -0.56 -1.19
N LYS A 4 14.90 -1.09 -2.42
CA LYS A 4 13.99 -0.72 -3.53
C LYS A 4 12.54 -1.20 -3.32
N ASN A 5 12.33 -2.26 -2.52
CA ASN A 5 11.01 -2.82 -2.20
C ASN A 5 10.08 -1.74 -1.57
N PRO A 6 8.93 -1.41 -2.17
CA PRO A 6 8.10 -0.30 -1.70
C PRO A 6 7.36 -0.60 -0.39
N VAL A 7 6.90 -1.84 -0.18
CA VAL A 7 6.32 -2.26 1.11
C VAL A 7 7.30 -1.92 2.22
N MET A 8 8.51 -2.43 2.06
CA MET A 8 9.60 -2.33 2.99
C MET A 8 10.02 -0.90 3.40
N ILE A 9 10.26 0.02 2.47
CA ILE A 9 10.37 1.46 2.80
C ILE A 9 9.16 2.03 3.54
N LEU A 10 7.94 1.78 3.07
CA LEU A 10 6.71 2.21 3.78
C LEU A 10 6.62 1.71 5.23
N ASN A 11 6.98 0.44 5.43
CA ASN A 11 7.15 -0.24 6.71
C ASN A 11 8.14 0.49 7.62
N GLU A 12 9.34 0.74 7.12
CA GLU A 12 10.41 1.50 7.76
C GLU A 12 9.98 2.93 8.16
N LEU A 13 9.63 3.76 7.17
CA LEU A 13 9.09 5.11 7.34
C LEU A 13 7.81 5.24 8.19
N ARG A 14 6.98 4.19 8.31
CA ARG A 14 5.69 4.09 9.05
C ARG A 14 4.95 5.42 9.32
N PRO A 15 4.53 6.17 8.27
CA PRO A 15 4.19 7.61 8.34
C PRO A 15 2.85 7.99 9.05
N GLY A 16 2.50 7.32 10.16
CA GLY A 16 1.30 7.63 10.96
C GLY A 16 0.04 6.89 10.49
N LEU A 17 0.20 5.68 9.95
CA LEU A 17 -0.81 4.91 9.26
C LEU A 17 -1.45 3.75 10.06
N LYS A 18 -2.50 3.17 9.48
CA LYS A 18 -3.06 1.83 9.76
C LYS A 18 -3.38 1.08 8.47
N TYR A 19 -3.10 -0.23 8.45
CA TYR A 19 -3.41 -1.13 7.33
C TYR A 19 -4.62 -2.00 7.67
N ASP A 20 -5.53 -2.13 6.70
CA ASP A 20 -6.73 -2.97 6.75
C ASP A 20 -6.78 -3.85 5.49
N PHE A 21 -6.94 -5.16 5.69
CA PHE A 21 -6.82 -6.17 4.65
C PHE A 21 -8.19 -6.72 4.23
N LEU A 22 -8.38 -6.74 2.91
CA LEU A 22 -9.54 -7.19 2.21
C LEU A 22 -9.02 -8.10 1.08
N SER A 23 -9.91 -8.80 0.40
CA SER A 23 -9.54 -9.60 -0.76
C SER A 23 -10.68 -9.64 -1.78
N GLU A 24 -10.36 -10.17 -2.95
CA GLU A 24 -11.26 -10.68 -3.98
C GLU A 24 -11.42 -9.72 -5.17
N SER A 25 -10.57 -8.70 -5.26
CA SER A 25 -10.20 -8.09 -6.54
C SER A 25 -9.65 -9.15 -7.52
N GLY A 26 -9.44 -8.77 -8.78
CA GLY A 26 -8.93 -9.64 -9.85
C GLY A 26 -8.52 -8.83 -11.10
N GLU A 27 -7.95 -7.64 -10.87
CA GLU A 27 -7.69 -6.60 -11.89
C GLU A 27 -6.88 -7.03 -13.12
N SER A 28 -6.05 -8.08 -13.01
CA SER A 28 -5.29 -8.67 -14.14
C SER A 28 -5.17 -10.21 -14.10
N HIS A 29 -5.78 -10.89 -13.12
CA HIS A 29 -5.73 -12.36 -12.96
C HIS A 29 -6.92 -12.89 -12.13
N ALA A 30 -7.12 -14.22 -12.15
CA ALA A 30 -8.20 -14.94 -11.46
C ALA A 30 -8.33 -14.68 -9.94
N LYS A 31 -7.29 -14.20 -9.26
CA LYS A 31 -7.37 -13.69 -7.87
C LYS A 31 -6.39 -12.55 -7.57
N SER A 32 -6.87 -11.59 -6.79
CA SER A 32 -6.14 -10.48 -6.18
C SER A 32 -6.54 -10.29 -4.71
N PHE A 33 -5.56 -10.07 -3.85
CA PHE A 33 -5.75 -9.77 -2.43
C PHE A 33 -5.50 -8.28 -2.27
N VAL A 34 -6.36 -7.59 -1.52
CA VAL A 34 -6.34 -6.11 -1.49
C VAL A 34 -6.01 -5.50 -0.12
N MET A 35 -5.13 -4.51 -0.16
CA MET A 35 -4.65 -3.79 1.02
C MET A 35 -5.08 -2.34 0.96
N SER A 36 -5.66 -1.88 2.05
CA SER A 36 -6.08 -0.50 2.24
C SER A 36 -5.36 0.16 3.41
N VAL A 37 -4.88 1.39 3.22
CA VAL A 37 -4.21 2.18 4.27
C VAL A 37 -4.92 3.50 4.51
N VAL A 38 -5.09 3.84 5.78
CA VAL A 38 -5.46 5.20 6.23
C VAL A 38 -4.19 5.82 6.79
N VAL A 39 -3.83 7.01 6.30
CA VAL A 39 -2.63 7.76 6.70
C VAL A 39 -2.90 9.27 6.60
N ASP A 40 -2.27 10.08 7.46
CA ASP A 40 -2.43 11.55 7.60
C ASP A 40 -3.88 12.00 7.96
N GLY A 41 -4.81 11.79 7.05
CA GLY A 41 -6.26 11.93 7.19
C GLY A 41 -7.03 11.43 5.95
N GLN A 42 -6.37 10.60 5.13
CA GLN A 42 -6.77 10.16 3.79
C GLN A 42 -6.58 8.64 3.60
N PHE A 43 -7.14 8.09 2.52
CA PHE A 43 -7.33 6.65 2.33
C PHE A 43 -6.93 6.18 0.92
N PHE A 44 -6.22 5.06 0.86
CA PHE A 44 -5.64 4.46 -0.36
C PHE A 44 -5.91 2.96 -0.42
N GLU A 45 -5.94 2.38 -1.63
CA GLU A 45 -6.21 0.96 -1.88
C GLU A 45 -5.28 0.38 -2.95
N GLY A 46 -4.75 -0.81 -2.66
CA GLY A 46 -3.73 -1.52 -3.40
C GLY A 46 -4.09 -2.99 -3.60
N SER A 47 -4.48 -3.40 -4.82
CA SER A 47 -4.92 -4.77 -5.10
C SER A 47 -3.83 -5.54 -5.85
N GLY A 48 -3.32 -6.56 -5.17
CA GLY A 48 -2.13 -7.33 -5.58
C GLY A 48 -2.25 -8.84 -5.45
N ARG A 49 -1.67 -9.62 -6.39
CA ARG A 49 -1.57 -11.10 -6.36
C ARG A 49 -1.53 -11.71 -4.94
N ASN A 50 -0.59 -11.25 -4.09
CA ASN A 50 -0.66 -11.37 -2.62
C ASN A 50 -0.19 -10.05 -1.94
N LYS A 51 -0.10 -10.00 -0.60
CA LYS A 51 0.38 -8.82 0.18
C LYS A 51 1.64 -8.16 -0.38
N LYS A 52 2.67 -8.91 -0.78
CA LYS A 52 3.90 -8.37 -1.39
C LYS A 52 3.71 -7.44 -2.61
N LEU A 53 2.52 -7.48 -3.23
CA LEU A 53 2.10 -6.62 -4.32
C LEU A 53 0.91 -5.74 -3.89
N ALA A 54 -0.05 -6.25 -3.11
CA ALA A 54 -1.16 -5.48 -2.52
C ALA A 54 -0.66 -4.28 -1.71
N LYS A 55 0.23 -4.53 -0.73
CA LYS A 55 1.07 -3.50 -0.11
C LYS A 55 1.89 -2.74 -1.12
N ALA A 56 2.56 -3.30 -2.14
CA ALA A 56 3.38 -2.49 -3.05
C ALA A 56 2.57 -1.36 -3.68
N ARG A 57 1.37 -1.68 -4.18
CA ARG A 57 0.34 -0.76 -4.67
C ARG A 57 -0.07 0.29 -3.61
N ALA A 58 -0.64 -0.18 -2.49
CA ALA A 58 -1.08 0.65 -1.35
C ALA A 58 0.04 1.54 -0.80
N ALA A 59 1.17 0.93 -0.42
CA ALA A 59 2.44 1.59 -0.16
C ALA A 59 2.81 2.68 -1.15
N GLN A 60 3.04 2.39 -2.44
CA GLN A 60 3.48 3.39 -3.43
C GLN A 60 2.52 4.59 -3.48
N SER A 61 1.21 4.34 -3.50
CA SER A 61 0.18 5.39 -3.47
C SER A 61 0.33 6.32 -2.25
N ALA A 62 0.30 5.72 -1.06
CA ALA A 62 0.54 6.42 0.21
C ALA A 62 1.88 7.16 0.23
N LEU A 63 2.99 6.49 -0.12
CA LEU A 63 4.35 7.04 -0.16
C LEU A 63 4.41 8.30 -1.01
N ALA A 64 4.05 8.22 -2.29
CA ALA A 64 4.06 9.37 -3.18
C ALA A 64 3.22 10.53 -2.59
N THR A 65 2.00 10.23 -2.12
CA THR A 65 1.16 11.20 -1.39
C THR A 65 1.85 11.84 -0.18
N VAL A 66 2.07 11.09 0.92
CA VAL A 66 2.68 11.62 2.15
C VAL A 66 4.03 12.28 1.93
N PHE A 67 4.90 11.73 1.08
CA PHE A 67 6.13 12.39 0.65
C PHE A 67 5.92 13.77 0.00
N ASN A 68 4.95 13.93 -0.92
CA ASN A 68 4.45 15.25 -1.36
C ASN A 68 3.95 16.16 -0.21
N LEU A 69 3.33 15.61 0.84
CA LEU A 69 3.01 16.37 2.07
C LEU A 69 4.26 16.75 2.88
N HIS A 70 5.31 15.92 2.80
CA HIS A 70 6.67 16.03 3.34
C HIS A 70 6.84 15.35 4.73
N LEU A 71 6.18 14.20 4.95
CA LEU A 71 6.37 13.32 6.13
C LEU A 71 6.36 11.81 5.82
N PRO A 1 16.97 2.43 5.97
CA PRO A 1 17.89 1.80 5.00
C PRO A 1 17.43 0.39 4.59
N SER A 2 17.11 0.13 3.31
CA SER A 2 17.17 1.05 2.16
C SER A 2 16.11 0.74 1.08
N GLY A 3 14.97 0.18 1.49
CA GLY A 3 13.85 -0.16 0.61
C GLY A 3 14.02 -1.49 -0.12
N LYS A 4 14.62 -1.46 -1.31
CA LYS A 4 14.64 -2.51 -2.37
C LYS A 4 13.25 -2.94 -2.88
N ASN A 5 12.21 -2.77 -2.10
CA ASN A 5 10.78 -2.86 -2.46
C ASN A 5 10.00 -1.72 -1.76
N PRO A 6 8.84 -1.29 -2.30
CA PRO A 6 8.08 -0.17 -1.74
C PRO A 6 7.48 -0.41 -0.36
N VAL A 7 7.01 -1.64 -0.08
CA VAL A 7 6.44 -2.01 1.23
C VAL A 7 7.40 -1.64 2.32
N MET A 8 8.65 -2.04 2.17
CA MET A 8 9.73 -1.78 3.11
C MET A 8 9.96 -0.29 3.44
N ILE A 9 10.11 0.59 2.45
CA ILE A 9 10.22 2.06 2.65
C ILE A 9 9.03 2.62 3.43
N LEU A 10 7.82 2.28 2.96
CA LEU A 10 6.55 2.65 3.60
C LEU A 10 6.56 2.19 5.07
N ASN A 11 6.89 0.92 5.27
CA ASN A 11 7.00 0.25 6.57
C ASN A 11 7.97 0.96 7.52
N GLU A 12 9.17 1.20 7.02
CA GLU A 12 10.27 1.91 7.68
C GLU A 12 9.88 3.33 8.14
N LEU A 13 9.47 4.20 7.22
CA LEU A 13 8.94 5.53 7.54
C LEU A 13 7.73 5.56 8.50
N ARG A 14 6.79 4.60 8.35
CA ARG A 14 5.53 4.43 9.11
C ARG A 14 4.87 5.76 9.61
N PRO A 15 4.40 6.64 8.70
CA PRO A 15 4.02 8.01 9.05
C PRO A 15 2.81 8.11 10.01
N GLY A 16 1.87 7.18 9.88
CA GLY A 16 0.66 7.06 10.72
C GLY A 16 -0.17 5.81 10.42
N LEU A 17 0.48 4.76 9.89
CA LEU A 17 -0.12 3.59 9.27
C LEU A 17 -1.07 2.79 10.17
N LYS A 18 -2.20 2.41 9.59
CA LYS A 18 -2.93 1.17 9.86
C LYS A 18 -3.37 0.52 8.57
N TYR A 19 -3.19 -0.80 8.50
CA TYR A 19 -3.50 -1.61 7.32
C TYR A 19 -4.78 -2.42 7.55
N ASP A 20 -5.62 -2.41 6.52
CA ASP A 20 -6.94 -3.03 6.45
C ASP A 20 -6.96 -4.04 5.29
N PHE A 21 -7.53 -5.23 5.54
CA PHE A 21 -7.54 -6.32 4.57
C PHE A 21 -8.92 -6.49 3.92
N LEU A 22 -8.87 -6.49 2.60
CA LEU A 22 -9.94 -6.54 1.61
C LEU A 22 -9.49 -7.60 0.57
N SER A 23 -10.40 -8.37 -0.01
CA SER A 23 -10.12 -9.52 -0.88
C SER A 23 -10.94 -9.42 -2.17
N GLU A 24 -10.65 -8.42 -3.01
CA GLU A 24 -11.72 -7.55 -3.52
C GLU A 24 -11.60 -7.19 -5.00
N SER A 25 -10.44 -6.68 -5.41
CA SER A 25 -10.07 -6.45 -6.80
C SER A 25 -9.87 -7.80 -7.55
N GLY A 26 -9.50 -7.75 -8.83
CA GLY A 26 -9.15 -8.93 -9.63
C GLY A 26 -8.68 -8.63 -11.05
N GLU A 27 -8.16 -9.68 -11.68
CA GLU A 27 -7.84 -9.78 -13.10
C GLU A 27 -8.11 -11.22 -13.54
N SER A 28 -8.48 -11.41 -14.81
CA SER A 28 -9.35 -12.45 -15.43
C SER A 28 -9.22 -13.94 -15.02
N HIS A 29 -8.21 -14.33 -14.24
CA HIS A 29 -8.09 -15.65 -13.60
C HIS A 29 -7.37 -15.53 -12.23
N ALA A 30 -7.99 -15.03 -11.16
CA ALA A 30 -9.36 -14.50 -11.03
C ALA A 30 -9.53 -13.39 -9.95
N LYS A 31 -8.49 -13.08 -9.15
CA LYS A 31 -8.60 -12.32 -7.89
C LYS A 31 -7.34 -11.51 -7.56
N SER A 32 -7.53 -10.42 -6.82
CA SER A 32 -6.51 -9.55 -6.22
C SER A 32 -6.90 -9.22 -4.77
N PHE A 33 -5.91 -9.31 -3.88
CA PHE A 33 -6.11 -9.06 -2.47
C PHE A 33 -5.73 -7.61 -2.29
N VAL A 34 -6.63 -6.92 -1.62
CA VAL A 34 -6.62 -5.48 -1.55
C VAL A 34 -6.19 -5.09 -0.15
N MET A 35 -5.06 -4.43 -0.08
CA MET A 35 -4.52 -3.89 1.17
C MET A 35 -4.75 -2.39 1.15
N SER A 36 -5.43 -1.89 2.17
CA SER A 36 -5.84 -0.49 2.24
C SER A 36 -5.29 0.14 3.51
N VAL A 37 -4.73 1.35 3.42
CA VAL A 37 -3.97 1.99 4.50
C VAL A 37 -4.46 3.39 4.80
N VAL A 38 -4.60 3.70 6.10
CA VAL A 38 -4.82 5.07 6.59
C VAL A 38 -3.48 5.51 7.18
N VAL A 39 -2.97 6.65 6.70
CA VAL A 39 -1.54 6.99 6.78
C VAL A 39 -1.24 8.42 7.24
N ASP A 40 -2.11 9.37 6.86
CA ASP A 40 -1.79 10.80 6.85
C ASP A 40 -3.04 11.67 7.12
N GLY A 41 -4.01 11.09 7.83
CA GLY A 41 -5.41 11.56 7.88
C GLY A 41 -6.21 11.14 6.64
N GLN A 42 -5.53 10.71 5.57
CA GLN A 42 -6.08 10.17 4.33
C GLN A 42 -5.76 8.68 4.16
N PHE A 43 -6.43 8.10 3.17
CA PHE A 43 -6.62 6.67 2.97
C PHE A 43 -6.36 6.27 1.51
N PHE A 44 -5.71 5.13 1.32
CA PHE A 44 -5.24 4.60 0.04
C PHE A 44 -5.57 3.11 -0.08
N GLU A 45 -5.70 2.58 -1.30
CA GLU A 45 -6.08 1.19 -1.57
C GLU A 45 -5.14 0.57 -2.63
N GLY A 46 -4.69 -0.65 -2.36
CA GLY A 46 -3.59 -1.31 -3.06
C GLY A 46 -3.94 -2.74 -3.48
N SER A 47 -4.11 -2.98 -4.78
CA SER A 47 -4.68 -4.23 -5.31
C SER A 47 -3.62 -5.14 -5.92
N GLY A 48 -3.27 -6.20 -5.19
CA GLY A 48 -2.23 -7.16 -5.56
C GLY A 48 -2.53 -8.63 -5.28
N ARG A 49 -2.23 -9.52 -6.23
CA ARG A 49 -2.48 -10.97 -6.11
C ARG A 49 -1.97 -11.66 -4.82
N ASN A 50 -0.96 -11.11 -4.13
CA ASN A 50 -0.71 -11.35 -2.70
C ASN A 50 -0.06 -10.11 -2.03
N LYS A 51 0.19 -10.11 -0.72
CA LYS A 51 0.69 -8.96 0.08
C LYS A 51 1.87 -8.22 -0.54
N LYS A 52 2.91 -8.93 -0.99
CA LYS A 52 4.09 -8.36 -1.68
C LYS A 52 3.79 -7.52 -2.94
N LEU A 53 2.55 -7.54 -3.42
CA LEU A 53 2.02 -6.72 -4.51
C LEU A 53 0.88 -5.80 -4.00
N ALA A 54 -0.02 -6.30 -3.15
CA ALA A 54 -1.08 -5.54 -2.46
C ALA A 54 -0.52 -4.36 -1.65
N LYS A 55 0.36 -4.63 -0.67
CA LYS A 55 1.22 -3.64 -0.02
C LYS A 55 2.08 -2.88 -1.01
N ALA A 56 2.68 -3.47 -2.05
CA ALA A 56 3.51 -2.71 -2.97
C ALA A 56 2.73 -1.54 -3.57
N ARG A 57 1.52 -1.79 -4.07
CA ARG A 57 0.47 -0.81 -4.36
C ARG A 57 0.06 0.09 -3.19
N ALA A 58 -0.40 -0.45 -2.07
CA ALA A 58 -0.88 0.32 -0.91
C ALA A 58 0.18 1.31 -0.39
N ALA A 59 1.38 0.77 -0.12
CA ALA A 59 2.63 1.52 -0.11
C ALA A 59 2.74 2.55 -1.26
N GLN A 60 2.95 2.14 -2.51
CA GLN A 60 3.19 3.06 -3.65
C GLN A 60 2.23 4.25 -3.70
N SER A 61 0.93 4.02 -3.52
CA SER A 61 -0.09 5.07 -3.34
C SER A 61 0.23 6.03 -2.18
N ALA A 62 0.27 5.50 -0.94
CA ALA A 62 0.59 6.27 0.25
C ALA A 62 1.94 7.00 0.16
N LEU A 63 3.00 6.21 -0.03
CA LEU A 63 4.40 6.56 -0.20
C LEU A 63 4.57 7.74 -1.17
N ALA A 64 4.19 7.57 -2.45
CA ALA A 64 4.22 8.64 -3.44
C ALA A 64 3.43 9.88 -3.01
N THR A 65 2.21 9.73 -2.48
CA THR A 65 1.42 10.84 -1.93
C THR A 65 2.19 11.63 -0.85
N VAL A 66 2.46 11.04 0.32
CA VAL A 66 3.18 11.74 1.40
C VAL A 66 4.56 12.28 0.95
N PHE A 67 5.27 11.58 0.07
CA PHE A 67 6.53 12.05 -0.51
C PHE A 67 6.39 13.32 -1.36
N ASN A 68 5.34 13.44 -2.18
CA ASN A 68 4.90 14.72 -2.75
C ASN A 68 4.62 15.79 -1.65
N LEU A 69 4.03 15.39 -0.52
CA LEU A 69 3.88 16.23 0.68
C LEU A 69 5.14 16.37 1.54
N HIS A 70 6.23 15.76 1.10
CA HIS A 70 7.61 16.10 1.43
C HIS A 70 8.00 15.75 2.89
N LEU A 71 7.28 14.78 3.49
CA LEU A 71 7.39 14.31 4.88
C LEU A 71 7.31 12.77 5.00
N PRO A 1 17.12 3.30 -3.76
CA PRO A 1 16.40 4.58 -3.97
C PRO A 1 15.83 4.72 -5.40
N SER A 2 14.62 5.25 -5.61
CA SER A 2 13.67 5.84 -4.63
C SER A 2 13.10 4.86 -3.58
N GLY A 3 13.28 3.56 -3.79
CA GLY A 3 12.93 2.48 -2.86
C GLY A 3 13.87 1.28 -2.97
N LYS A 4 13.44 0.15 -2.41
CA LYS A 4 14.14 -1.16 -2.42
C LYS A 4 13.12 -2.31 -2.54
N ASN A 5 12.05 -2.20 -1.77
CA ASN A 5 10.69 -2.65 -2.09
C ASN A 5 9.73 -1.64 -1.39
N PRO A 6 8.57 -1.26 -1.96
CA PRO A 6 7.77 -0.18 -1.40
C PRO A 6 7.02 -0.54 -0.11
N VAL A 7 6.62 -1.79 0.10
CA VAL A 7 6.28 -2.28 1.45
C VAL A 7 7.47 -2.04 2.37
N MET A 8 8.64 -2.51 1.99
CA MET A 8 9.84 -2.41 2.82
C MET A 8 10.20 -0.98 3.28
N ILE A 9 10.24 0.02 2.38
CA ILE A 9 10.35 1.42 2.79
C ILE A 9 9.17 1.85 3.66
N LEU A 10 7.93 1.59 3.26
CA LEU A 10 6.77 1.93 4.09
C LEU A 10 6.76 1.38 5.51
N ASN A 11 7.18 0.13 5.65
CA ASN A 11 7.46 -0.55 6.90
C ASN A 11 8.48 0.26 7.71
N GLU A 12 9.66 0.48 7.13
CA GLU A 12 10.77 1.23 7.72
C GLU A 12 10.39 2.67 8.15
N LEU A 13 9.93 3.51 7.23
CA LEU A 13 9.36 4.85 7.47
C LEU A 13 8.17 4.89 8.45
N ARG A 14 7.19 3.98 8.33
CA ARG A 14 5.93 3.91 9.09
C ARG A 14 5.31 5.27 9.49
N PRO A 15 4.84 6.11 8.53
CA PRO A 15 4.33 7.48 8.75
C PRO A 15 3.05 7.66 9.62
N GLY A 16 2.81 6.84 10.64
CA GLY A 16 1.61 6.86 11.49
C GLY A 16 0.37 6.18 10.86
N LEU A 17 0.58 5.46 9.75
CA LEU A 17 -0.42 4.70 9.00
C LEU A 17 -1.13 3.57 9.79
N LYS A 18 -2.25 3.11 9.23
CA LYS A 18 -2.95 1.86 9.58
C LYS A 18 -3.36 1.08 8.33
N TYR A 19 -3.23 -0.25 8.38
CA TYR A 19 -3.55 -1.14 7.28
C TYR A 19 -4.86 -1.91 7.51
N ASP A 20 -5.68 -1.97 6.47
CA ASP A 20 -6.95 -2.67 6.37
C ASP A 20 -6.85 -3.73 5.26
N PHE A 21 -7.34 -4.94 5.52
CA PHE A 21 -7.22 -6.09 4.61
C PHE A 21 -8.58 -6.52 4.04
N LEU A 22 -8.57 -6.65 2.70
CA LEU A 22 -9.68 -6.87 1.79
C LEU A 22 -9.29 -7.99 0.80
N SER A 23 -10.28 -8.71 0.33
CA SER A 23 -10.17 -9.94 -0.44
C SER A 23 -10.77 -9.85 -1.84
N GLU A 24 -9.95 -10.20 -2.83
CA GLU A 24 -10.36 -10.83 -4.09
C GLU A 24 -11.14 -9.93 -5.04
N SER A 25 -10.63 -8.70 -5.15
CA SER A 25 -11.04 -7.60 -6.03
C SER A 25 -10.76 -7.79 -7.53
N GLY A 26 -10.12 -8.89 -7.94
CA GLY A 26 -9.28 -8.94 -9.15
C GLY A 26 -9.56 -10.07 -10.14
N GLU A 27 -10.77 -10.63 -10.19
CA GLU A 27 -11.11 -11.75 -11.08
C GLU A 27 -11.02 -11.40 -12.58
N SER A 28 -11.13 -10.11 -12.92
CA SER A 28 -10.87 -9.52 -14.25
C SER A 28 -9.39 -9.54 -14.68
N HIS A 29 -8.47 -9.74 -13.73
CA HIS A 29 -7.01 -9.70 -13.89
C HIS A 29 -6.31 -10.60 -12.83
N ALA A 30 -6.77 -11.85 -12.72
CA ALA A 30 -6.50 -12.80 -11.60
C ALA A 30 -5.06 -12.71 -11.05
N LYS A 31 -4.81 -12.37 -9.78
CA LYS A 31 -5.69 -12.20 -8.60
C LYS A 31 -5.46 -10.84 -7.94
N SER A 32 -6.37 -10.42 -7.06
CA SER A 32 -6.12 -9.33 -6.12
C SER A 32 -6.57 -9.61 -4.70
N PHE A 33 -5.61 -9.85 -3.82
CA PHE A 33 -5.79 -9.65 -2.38
C PHE A 33 -5.41 -8.18 -2.20
N VAL A 34 -6.22 -7.50 -1.41
CA VAL A 34 -6.33 -6.06 -1.48
C VAL A 34 -6.03 -5.47 -0.12
N MET A 35 -5.16 -4.49 -0.15
CA MET A 35 -4.69 -3.77 1.03
C MET A 35 -5.07 -2.31 0.90
N SER A 36 -5.59 -1.75 1.99
CA SER A 36 -5.95 -0.35 2.06
C SER A 36 -5.25 0.31 3.24
N VAL A 37 -4.69 1.51 3.06
CA VAL A 37 -4.02 2.28 4.10
C VAL A 37 -4.70 3.62 4.35
N VAL A 38 -4.88 3.95 5.64
CA VAL A 38 -5.21 5.32 6.08
C VAL A 38 -3.92 5.92 6.64
N VAL A 39 -3.54 7.10 6.14
CA VAL A 39 -2.32 7.82 6.53
C VAL A 39 -2.51 9.33 6.35
N ASP A 40 -1.86 10.16 7.17
CA ASP A 40 -2.07 11.62 7.34
C ASP A 40 -3.53 12.01 7.70
N GLY A 41 -4.43 11.85 6.75
CA GLY A 41 -5.89 12.02 6.83
C GLY A 41 -6.60 11.51 5.56
N GLN A 42 -5.93 10.64 4.80
CA GLN A 42 -6.27 10.22 3.43
C GLN A 42 -6.30 8.68 3.36
N PHE A 43 -6.93 8.11 2.32
CA PHE A 43 -7.18 6.68 2.16
C PHE A 43 -6.80 6.19 0.75
N PHE A 44 -6.08 5.07 0.68
CA PHE A 44 -5.55 4.50 -0.56
C PHE A 44 -5.79 2.98 -0.61
N GLU A 45 -6.12 2.44 -1.79
CA GLU A 45 -6.41 1.02 -2.05
C GLU A 45 -5.39 0.46 -3.04
N GLY A 46 -4.88 -0.74 -2.74
CA GLY A 46 -3.85 -1.42 -3.53
C GLY A 46 -4.18 -2.89 -3.78
N SER A 47 -4.05 -3.35 -5.03
CA SER A 47 -4.64 -4.62 -5.47
C SER A 47 -3.60 -5.53 -6.14
N GLY A 48 -3.19 -6.54 -5.38
CA GLY A 48 -1.98 -7.34 -5.62
C GLY A 48 -2.16 -8.85 -5.45
N ARG A 49 -1.55 -9.68 -6.31
CA ARG A 49 -1.56 -11.16 -6.20
C ARG A 49 -1.26 -11.74 -4.81
N ASN A 50 -0.49 -11.05 -3.96
CA ASN A 50 -0.38 -11.26 -2.50
C ASN A 50 0.09 -9.94 -1.82
N LYS A 51 0.16 -9.83 -0.48
CA LYS A 51 0.58 -8.63 0.30
C LYS A 51 1.93 -8.01 -0.07
N LYS A 52 2.94 -8.77 -0.53
CA LYS A 52 4.16 -8.20 -1.16
C LYS A 52 3.91 -7.33 -2.41
N LEU A 53 2.70 -7.41 -2.96
CA LEU A 53 2.20 -6.66 -4.10
C LEU A 53 1.04 -5.73 -3.67
N ALA A 54 0.02 -6.23 -2.97
CA ALA A 54 -1.10 -5.45 -2.45
C ALA A 54 -0.65 -4.28 -1.56
N LYS A 55 0.19 -4.57 -0.55
CA LYS A 55 0.89 -3.56 0.24
C LYS A 55 1.68 -2.66 -0.68
N ALA A 56 2.47 -3.17 -1.64
CA ALA A 56 3.25 -2.34 -2.56
C ALA A 56 2.43 -1.31 -3.32
N ARG A 57 1.31 -1.71 -3.94
CA ARG A 57 0.34 -0.81 -4.58
C ARG A 57 -0.17 0.28 -3.61
N ALA A 58 -0.82 -0.15 -2.52
CA ALA A 58 -1.40 0.74 -1.51
C ALA A 58 -0.37 1.72 -0.94
N ALA A 59 0.77 1.16 -0.50
CA ALA A 59 1.96 1.86 -0.08
C ALA A 59 2.43 2.88 -1.10
N GLN A 60 2.88 2.46 -2.28
CA GLN A 60 3.46 3.34 -3.29
C GLN A 60 2.51 4.51 -3.68
N SER A 61 1.20 4.26 -3.78
CA SER A 61 0.18 5.31 -3.87
C SER A 61 0.24 6.32 -2.70
N ALA A 62 0.07 5.81 -1.47
CA ALA A 62 0.13 6.57 -0.23
C ALA A 62 1.44 7.36 -0.08
N LEU A 63 2.59 6.68 -0.14
CA LEU A 63 3.96 7.20 -0.18
C LEU A 63 4.08 8.38 -1.12
N ALA A 64 3.81 8.20 -2.42
CA ALA A 64 3.90 9.29 -3.39
C ALA A 64 3.07 10.50 -2.92
N THR A 65 1.81 10.28 -2.55
CA THR A 65 0.93 11.31 -1.95
C THR A 65 1.53 11.99 -0.71
N VAL A 66 1.57 11.31 0.44
CA VAL A 66 2.06 11.87 1.71
C VAL A 66 3.48 12.46 1.64
N PHE A 67 4.44 11.77 1.02
CA PHE A 67 5.78 12.31 0.75
C PHE A 67 5.78 13.63 -0.04
N ASN A 68 5.06 13.73 -1.17
CA ASN A 68 4.83 15.03 -1.87
C ASN A 68 4.20 16.12 -0.97
N LEU A 69 3.28 15.73 -0.08
CA LEU A 69 2.78 16.59 1.00
C LEU A 69 3.91 17.03 1.97
N HIS A 70 4.82 16.10 2.27
CA HIS A 70 6.04 16.17 3.11
C HIS A 70 5.80 15.62 4.53
N LEU A 71 5.13 14.46 4.63
CA LEU A 71 4.79 13.72 5.87
C LEU A 71 5.20 12.24 5.74
N PRO A 1 13.06 -6.03 -5.41
CA PRO A 1 13.16 -7.34 -4.69
C PRO A 1 12.83 -7.21 -3.19
N SER A 2 13.81 -6.88 -2.33
CA SER A 2 13.67 -6.87 -0.85
C SER A 2 14.40 -5.68 -0.20
N GLY A 3 15.72 -5.56 -0.39
CA GLY A 3 16.53 -4.38 -0.04
C GLY A 3 16.17 -3.12 -0.84
N LYS A 4 15.45 -3.30 -1.96
CA LYS A 4 14.75 -2.28 -2.75
C LYS A 4 13.33 -2.78 -3.05
N ASN A 5 12.36 -2.38 -2.22
CA ASN A 5 10.96 -2.82 -2.28
C ASN A 5 10.06 -1.72 -1.67
N PRO A 6 8.95 -1.31 -2.31
CA PRO A 6 8.16 -0.19 -1.80
C PRO A 6 7.47 -0.47 -0.47
N VAL A 7 7.02 -1.72 -0.25
CA VAL A 7 6.44 -2.13 1.03
C VAL A 7 7.44 -1.83 2.13
N MET A 8 8.67 -2.27 1.97
CA MET A 8 9.74 -2.12 2.95
C MET A 8 9.99 -0.66 3.37
N ILE A 9 10.11 0.26 2.41
CA ILE A 9 10.24 1.71 2.66
C ILE A 9 9.06 2.23 3.49
N LEU A 10 7.84 2.04 2.98
CA LEU A 10 6.59 2.48 3.62
C LEU A 10 6.47 1.90 5.04
N ASN A 11 6.75 0.62 5.15
CA ASN A 11 6.77 -0.17 6.39
C ASN A 11 7.68 0.43 7.45
N GLU A 12 8.96 0.58 7.09
CA GLU A 12 9.99 1.22 7.89
C GLU A 12 9.63 2.65 8.33
N LEU A 13 9.27 3.51 7.36
CA LEU A 13 8.84 4.90 7.59
C LEU A 13 7.67 5.04 8.57
N ARG A 14 6.73 4.06 8.55
CA ARG A 14 5.53 3.97 9.42
C ARG A 14 4.86 5.32 9.77
N PRO A 15 4.49 6.17 8.78
CA PRO A 15 4.07 7.57 8.98
C PRO A 15 2.67 7.76 9.61
N GLY A 16 2.44 7.20 10.82
CA GLY A 16 1.19 7.31 11.59
C GLY A 16 0.01 6.51 11.03
N LEU A 17 0.28 5.52 10.16
CA LEU A 17 -0.72 4.77 9.42
C LEU A 17 -1.39 3.62 10.20
N LYS A 18 -2.40 3.02 9.54
CA LYS A 18 -2.93 1.67 9.77
C LYS A 18 -3.14 0.95 8.45
N TYR A 19 -2.86 -0.35 8.44
CA TYR A 19 -3.14 -1.23 7.32
C TYR A 19 -4.38 -2.09 7.63
N ASP A 20 -5.30 -2.08 6.67
CA ASP A 20 -6.55 -2.81 6.63
C ASP A 20 -6.45 -3.89 5.54
N PHE A 21 -6.88 -5.11 5.85
CA PHE A 21 -6.79 -6.27 4.96
C PHE A 21 -8.15 -6.69 4.41
N LEU A 22 -8.19 -6.74 3.08
CA LEU A 22 -9.29 -6.96 2.16
C LEU A 22 -8.76 -7.96 1.13
N SER A 23 -9.63 -8.69 0.45
CA SER A 23 -9.26 -9.52 -0.72
C SER A 23 -10.43 -9.61 -1.68
N GLU A 24 -10.40 -8.85 -2.79
CA GLU A 24 -11.56 -8.82 -3.71
C GLU A 24 -11.41 -8.24 -5.13
N SER A 25 -10.37 -7.45 -5.42
CA SER A 25 -10.21 -6.65 -6.66
C SER A 25 -9.89 -7.45 -7.95
N GLY A 26 -10.42 -8.67 -8.12
CA GLY A 26 -10.04 -9.54 -9.25
C GLY A 26 -10.63 -10.95 -9.31
N GLU A 27 -11.82 -11.21 -8.75
CA GLU A 27 -12.38 -12.57 -8.64
C GLU A 27 -12.61 -13.27 -10.01
N SER A 28 -12.99 -12.50 -11.04
CA SER A 28 -13.19 -12.99 -12.42
C SER A 28 -11.86 -13.32 -13.16
N HIS A 29 -10.71 -13.03 -12.53
CA HIS A 29 -9.35 -13.34 -12.99
C HIS A 29 -8.47 -13.69 -11.78
N ALA A 30 -8.94 -14.64 -10.96
CA ALA A 30 -8.51 -14.87 -9.58
C ALA A 30 -6.97 -14.93 -9.35
N LYS A 31 -6.43 -14.40 -8.25
CA LYS A 31 -7.07 -13.78 -7.07
C LYS A 31 -6.36 -12.47 -6.68
N SER A 32 -7.13 -11.43 -6.36
CA SER A 32 -6.63 -10.15 -5.86
C SER A 32 -6.86 -10.00 -4.37
N PHE A 33 -5.76 -9.72 -3.68
CA PHE A 33 -5.70 -9.43 -2.27
C PHE A 33 -5.51 -7.93 -2.20
N VAL A 34 -6.30 -7.30 -1.35
CA VAL A 34 -6.43 -5.85 -1.32
C VAL A 34 -5.97 -5.31 0.03
N MET A 35 -4.93 -4.49 -0.04
CA MET A 35 -4.42 -3.80 1.14
C MET A 35 -4.82 -2.34 1.07
N SER A 36 -5.47 -1.86 2.13
CA SER A 36 -5.91 -0.47 2.25
C SER A 36 -5.19 0.20 3.40
N VAL A 37 -4.71 1.43 3.21
CA VAL A 37 -4.02 2.21 4.25
C VAL A 37 -4.73 3.51 4.54
N VAL A 38 -4.86 3.84 5.83
CA VAL A 38 -5.16 5.21 6.27
C VAL A 38 -3.84 5.77 6.80
N VAL A 39 -3.43 6.93 6.31
CA VAL A 39 -2.15 7.59 6.60
C VAL A 39 -2.33 9.11 6.53
N ASP A 40 -1.60 9.88 7.36
CA ASP A 40 -1.64 11.35 7.47
C ASP A 40 -3.03 11.94 7.84
N GLY A 41 -3.99 11.80 6.94
CA GLY A 41 -5.43 12.07 7.09
C GLY A 41 -6.25 11.59 5.88
N GLN A 42 -5.70 10.69 5.06
CA GLN A 42 -6.17 10.26 3.74
C GLN A 42 -6.11 8.72 3.60
N PHE A 43 -6.79 8.18 2.58
CA PHE A 43 -7.07 6.74 2.44
C PHE A 43 -6.79 6.22 1.03
N PHE A 44 -6.16 5.04 0.94
CA PHE A 44 -5.72 4.40 -0.30
C PHE A 44 -6.07 2.91 -0.32
N GLU A 45 -6.15 2.32 -1.51
CA GLU A 45 -6.45 0.90 -1.79
C GLU A 45 -5.44 0.36 -2.81
N GLY A 46 -4.89 -0.82 -2.54
CA GLY A 46 -3.84 -1.46 -3.34
C GLY A 46 -4.17 -2.92 -3.65
N SER A 47 -4.39 -3.25 -4.92
CA SER A 47 -4.86 -4.57 -5.36
C SER A 47 -3.74 -5.39 -6.02
N GLY A 48 -3.30 -6.41 -5.30
CA GLY A 48 -2.15 -7.27 -5.64
C GLY A 48 -2.39 -8.75 -5.47
N ARG A 49 -1.82 -9.60 -6.34
CA ARG A 49 -1.94 -11.07 -6.25
C ARG A 49 -1.54 -11.71 -4.90
N ASN A 50 -0.80 -11.01 -4.02
CA ASN A 50 -0.78 -11.19 -2.54
C ASN A 50 -0.18 -9.92 -1.86
N LYS A 51 -0.07 -9.84 -0.52
CA LYS A 51 0.51 -8.69 0.25
C LYS A 51 1.83 -8.13 -0.28
N LYS A 52 2.78 -8.96 -0.74
CA LYS A 52 4.05 -8.51 -1.38
C LYS A 52 3.86 -7.59 -2.60
N LEU A 53 2.65 -7.58 -3.16
CA LEU A 53 2.22 -6.73 -4.28
C LEU A 53 1.06 -5.81 -3.86
N ALA A 54 0.05 -6.29 -3.13
CA ALA A 54 -1.06 -5.48 -2.60
C ALA A 54 -0.56 -4.31 -1.73
N LYS A 55 0.28 -4.61 -0.71
CA LYS A 55 1.04 -3.59 0.02
C LYS A 55 1.88 -2.75 -0.93
N ALA A 56 2.61 -3.28 -1.90
CA ALA A 56 3.43 -2.49 -2.83
C ALA A 56 2.60 -1.43 -3.57
N ARG A 57 1.44 -1.80 -4.11
CA ARG A 57 0.44 -0.91 -4.75
C ARG A 57 -0.01 0.20 -3.81
N ALA A 58 -0.60 -0.19 -2.66
CA ALA A 58 -1.06 0.72 -1.61
C ALA A 58 0.04 1.65 -1.12
N ALA A 59 1.19 1.08 -0.77
CA ALA A 59 2.45 1.75 -0.46
C ALA A 59 2.80 2.78 -1.52
N GLN A 60 2.99 2.39 -2.78
CA GLN A 60 3.41 3.32 -3.83
C GLN A 60 2.47 4.54 -3.89
N SER A 61 1.15 4.30 -3.93
CA SER A 61 0.14 5.38 -3.84
C SER A 61 0.29 6.30 -2.61
N ALA A 62 0.18 5.74 -1.40
CA ALA A 62 0.33 6.41 -0.11
C ALA A 62 1.66 7.14 0.01
N LEU A 63 2.76 6.41 -0.05
CA LEU A 63 4.14 6.85 0.09
C LEU A 63 4.46 8.01 -0.86
N ALA A 64 4.21 7.87 -2.17
CA ALA A 64 4.34 8.98 -3.12
C ALA A 64 3.50 10.20 -2.72
N THR A 65 2.22 10.01 -2.38
CA THR A 65 1.33 11.07 -1.89
C THR A 65 1.88 11.81 -0.67
N VAL A 66 2.08 11.12 0.46
CA VAL A 66 2.65 11.71 1.67
C VAL A 66 4.02 12.38 1.44
N PHE A 67 4.95 11.73 0.75
CA PHE A 67 6.23 12.33 0.35
C PHE A 67 6.10 13.63 -0.46
N ASN A 68 5.25 13.69 -1.49
CA ASN A 68 4.88 14.91 -2.21
C ASN A 68 4.31 16.03 -1.32
N LEU A 69 3.50 15.65 -0.33
CA LEU A 69 3.07 16.51 0.78
C LEU A 69 4.27 16.99 1.64
N HIS A 70 5.24 16.10 1.86
CA HIS A 70 6.54 16.22 2.55
C HIS A 70 6.52 15.68 4.00
N LEU A 71 5.82 14.55 4.22
CA LEU A 71 5.77 13.78 5.48
C LEU A 71 6.03 12.26 5.27
N PRO A 1 12.87 -0.44 -5.06
CA PRO A 1 13.72 -1.30 -5.92
C PRO A 1 15.13 -1.50 -5.37
N SER A 2 15.98 -2.23 -6.11
CA SER A 2 17.44 -2.35 -5.93
C SER A 2 17.96 -2.60 -4.50
N GLY A 3 17.16 -3.31 -3.68
CA GLY A 3 17.46 -3.59 -2.26
C GLY A 3 16.23 -3.57 -1.35
N LYS A 4 15.17 -2.84 -1.74
CA LYS A 4 13.91 -2.68 -0.97
C LYS A 4 12.69 -2.83 -1.87
N ASN A 5 11.83 -3.80 -1.56
CA ASN A 5 10.42 -3.78 -1.96
C ASN A 5 9.75 -2.50 -1.37
N PRO A 6 8.79 -1.83 -2.04
CA PRO A 6 8.17 -0.60 -1.52
C PRO A 6 7.48 -0.75 -0.16
N VAL A 7 6.88 -1.91 0.13
CA VAL A 7 6.41 -2.23 1.50
C VAL A 7 7.54 -2.10 2.50
N MET A 8 8.72 -2.61 2.19
CA MET A 8 9.88 -2.46 3.08
C MET A 8 10.19 -1.00 3.43
N ILE A 9 10.13 -0.09 2.45
CA ILE A 9 10.27 1.36 2.65
C ILE A 9 9.18 1.88 3.58
N LEU A 10 7.92 1.67 3.22
CA LEU A 10 6.81 2.06 4.09
C LEU A 10 6.85 1.49 5.49
N ASN A 11 7.26 0.24 5.61
CA ASN A 11 7.54 -0.43 6.87
C ASN A 11 8.59 0.33 7.69
N GLU A 12 9.72 0.63 7.07
CA GLU A 12 10.81 1.44 7.60
C GLU A 12 10.34 2.85 8.06
N LEU A 13 9.90 3.69 7.12
CA LEU A 13 9.34 5.03 7.37
C LEU A 13 8.15 5.08 8.35
N ARG A 14 7.19 4.14 8.23
CA ARG A 14 5.93 4.03 8.98
C ARG A 14 5.32 5.36 9.47
N PRO A 15 4.85 6.25 8.56
CA PRO A 15 4.33 7.60 8.86
C PRO A 15 3.09 7.73 9.78
N GLY A 16 2.76 6.72 10.59
CA GLY A 16 1.57 6.67 11.45
C GLY A 16 0.37 6.00 10.79
N LEU A 17 0.59 5.15 9.77
CA LEU A 17 -0.47 4.50 9.00
C LEU A 17 -0.94 3.16 9.60
N LYS A 18 -2.15 2.77 9.18
CA LYS A 18 -2.85 1.54 9.60
C LYS A 18 -3.48 0.81 8.43
N TYR A 19 -3.37 -0.51 8.43
CA TYR A 19 -3.75 -1.36 7.29
C TYR A 19 -5.07 -2.11 7.54
N ASP A 20 -5.90 -2.09 6.50
CA ASP A 20 -7.10 -2.89 6.30
C ASP A 20 -6.80 -3.99 5.25
N PHE A 21 -7.22 -5.22 5.50
CA PHE A 21 -7.09 -6.35 4.55
C PHE A 21 -8.45 -6.73 3.97
N LEU A 22 -8.51 -6.64 2.65
CA LEU A 22 -9.64 -6.84 1.76
C LEU A 22 -9.21 -7.85 0.69
N SER A 23 -10.17 -8.55 0.10
CA SER A 23 -9.96 -9.21 -1.20
C SER A 23 -10.84 -8.58 -2.29
N GLU A 24 -10.48 -8.81 -3.54
CA GLU A 24 -11.29 -8.62 -4.75
C GLU A 24 -11.10 -7.28 -5.49
N SER A 25 -10.05 -7.23 -6.32
CA SER A 25 -9.84 -6.24 -7.39
C SER A 25 -9.52 -6.96 -8.72
N GLY A 26 -10.38 -7.91 -9.10
CA GLY A 26 -10.16 -8.85 -10.22
C GLY A 26 -11.46 -9.53 -10.69
N GLU A 27 -11.40 -10.68 -11.37
CA GLU A 27 -10.21 -11.47 -11.68
C GLU A 27 -9.31 -10.85 -12.78
N SER A 28 -8.12 -11.44 -12.94
CA SER A 28 -7.15 -11.16 -14.01
C SER A 28 -6.45 -12.49 -14.39
N HIS A 29 -5.20 -12.42 -14.87
CA HIS A 29 -4.25 -13.54 -14.96
C HIS A 29 -4.04 -14.29 -13.61
N ALA A 30 -4.40 -13.67 -12.49
CA ALA A 30 -4.43 -14.21 -11.14
C ALA A 30 -5.55 -13.55 -10.30
N LYS A 31 -5.76 -14.05 -9.07
CA LYS A 31 -6.54 -13.37 -8.01
C LYS A 31 -5.89 -12.03 -7.62
N SER A 32 -6.70 -11.09 -7.15
CA SER A 32 -6.27 -9.83 -6.52
C SER A 32 -6.74 -9.78 -5.06
N PHE A 33 -5.78 -9.56 -4.16
CA PHE A 33 -5.98 -9.27 -2.75
C PHE A 33 -5.70 -7.78 -2.59
N VAL A 34 -6.56 -7.13 -1.84
CA VAL A 34 -6.59 -5.68 -1.77
C VAL A 34 -6.18 -5.24 -0.37
N MET A 35 -5.06 -4.51 -0.29
CA MET A 35 -4.62 -3.91 0.98
C MET A 35 -4.91 -2.42 0.91
N SER A 36 -5.46 -1.87 1.99
CA SER A 36 -5.88 -0.47 2.03
C SER A 36 -5.38 0.21 3.30
N VAL A 37 -4.84 1.42 3.19
CA VAL A 37 -4.19 2.14 4.29
C VAL A 37 -4.87 3.47 4.59
N VAL A 38 -5.07 3.75 5.88
CA VAL A 38 -5.47 5.08 6.39
C VAL A 38 -4.21 5.67 7.02
N VAL A 39 -3.78 6.83 6.51
CA VAL A 39 -2.38 7.29 6.64
C VAL A 39 -2.27 8.69 7.25
N ASP A 40 -3.09 9.62 6.78
CA ASP A 40 -2.90 11.07 6.95
C ASP A 40 -4.26 11.80 7.04
N GLY A 41 -5.29 11.12 7.55
CA GLY A 41 -6.70 11.48 7.38
C GLY A 41 -7.26 11.09 6.00
N GLN A 42 -6.38 10.72 5.06
CA GLN A 42 -6.70 10.20 3.74
C GLN A 42 -6.34 8.71 3.63
N PHE A 43 -6.93 8.08 2.60
CA PHE A 43 -7.07 6.64 2.45
C PHE A 43 -6.72 6.18 1.02
N PHE A 44 -6.00 5.07 0.91
CA PHE A 44 -5.47 4.52 -0.33
C PHE A 44 -5.71 3.00 -0.41
N GLU A 45 -5.87 2.45 -1.62
CA GLU A 45 -6.21 1.03 -1.86
C GLU A 45 -5.30 0.45 -2.95
N GLY A 46 -4.79 -0.77 -2.71
CA GLY A 46 -3.71 -1.39 -3.45
C GLY A 46 -4.00 -2.85 -3.79
N SER A 47 -4.09 -3.16 -5.08
CA SER A 47 -4.56 -4.46 -5.59
C SER A 47 -3.42 -5.31 -6.15
N GLY A 48 -3.04 -6.33 -5.37
CA GLY A 48 -1.90 -7.21 -5.61
C GLY A 48 -2.17 -8.70 -5.39
N ARG A 49 -1.52 -9.60 -6.14
CA ARG A 49 -1.65 -11.07 -5.98
C ARG A 49 -1.61 -11.57 -4.51
N ASN A 50 -0.74 -10.98 -3.67
CA ASN A 50 -0.77 -11.10 -2.20
C ASN A 50 -0.08 -9.87 -1.55
N LYS A 51 -0.04 -9.74 -0.21
CA LYS A 51 0.47 -8.59 0.57
C LYS A 51 1.80 -8.00 0.12
N LYS A 52 2.81 -8.81 -0.25
CA LYS A 52 4.09 -8.35 -0.84
C LYS A 52 3.97 -7.47 -2.10
N LEU A 53 2.78 -7.43 -2.71
CA LEU A 53 2.41 -6.68 -3.89
C LEU A 53 1.16 -5.80 -3.64
N ALA A 54 0.13 -6.31 -2.97
CA ALA A 54 -1.02 -5.52 -2.53
C ALA A 54 -0.62 -4.32 -1.67
N LYS A 55 0.14 -4.56 -0.58
CA LYS A 55 0.82 -3.52 0.20
C LYS A 55 1.72 -2.64 -0.67
N ALA A 56 2.45 -3.18 -1.64
CA ALA A 56 3.31 -2.40 -2.54
C ALA A 56 2.55 -1.30 -3.26
N ARG A 57 1.45 -1.64 -3.95
CA ARG A 57 0.48 -0.72 -4.56
C ARG A 57 -0.12 0.28 -3.58
N ALA A 58 -0.66 -0.18 -2.45
CA ALA A 58 -1.22 0.67 -1.39
C ALA A 58 -0.20 1.70 -0.88
N ALA A 59 0.98 1.20 -0.51
CA ALA A 59 2.15 1.97 -0.15
C ALA A 59 2.54 2.97 -1.24
N GLN A 60 2.71 2.53 -2.49
CA GLN A 60 3.10 3.35 -3.63
C GLN A 60 2.17 4.57 -3.80
N SER A 61 0.86 4.35 -3.78
CA SER A 61 -0.16 5.41 -3.75
C SER A 61 0.02 6.39 -2.57
N ALA A 62 0.03 5.84 -1.35
CA ALA A 62 0.22 6.58 -0.10
C ALA A 62 1.52 7.40 -0.11
N LEU A 63 2.69 6.74 -0.22
CA LEU A 63 4.04 7.29 -0.32
C LEU A 63 4.11 8.45 -1.30
N ALA A 64 3.74 8.23 -2.56
CA ALA A 64 3.77 9.30 -3.56
C ALA A 64 2.95 10.52 -3.08
N THR A 65 1.70 10.29 -2.63
CA THR A 65 0.85 11.33 -2.02
C THR A 65 1.52 12.03 -0.82
N VAL A 66 1.61 11.36 0.34
CA VAL A 66 2.13 11.94 1.58
C VAL A 66 3.54 12.53 1.47
N PHE A 67 4.49 11.84 0.83
CA PHE A 67 5.81 12.41 0.53
C PHE A 67 5.78 13.68 -0.34
N ASN A 68 4.99 13.73 -1.43
CA ASN A 68 4.71 14.98 -2.17
C ASN A 68 4.14 16.12 -1.30
N LEU A 69 3.27 15.79 -0.35
CA LEU A 69 2.82 16.67 0.74
C LEU A 69 4.00 17.14 1.62
N HIS A 70 4.93 16.21 1.89
CA HIS A 70 6.19 16.30 2.64
C HIS A 70 6.07 15.77 4.09
N LEU A 71 5.39 14.62 4.25
CA LEU A 71 5.27 13.86 5.51
C LEU A 71 5.62 12.37 5.28
N PRO A 1 10.41 10.37 2.28
CA PRO A 1 11.83 10.31 2.68
C PRO A 1 12.65 9.28 1.89
N SER A 2 12.97 9.59 0.63
CA SER A 2 13.68 8.73 -0.34
C SER A 2 12.99 7.36 -0.55
N GLY A 3 13.67 6.38 -1.17
CA GLY A 3 13.03 5.11 -1.56
C GLY A 3 13.97 4.00 -2.06
N LYS A 4 13.43 2.92 -2.68
CA LYS A 4 12.03 2.80 -3.19
C LYS A 4 11.37 1.41 -3.06
N ASN A 5 12.01 0.40 -2.46
CA ASN A 5 11.41 -0.92 -2.19
C ASN A 5 10.11 -0.78 -1.36
N PRO A 6 8.90 -0.88 -1.95
CA PRO A 6 7.83 0.01 -1.51
C PRO A 6 7.14 -0.41 -0.21
N VAL A 7 6.80 -1.70 -0.05
CA VAL A 7 6.25 -2.20 1.22
C VAL A 7 7.22 -1.87 2.34
N MET A 8 8.47 -2.26 2.13
CA MET A 8 9.60 -2.10 3.03
C MET A 8 9.89 -0.67 3.49
N ILE A 9 10.07 0.28 2.57
CA ILE A 9 10.19 1.69 2.92
C ILE A 9 8.97 2.23 3.65
N LEU A 10 7.73 2.05 3.14
CA LEU A 10 6.53 2.53 3.84
C LEU A 10 6.39 2.02 5.28
N ASN A 11 6.62 0.72 5.44
CA ASN A 11 6.81 0.00 6.70
C ASN A 11 7.79 0.71 7.63
N GLU A 12 9.05 0.85 7.20
CA GLU A 12 10.11 1.57 7.89
C GLU A 12 9.81 3.05 8.22
N LEU A 13 9.30 3.83 7.26
CA LEU A 13 8.81 5.21 7.47
C LEU A 13 7.72 5.33 8.56
N ARG A 14 6.92 4.27 8.78
CA ARG A 14 5.90 4.15 9.84
C ARG A 14 5.14 5.45 10.24
N PRO A 15 4.40 6.12 9.31
CA PRO A 15 3.69 7.40 9.56
C PRO A 15 2.60 7.46 10.67
N GLY A 16 2.58 6.58 11.67
CA GLY A 16 1.45 6.41 12.60
C GLY A 16 0.23 5.74 11.95
N LEU A 17 0.48 4.99 10.88
CA LEU A 17 -0.51 4.38 9.98
C LEU A 17 -1.34 3.24 10.60
N LYS A 18 -2.34 2.78 9.85
CA LYS A 18 -2.98 1.46 9.99
C LYS A 18 -3.20 0.78 8.64
N TYR A 19 -2.87 -0.50 8.55
CA TYR A 19 -3.12 -1.37 7.41
C TYR A 19 -4.29 -2.31 7.69
N ASP A 20 -5.18 -2.46 6.72
CA ASP A 20 -6.37 -3.30 6.77
C ASP A 20 -6.46 -4.19 5.52
N PHE A 21 -6.77 -5.47 5.72
CA PHE A 21 -6.66 -6.52 4.69
C PHE A 21 -8.04 -6.98 4.19
N LEU A 22 -8.14 -6.96 2.87
CA LEU A 22 -9.31 -7.18 2.02
C LEU A 22 -8.88 -8.17 0.93
N SER A 23 -9.80 -8.96 0.40
CA SER A 23 -9.61 -9.62 -0.90
C SER A 23 -10.86 -9.45 -1.76
N GLU A 24 -10.81 -8.55 -2.76
CA GLU A 24 -11.99 -8.18 -3.53
C GLU A 24 -11.83 -7.54 -4.94
N SER A 25 -10.63 -7.10 -5.37
CA SER A 25 -10.42 -6.43 -6.67
C SER A 25 -10.40 -7.41 -7.88
N GLY A 26 -11.15 -8.51 -7.78
CA GLY A 26 -11.17 -9.60 -8.77
C GLY A 26 -12.24 -10.66 -8.55
N GLU A 27 -13.24 -10.41 -7.68
CA GLU A 27 -14.04 -11.45 -7.01
C GLU A 27 -14.66 -12.50 -7.95
N SER A 28 -15.14 -12.06 -9.11
CA SER A 28 -15.84 -12.91 -10.10
C SER A 28 -14.92 -13.72 -11.03
N HIS A 29 -13.59 -13.48 -11.04
CA HIS A 29 -12.69 -13.97 -12.11
C HIS A 29 -11.21 -14.22 -11.72
N ALA A 30 -10.66 -13.53 -10.72
CA ALA A 30 -9.23 -13.58 -10.36
C ALA A 30 -8.93 -13.50 -8.84
N LYS A 31 -9.92 -13.22 -8.00
CA LYS A 31 -9.85 -13.02 -6.53
C LYS A 31 -8.57 -12.28 -6.09
N SER A 32 -8.61 -10.95 -6.11
CA SER A 32 -7.42 -10.08 -6.00
C SER A 32 -7.35 -9.48 -4.61
N PHE A 33 -6.17 -9.47 -4.01
CA PHE A 33 -6.03 -9.25 -2.58
C PHE A 33 -5.71 -7.78 -2.44
N VAL A 34 -6.57 -7.11 -1.69
CA VAL A 34 -6.59 -5.67 -1.60
C VAL A 34 -6.11 -5.23 -0.22
N MET A 35 -5.09 -4.39 -0.19
CA MET A 35 -4.63 -3.76 1.04
C MET A 35 -5.08 -2.32 1.05
N SER A 36 -5.79 -1.96 2.12
CA SER A 36 -6.25 -0.60 2.35
C SER A 36 -5.51 -0.02 3.56
N VAL A 37 -5.01 1.21 3.43
CA VAL A 37 -4.15 1.85 4.44
C VAL A 37 -4.57 3.29 4.71
N VAL A 38 -4.64 3.69 5.97
CA VAL A 38 -4.74 5.12 6.37
C VAL A 38 -3.36 5.52 6.88
N VAL A 39 -2.74 6.53 6.24
CA VAL A 39 -1.26 6.74 6.34
C VAL A 39 -0.83 8.19 6.60
N ASP A 40 -1.77 9.14 6.65
CA ASP A 40 -1.47 10.58 6.76
C ASP A 40 -2.60 11.43 7.38
N GLY A 41 -3.84 10.91 7.37
CA GLY A 41 -5.04 11.70 7.15
C GLY A 41 -5.67 11.38 5.78
N GLN A 42 -4.88 10.79 4.87
CA GLN A 42 -5.32 10.22 3.60
C GLN A 42 -5.37 8.68 3.67
N PHE A 43 -6.09 8.10 2.72
CA PHE A 43 -6.40 6.66 2.61
C PHE A 43 -6.17 6.16 1.18
N PHE A 44 -5.60 4.95 1.05
CA PHE A 44 -5.24 4.31 -0.21
C PHE A 44 -5.67 2.85 -0.25
N GLU A 45 -5.78 2.30 -1.47
CA GLU A 45 -6.11 0.90 -1.76
C GLU A 45 -5.17 0.37 -2.85
N GLY A 46 -4.64 -0.83 -2.64
CA GLY A 46 -3.67 -1.49 -3.52
C GLY A 46 -4.07 -2.93 -3.81
N SER A 47 -4.26 -3.27 -5.08
CA SER A 47 -4.78 -4.58 -5.53
C SER A 47 -3.67 -5.45 -6.12
N GLY A 48 -3.34 -6.51 -5.40
CA GLY A 48 -2.16 -7.36 -5.61
C GLY A 48 -2.44 -8.85 -5.52
N ARG A 49 -1.61 -9.67 -6.17
CA ARG A 49 -1.69 -11.15 -6.07
C ARG A 49 -1.63 -11.66 -4.61
N ASN A 50 -0.80 -11.06 -3.76
CA ASN A 50 -0.90 -11.09 -2.29
C ASN A 50 -0.30 -9.79 -1.71
N LYS A 51 -0.23 -9.61 -0.38
CA LYS A 51 0.39 -8.48 0.36
C LYS A 51 1.75 -8.02 -0.17
N LYS A 52 2.58 -8.94 -0.66
CA LYS A 52 3.83 -8.66 -1.42
C LYS A 52 3.70 -7.62 -2.53
N LEU A 53 2.51 -7.52 -3.12
CA LEU A 53 2.14 -6.65 -4.23
C LEU A 53 0.98 -5.72 -3.84
N ALA A 54 -0.03 -6.21 -3.11
CA ALA A 54 -1.12 -5.40 -2.56
C ALA A 54 -0.62 -4.24 -1.67
N LYS A 55 0.25 -4.54 -0.69
CA LYS A 55 1.04 -3.54 0.04
C LYS A 55 1.85 -2.68 -0.94
N ALA A 56 2.58 -3.25 -1.90
CA ALA A 56 3.43 -2.50 -2.82
C ALA A 56 2.67 -1.40 -3.57
N ARG A 57 1.50 -1.72 -4.16
CA ARG A 57 0.49 -0.84 -4.75
C ARG A 57 -0.01 0.24 -3.78
N ALA A 58 -0.59 -0.16 -2.65
CA ALA A 58 -1.09 0.77 -1.63
C ALA A 58 0.00 1.75 -1.14
N ALA A 59 1.16 1.19 -0.79
CA ALA A 59 2.40 1.88 -0.47
C ALA A 59 2.83 2.82 -1.60
N GLN A 60 2.91 2.37 -2.85
CA GLN A 60 3.29 3.18 -4.01
C GLN A 60 2.41 4.42 -4.15
N SER A 61 1.09 4.25 -4.05
CA SER A 61 0.10 5.34 -3.98
C SER A 61 0.40 6.32 -2.84
N ALA A 62 0.50 5.79 -1.61
CA ALA A 62 0.83 6.54 -0.40
C ALA A 62 2.14 7.32 -0.54
N LEU A 63 3.24 6.65 -0.83
CA LEU A 63 4.59 7.16 -1.07
C LEU A 63 4.58 8.31 -2.07
N ALA A 64 4.01 8.11 -3.26
CA ALA A 64 3.91 9.17 -4.25
C ALA A 64 3.20 10.41 -3.66
N THR A 65 2.04 10.21 -3.02
CA THR A 65 1.34 11.27 -2.26
C THR A 65 2.19 11.95 -1.16
N VAL A 66 2.43 11.26 -0.03
CA VAL A 66 3.18 11.81 1.10
C VAL A 66 4.59 12.32 0.76
N PHE A 67 5.32 11.67 -0.14
CA PHE A 67 6.59 12.21 -0.64
C PHE A 67 6.45 13.46 -1.53
N ASN A 68 5.39 13.61 -2.33
CA ASN A 68 5.00 14.94 -2.84
C ASN A 68 4.77 15.96 -1.72
N LEU A 69 4.23 15.56 -0.56
CA LEU A 69 4.20 16.45 0.62
C LEU A 69 5.61 16.79 1.16
N HIS A 70 6.50 15.79 1.33
CA HIS A 70 7.95 16.03 1.24
C HIS A 70 8.84 14.79 0.93
N LEU A 71 9.84 15.01 0.06
CA LEU A 71 10.70 14.02 -0.61
C LEU A 71 11.28 12.94 0.31
N PRO A 1 14.52 5.67 5.15
CA PRO A 1 14.64 6.48 3.92
C PRO A 1 14.24 5.74 2.63
N SER A 2 13.61 6.48 1.71
CA SER A 2 13.18 6.02 0.37
C SER A 2 14.30 5.41 -0.49
N GLY A 3 13.94 4.65 -1.52
CA GLY A 3 14.89 4.07 -2.50
C GLY A 3 15.03 2.54 -2.45
N LYS A 4 14.05 1.82 -1.90
CA LYS A 4 14.01 0.36 -1.73
C LYS A 4 12.61 -0.20 -2.08
N ASN A 5 12.36 -1.49 -1.85
CA ASN A 5 11.03 -2.12 -1.99
C ASN A 5 9.93 -1.28 -1.31
N PRO A 6 8.77 -1.02 -1.94
CA PRO A 6 7.82 -0.03 -1.43
C PRO A 6 7.10 -0.49 -0.16
N VAL A 7 6.77 -1.78 -0.01
CA VAL A 7 6.26 -2.31 1.26
C VAL A 7 7.25 -1.97 2.36
N MET A 8 8.50 -2.36 2.14
CA MET A 8 9.61 -2.13 3.04
C MET A 8 9.84 -0.67 3.46
N ILE A 9 10.02 0.29 2.53
CA ILE A 9 10.12 1.71 2.90
C ILE A 9 8.90 2.26 3.66
N LEU A 10 7.68 2.00 3.18
CA LEU A 10 6.46 2.39 3.91
C LEU A 10 6.40 1.84 5.34
N ASN A 11 6.71 0.56 5.46
CA ASN A 11 6.87 -0.17 6.71
C ASN A 11 7.90 0.48 7.64
N GLU A 12 9.11 0.69 7.14
CA GLU A 12 10.24 1.37 7.79
C GLU A 12 9.88 2.79 8.28
N LEU A 13 9.51 3.70 7.37
CA LEU A 13 9.06 5.06 7.69
C LEU A 13 7.88 5.13 8.68
N ARG A 14 6.94 4.16 8.61
CA ARG A 14 5.70 4.07 9.40
C ARG A 14 5.01 5.43 9.69
N PRO A 15 4.61 6.23 8.66
CA PRO A 15 4.03 7.57 8.83
C PRO A 15 2.61 7.60 9.46
N GLY A 16 2.50 7.20 10.73
CA GLY A 16 1.29 7.29 11.56
C GLY A 16 0.13 6.42 11.09
N LEU A 17 0.40 5.29 10.43
CA LEU A 17 -0.57 4.55 9.63
C LEU A 17 -1.11 3.26 10.27
N LYS A 18 -2.19 2.75 9.68
CA LYS A 18 -2.74 1.40 9.88
C LYS A 18 -3.12 0.74 8.56
N TYR A 19 -2.95 -0.58 8.50
CA TYR A 19 -3.28 -1.38 7.33
C TYR A 19 -4.58 -2.16 7.55
N ASP A 20 -5.49 -2.04 6.60
CA ASP A 20 -6.74 -2.81 6.50
C ASP A 20 -6.59 -3.85 5.38
N PHE A 21 -7.00 -5.10 5.63
CA PHE A 21 -6.91 -6.19 4.66
C PHE A 21 -8.29 -6.64 4.22
N LEU A 22 -8.44 -6.63 2.90
CA LEU A 22 -9.63 -6.87 2.10
C LEU A 22 -9.21 -7.90 1.02
N SER A 23 -10.14 -8.66 0.47
CA SER A 23 -9.89 -9.40 -0.77
C SER A 23 -11.05 -9.23 -1.72
N GLU A 24 -10.77 -8.61 -2.88
CA GLU A 24 -11.76 -7.70 -3.50
C GLU A 24 -11.58 -7.56 -5.02
N SER A 25 -10.36 -7.27 -5.45
CA SER A 25 -9.98 -7.07 -6.86
C SER A 25 -9.78 -8.40 -7.60
N GLY A 26 -9.42 -8.36 -8.90
CA GLY A 26 -8.59 -9.40 -9.53
C GLY A 26 -9.14 -10.11 -10.76
N GLU A 27 -10.45 -10.30 -10.86
CA GLU A 27 -11.15 -11.14 -11.85
C GLU A 27 -10.90 -10.77 -13.34
N SER A 28 -10.16 -9.69 -13.61
CA SER A 28 -9.33 -9.51 -14.82
C SER A 28 -8.56 -10.77 -15.27
N HIS A 29 -8.15 -11.62 -14.32
CA HIS A 29 -7.47 -12.90 -14.54
C HIS A 29 -7.76 -13.92 -13.42
N ALA A 30 -7.66 -13.51 -12.15
CA ALA A 30 -7.92 -14.32 -10.95
C ALA A 30 -8.00 -13.43 -9.70
N LYS A 31 -8.73 -13.86 -8.66
CA LYS A 31 -8.95 -13.09 -7.42
C LYS A 31 -7.68 -12.45 -6.86
N SER A 32 -7.78 -11.18 -6.49
CA SER A 32 -6.71 -10.34 -5.98
C SER A 32 -7.05 -9.76 -4.62
N PHE A 33 -6.03 -9.75 -3.77
CA PHE A 33 -6.17 -9.44 -2.37
C PHE A 33 -5.77 -7.98 -2.25
N VAL A 34 -6.57 -7.24 -1.51
CA VAL A 34 -6.45 -5.80 -1.46
C VAL A 34 -6.01 -5.35 -0.08
N MET A 35 -4.95 -4.57 -0.09
CA MET A 35 -4.47 -3.90 1.11
C MET A 35 -4.85 -2.44 1.01
N SER A 36 -5.37 -1.86 2.08
CA SER A 36 -5.62 -0.43 2.17
C SER A 36 -4.88 0.17 3.36
N VAL A 37 -4.22 1.32 3.19
CA VAL A 37 -3.61 2.08 4.29
C VAL A 37 -4.37 3.36 4.57
N VAL A 38 -4.60 3.63 5.86
CA VAL A 38 -4.93 4.98 6.35
C VAL A 38 -3.62 5.52 6.93
N VAL A 39 -3.17 6.66 6.39
CA VAL A 39 -1.84 7.25 6.57
C VAL A 39 -1.96 8.77 6.55
N ASP A 40 -1.19 9.50 7.37
CA ASP A 40 -1.25 10.96 7.57
C ASP A 40 -2.63 11.48 8.04
N GLY A 41 -3.64 11.38 7.19
CA GLY A 41 -5.08 11.58 7.43
C GLY A 41 -5.96 11.13 6.24
N GLN A 42 -5.41 10.31 5.33
CA GLN A 42 -5.94 9.95 4.02
C GLN A 42 -5.82 8.43 3.76
N PHE A 43 -6.52 7.91 2.74
CA PHE A 43 -6.82 6.48 2.58
C PHE A 43 -6.58 6.00 1.14
N PHE A 44 -5.81 4.91 0.99
CA PHE A 44 -5.36 4.36 -0.31
C PHE A 44 -5.55 2.85 -0.40
N GLU A 45 -6.05 2.37 -1.56
CA GLU A 45 -6.31 0.96 -1.89
C GLU A 45 -5.23 0.45 -2.84
N GLY A 46 -4.71 -0.74 -2.55
CA GLY A 46 -3.69 -1.42 -3.34
C GLY A 46 -4.04 -2.87 -3.61
N SER A 47 -4.30 -3.20 -4.87
CA SER A 47 -4.81 -4.52 -5.27
C SER A 47 -3.71 -5.37 -5.92
N GLY A 48 -3.41 -6.49 -5.26
CA GLY A 48 -2.23 -7.32 -5.51
C GLY A 48 -2.48 -8.82 -5.58
N ARG A 49 -1.72 -9.51 -6.42
CA ARG A 49 -1.62 -10.98 -6.45
C ARG A 49 -1.44 -11.65 -5.07
N ASN A 50 -0.71 -11.00 -4.16
CA ASN A 50 -0.69 -11.24 -2.70
C ASN A 50 -0.17 -9.96 -1.99
N LYS A 51 -0.08 -9.90 -0.65
CA LYS A 51 0.47 -8.78 0.16
C LYS A 51 1.82 -8.25 -0.32
N LYS A 52 2.72 -9.08 -0.82
CA LYS A 52 3.98 -8.67 -1.49
C LYS A 52 3.82 -7.69 -2.66
N LEU A 53 2.60 -7.57 -3.19
CA LEU A 53 2.20 -6.68 -4.26
C LEU A 53 1.04 -5.77 -3.81
N ALA A 54 0.03 -6.27 -3.11
CA ALA A 54 -1.09 -5.49 -2.56
C ALA A 54 -0.60 -4.34 -1.65
N LYS A 55 0.26 -4.69 -0.66
CA LYS A 55 1.00 -3.72 0.13
C LYS A 55 1.81 -2.79 -0.76
N ALA A 56 2.56 -3.29 -1.74
CA ALA A 56 3.37 -2.48 -2.65
C ALA A 56 2.55 -1.40 -3.38
N ARG A 57 1.40 -1.78 -3.93
CA ARG A 57 0.40 -0.90 -4.56
C ARG A 57 -0.08 0.20 -3.60
N ALA A 58 -0.65 -0.20 -2.46
CA ALA A 58 -1.12 0.71 -1.41
C ALA A 58 -0.01 1.65 -0.92
N ALA A 59 1.15 1.07 -0.60
CA ALA A 59 2.39 1.74 -0.25
C ALA A 59 2.82 2.76 -1.31
N GLN A 60 3.02 2.39 -2.57
CA GLN A 60 3.44 3.30 -3.63
C GLN A 60 2.47 4.49 -3.78
N SER A 61 1.16 4.23 -3.76
CA SER A 61 0.12 5.27 -3.74
C SER A 61 0.29 6.27 -2.58
N ALA A 62 0.36 5.74 -1.36
CA ALA A 62 0.64 6.49 -0.13
C ALA A 62 1.96 7.27 -0.22
N LEU A 63 3.08 6.60 -0.50
CA LEU A 63 4.43 7.13 -0.70
C LEU A 63 4.43 8.32 -1.64
N ALA A 64 3.91 8.16 -2.86
CA ALA A 64 3.81 9.25 -3.82
C ALA A 64 3.06 10.44 -3.20
N THR A 65 1.86 10.21 -2.64
CA THR A 65 1.07 11.24 -1.94
C THR A 65 1.81 11.93 -0.78
N VAL A 66 2.03 11.21 0.33
CA VAL A 66 2.73 11.76 1.50
C VAL A 66 4.10 12.32 1.15
N PHE A 67 4.99 11.61 0.47
CA PHE A 67 6.25 12.20 0.04
C PHE A 67 6.12 13.47 -0.80
N ASN A 68 5.09 13.61 -1.65
CA ASN A 68 4.72 14.93 -2.19
C ASN A 68 4.43 16.02 -1.15
N LEU A 69 3.79 15.68 -0.02
CA LEU A 69 3.79 16.55 1.18
C LEU A 69 5.20 16.88 1.70
N HIS A 70 6.06 15.87 1.87
CA HIS A 70 7.14 16.01 2.85
C HIS A 70 8.28 14.97 2.73
N LEU A 71 9.34 15.13 3.55
CA LEU A 71 10.31 14.08 3.93
C LEU A 71 10.61 14.12 5.45
N PRO A 1 5.06 -7.62 -11.50
CA PRO A 1 6.14 -6.93 -10.76
C PRO A 1 6.19 -7.37 -9.29
N SER A 2 7.32 -7.12 -8.60
CA SER A 2 7.52 -7.40 -7.17
C SER A 2 8.61 -6.50 -6.57
N GLY A 3 8.48 -6.02 -5.32
CA GLY A 3 7.29 -6.15 -4.47
C GLY A 3 7.53 -5.81 -3.00
N LYS A 4 8.43 -6.53 -2.34
CA LYS A 4 8.80 -6.32 -0.91
C LYS A 4 9.31 -4.89 -0.65
N ASN A 5 10.21 -4.37 -1.51
CA ASN A 5 10.91 -3.11 -1.26
C ASN A 5 10.01 -1.89 -1.00
N PRO A 6 8.97 -1.58 -1.81
CA PRO A 6 8.11 -0.42 -1.54
C PRO A 6 7.32 -0.55 -0.24
N VAL A 7 6.79 -1.74 0.07
CA VAL A 7 6.17 -2.00 1.38
C VAL A 7 7.15 -1.65 2.47
N MET A 8 8.36 -2.17 2.36
CA MET A 8 9.41 -2.01 3.34
C MET A 8 9.74 -0.55 3.68
N ILE A 9 10.08 0.30 2.70
CA ILE A 9 10.24 1.74 2.95
C ILE A 9 9.01 2.41 3.57
N LEU A 10 7.80 2.19 3.03
CA LEU A 10 6.54 2.74 3.59
C LEU A 10 6.36 2.35 5.06
N ASN A 11 6.50 1.05 5.30
CA ASN A 11 6.43 0.42 6.61
C ASN A 11 7.42 1.01 7.61
N GLU A 12 8.69 1.05 7.23
CA GLU A 12 9.78 1.65 7.99
C GLU A 12 9.62 3.16 8.27
N LEU A 13 9.22 3.94 7.27
CA LEU A 13 8.83 5.36 7.41
C LEU A 13 7.71 5.58 8.44
N ARG A 14 6.70 4.68 8.47
CA ARG A 14 5.52 4.68 9.37
C ARG A 14 4.99 6.05 9.83
N PRO A 15 4.56 6.95 8.92
CA PRO A 15 4.16 8.32 9.30
C PRO A 15 3.11 8.42 10.42
N GLY A 16 2.13 7.51 10.40
CA GLY A 16 1.19 7.26 11.50
C GLY A 16 0.28 6.05 11.23
N LEU A 17 0.82 5.02 10.56
CA LEU A 17 0.00 4.10 9.77
C LEU A 17 -0.77 3.02 10.55
N LYS A 18 -1.90 2.61 9.96
CA LYS A 18 -2.61 1.34 10.18
C LYS A 18 -3.07 0.69 8.87
N TYR A 19 -2.87 -0.62 8.75
CA TYR A 19 -3.19 -1.40 7.55
C TYR A 19 -4.46 -2.28 7.73
N ASP A 20 -5.30 -2.26 6.71
CA ASP A 20 -6.52 -3.07 6.52
C ASP A 20 -6.30 -4.13 5.43
N PHE A 21 -6.74 -5.37 5.67
CA PHE A 21 -6.78 -6.45 4.68
C PHE A 21 -8.22 -6.71 4.19
N LEU A 22 -8.37 -6.68 2.87
CA LEU A 22 -9.58 -6.76 2.06
C LEU A 22 -9.28 -7.74 0.92
N SER A 23 -10.25 -8.55 0.49
CA SER A 23 -10.27 -8.95 -0.93
C SER A 23 -10.73 -7.80 -1.84
N GLU A 24 -10.72 -7.99 -3.17
CA GLU A 24 -11.96 -7.90 -4.00
C GLU A 24 -11.82 -7.11 -5.31
N SER A 25 -10.67 -6.47 -5.54
CA SER A 25 -10.32 -5.98 -6.89
C SER A 25 -10.24 -7.14 -7.89
N GLY A 26 -10.46 -6.86 -9.18
CA GLY A 26 -10.40 -7.85 -10.26
C GLY A 26 -10.05 -7.25 -11.61
N GLU A 27 -9.65 -8.12 -12.53
CA GLU A 27 -8.74 -7.79 -13.65
C GLU A 27 -9.24 -8.41 -14.97
N SER A 28 -10.55 -8.30 -15.22
CA SER A 28 -11.34 -8.86 -16.35
C SER A 28 -11.43 -10.40 -16.43
N HIS A 29 -10.39 -11.12 -16.00
CA HIS A 29 -10.34 -12.60 -15.98
C HIS A 29 -9.49 -13.15 -14.81
N ALA A 30 -9.14 -12.31 -13.82
CA ALA A 30 -8.40 -12.69 -12.62
C ALA A 30 -8.84 -11.83 -11.41
N LYS A 31 -8.37 -12.18 -10.20
CA LYS A 31 -8.75 -11.55 -8.93
C LYS A 31 -7.55 -11.16 -8.08
N SER A 32 -7.71 -10.07 -7.33
CA SER A 32 -6.72 -9.35 -6.54
C SER A 32 -7.16 -9.16 -5.10
N PHE A 33 -6.17 -9.18 -4.21
CA PHE A 33 -6.36 -9.04 -2.78
C PHE A 33 -5.92 -7.62 -2.49
N VAL A 34 -6.72 -6.94 -1.69
CA VAL A 34 -6.70 -5.49 -1.60
C VAL A 34 -6.21 -5.09 -0.22
N MET A 35 -5.07 -4.42 -0.21
CA MET A 35 -4.47 -3.90 0.99
C MET A 35 -4.69 -2.40 1.03
N SER A 36 -5.32 -1.93 2.09
CA SER A 36 -5.74 -0.53 2.19
C SER A 36 -5.24 0.07 3.51
N VAL A 37 -4.69 1.28 3.48
CA VAL A 37 -3.87 1.81 4.59
C VAL A 37 -4.28 3.24 4.89
N VAL A 38 -4.42 3.58 6.18
CA VAL A 38 -4.57 4.97 6.61
C VAL A 38 -3.20 5.30 7.19
N VAL A 39 -2.41 6.07 6.44
CA VAL A 39 -0.93 5.99 6.56
C VAL A 39 -0.31 7.10 7.41
N ASP A 40 -1.13 8.11 7.70
CA ASP A 40 -0.75 9.48 8.10
C ASP A 40 -1.95 10.28 8.64
N GLY A 41 -3.12 10.06 8.03
CA GLY A 41 -4.29 10.94 8.10
C GLY A 41 -5.12 10.81 6.80
N GLN A 42 -4.48 10.41 5.69
CA GLN A 42 -5.14 10.07 4.42
C GLN A 42 -5.11 8.53 4.22
N PHE A 43 -5.96 8.06 3.30
CA PHE A 43 -6.28 6.65 3.08
C PHE A 43 -6.06 6.23 1.63
N PHE A 44 -5.51 5.02 1.46
CA PHE A 44 -5.05 4.45 0.18
C PHE A 44 -5.49 2.99 0.02
N GLU A 45 -5.56 2.49 -1.21
CA GLU A 45 -5.98 1.11 -1.56
C GLU A 45 -5.09 0.56 -2.69
N GLY A 46 -4.61 -0.68 -2.51
CA GLY A 46 -3.63 -1.35 -3.39
C GLY A 46 -4.04 -2.78 -3.71
N SER A 47 -4.24 -3.09 -4.99
CA SER A 47 -4.79 -4.36 -5.46
C SER A 47 -3.73 -5.28 -6.07
N GLY A 48 -3.36 -6.31 -5.31
CA GLY A 48 -2.30 -7.26 -5.65
C GLY A 48 -2.63 -8.73 -5.39
N ARG A 49 -2.26 -9.64 -6.30
CA ARG A 49 -2.50 -11.09 -6.16
C ARG A 49 -1.90 -11.78 -4.91
N ASN A 50 -0.99 -11.12 -4.17
CA ASN A 50 -0.73 -11.39 -2.74
C ASN A 50 -0.13 -10.15 -2.04
N LYS A 51 0.13 -10.19 -0.72
CA LYS A 51 0.54 -9.02 0.10
C LYS A 51 1.69 -8.22 -0.49
N LYS A 52 2.79 -8.89 -0.86
CA LYS A 52 3.98 -8.31 -1.50
C LYS A 52 3.74 -7.57 -2.82
N LEU A 53 2.52 -7.63 -3.36
CA LEU A 53 2.06 -6.85 -4.51
C LEU A 53 0.94 -5.88 -4.09
N ALA A 54 -0.04 -6.33 -3.29
CA ALA A 54 -1.10 -5.51 -2.72
C ALA A 54 -0.58 -4.31 -1.91
N LYS A 55 0.22 -4.57 -0.86
CA LYS A 55 1.07 -3.59 -0.17
C LYS A 55 2.02 -2.88 -1.12
N ALA A 56 2.63 -3.49 -2.15
CA ALA A 56 3.52 -2.75 -3.06
C ALA A 56 2.81 -1.55 -3.69
N ARG A 57 1.66 -1.81 -4.32
CA ARG A 57 0.67 -0.87 -4.85
C ARG A 57 0.14 0.12 -3.81
N ALA A 58 -0.40 -0.38 -2.69
CA ALA A 58 -0.90 0.43 -1.57
C ALA A 58 0.18 1.38 -1.06
N ALA A 59 1.32 0.82 -0.65
CA ALA A 59 2.56 1.56 -0.40
C ALA A 59 2.88 2.59 -1.47
N GLN A 60 3.09 2.19 -2.73
CA GLN A 60 3.43 3.07 -3.85
C GLN A 60 2.49 4.28 -3.93
N SER A 61 1.17 4.07 -3.94
CA SER A 61 0.14 5.12 -3.85
C SER A 61 0.29 6.04 -2.63
N ALA A 62 0.27 5.47 -1.42
CA ALA A 62 0.43 6.14 -0.13
C ALA A 62 1.71 6.95 -0.06
N LEU A 63 2.84 6.25 -0.13
CA LEU A 63 4.21 6.74 -0.08
C LEU A 63 4.45 7.89 -1.05
N ALA A 64 4.15 7.71 -2.34
CA ALA A 64 4.22 8.79 -3.33
C ALA A 64 3.37 10.01 -2.91
N THR A 65 2.10 9.80 -2.53
CA THR A 65 1.23 10.88 -2.02
C THR A 65 1.82 11.62 -0.81
N VAL A 66 2.08 10.94 0.31
CA VAL A 66 2.70 11.59 1.49
C VAL A 66 4.01 12.29 1.16
N PHE A 67 4.94 11.66 0.44
CA PHE A 67 6.19 12.28 -0.02
C PHE A 67 5.99 13.56 -0.86
N ASN A 68 5.07 13.53 -1.84
CA ASN A 68 4.66 14.69 -2.64
C ASN A 68 4.14 15.84 -1.75
N LEU A 69 3.39 15.51 -0.69
CA LEU A 69 3.05 16.40 0.41
C LEU A 69 4.34 16.94 1.09
N HIS A 70 5.17 16.07 1.68
CA HIS A 70 6.62 16.27 1.92
C HIS A 70 7.33 15.00 2.42
N LEU A 71 8.67 15.02 2.34
CA LEU A 71 9.60 14.02 2.92
C LEU A 71 10.56 14.73 3.91
#